data_2RT6
#
_entry.id   2RT6
#
_entity_poly.entity_id   1
_entity_poly.type   'polypeptide(L)'
_entity_poly.pdbx_seq_one_letter_code
;MKTALLLEKLEGQLATLRQRCAPVSQFATLSARFDRHLFQTRATTLQACLDEAGDNLAALRHAVEQQQLPQVAWLAEHLA
AQLEAIAREASAWSLREW
;
_entity_poly.pdbx_strand_id   A
#
# COMPACT_ATOMS: atom_id res chain seq x y z
N MET A 1 18.94 -1.82 15.49
CA MET A 1 17.58 -1.90 16.07
C MET A 1 16.71 -0.74 15.61
N LYS A 2 15.42 -0.81 15.92
CA LYS A 2 14.48 0.24 15.54
C LYS A 2 14.24 0.24 14.03
N THR A 3 15.30 0.58 13.29
CA THR A 3 15.22 0.63 11.83
C THR A 3 14.78 -0.72 11.26
N ALA A 4 15.07 -1.79 11.98
CA ALA A 4 14.70 -3.13 11.54
C ALA A 4 13.24 -3.43 11.84
N LEU A 5 12.69 -2.76 12.84
CA LEU A 5 11.29 -2.95 13.22
C LEU A 5 10.35 -2.40 12.16
N LEU A 6 10.59 -1.15 11.77
CA LEU A 6 9.75 -0.50 10.77
C LEU A 6 9.69 -1.31 9.48
N LEU A 7 10.77 -2.05 9.20
CA LEU A 7 10.84 -2.87 8.01
C LEU A 7 9.92 -4.08 8.12
N GLU A 8 9.92 -4.72 9.28
CA GLU A 8 9.09 -5.89 9.53
C GLU A 8 7.62 -5.51 9.56
N LYS A 9 7.32 -4.32 10.08
CA LYS A 9 5.95 -3.84 10.16
C LYS A 9 5.41 -3.50 8.78
N LEU A 10 6.20 -2.77 7.99
CA LEU A 10 5.80 -2.38 6.65
C LEU A 10 5.53 -3.60 5.78
N GLU A 11 6.49 -4.53 5.76
CA GLU A 11 6.34 -5.75 4.97
C GLU A 11 5.32 -6.69 5.59
N GLY A 12 5.31 -6.76 6.92
CA GLY A 12 4.38 -7.63 7.60
C GLY A 12 2.93 -7.21 7.40
N GLN A 13 2.67 -5.92 7.58
CA GLN A 13 1.31 -5.39 7.41
C GLN A 13 0.88 -5.49 5.95
N LEU A 14 1.78 -5.18 5.03
CA LEU A 14 1.48 -5.24 3.61
C LEU A 14 1.07 -6.65 3.19
N ALA A 15 1.70 -7.65 3.79
CA ALA A 15 1.39 -9.05 3.48
C ALA A 15 0.06 -9.45 4.10
N THR A 16 -0.13 -9.11 5.36
CA THR A 16 -1.37 -9.46 6.07
C THR A 16 -2.57 -8.77 5.42
N LEU A 17 -2.46 -7.46 5.22
CA LEU A 17 -3.54 -6.69 4.61
C LEU A 17 -3.86 -7.22 3.21
N ARG A 18 -2.82 -7.48 2.43
CA ARG A 18 -3.00 -7.99 1.07
C ARG A 18 -3.68 -9.35 1.08
N GLN A 19 -3.46 -10.11 2.14
CA GLN A 19 -4.06 -11.43 2.27
C GLN A 19 -5.54 -11.34 2.64
N ARG A 20 -5.84 -10.52 3.64
CA ARG A 20 -7.21 -10.34 4.09
C ARG A 20 -8.02 -9.56 3.07
N CYS A 21 -7.36 -8.63 2.38
CA CYS A 21 -8.03 -7.82 1.37
C CYS A 21 -7.76 -8.36 -0.04
N ALA A 22 -7.26 -9.58 -0.12
CA ALA A 22 -6.96 -10.20 -1.41
C ALA A 22 -8.22 -10.33 -2.26
N PRO A 23 -9.22 -11.09 -1.77
CA PRO A 23 -10.47 -11.30 -2.49
C PRO A 23 -11.40 -10.08 -2.43
N VAL A 24 -10.91 -8.94 -2.93
CA VAL A 24 -11.69 -7.71 -2.93
C VAL A 24 -11.94 -7.19 -4.35
N SER A 25 -11.24 -7.77 -5.32
CA SER A 25 -11.39 -7.35 -6.71
C SER A 25 -12.83 -7.54 -7.19
N GLN A 26 -13.58 -8.41 -6.52
CA GLN A 26 -14.96 -8.68 -6.89
C GLN A 26 -15.87 -7.50 -6.55
N PHE A 27 -15.66 -6.91 -5.38
CA PHE A 27 -16.45 -5.78 -4.94
C PHE A 27 -15.58 -4.57 -4.62
N ALA A 28 -14.41 -4.50 -5.27
CA ALA A 28 -13.48 -3.40 -5.05
C ALA A 28 -14.12 -2.07 -5.41
N THR A 29 -14.15 -1.16 -4.44
CA THR A 29 -14.73 0.17 -4.65
C THR A 29 -14.04 1.21 -3.79
N LEU A 30 -13.56 2.28 -4.42
CA LEU A 30 -12.88 3.34 -3.71
C LEU A 30 -13.81 4.53 -3.49
N SER A 31 -13.78 5.09 -2.28
CA SER A 31 -14.62 6.22 -1.93
C SER A 31 -14.32 7.41 -2.84
N ALA A 32 -15.09 8.49 -2.67
CA ALA A 32 -14.90 9.69 -3.48
C ALA A 32 -13.90 10.65 -2.84
N ARG A 33 -13.33 10.25 -1.69
CA ARG A 33 -12.36 11.08 -0.99
C ARG A 33 -10.93 10.66 -1.33
N PHE A 34 -10.77 9.99 -2.47
CA PHE A 34 -9.46 9.53 -2.91
C PHE A 34 -8.54 10.72 -3.17
N ASP A 35 -7.25 10.54 -2.87
CA ASP A 35 -6.26 11.59 -3.08
C ASP A 35 -5.16 11.12 -4.03
N ARG A 36 -4.88 11.92 -5.04
CA ARG A 36 -3.84 11.59 -6.02
C ARG A 36 -2.46 11.55 -5.38
N HIS A 37 -2.32 12.24 -4.25
CA HIS A 37 -1.04 12.29 -3.54
C HIS A 37 -0.79 11.00 -2.78
N LEU A 38 -1.81 10.49 -2.09
CA LEU A 38 -1.69 9.26 -1.33
C LEU A 38 -1.91 8.04 -2.21
N PHE A 39 -2.74 8.19 -3.24
CA PHE A 39 -3.03 7.09 -4.15
C PHE A 39 -2.52 7.41 -5.55
N GLN A 40 -2.19 6.37 -6.31
CA GLN A 40 -1.69 6.53 -7.67
C GLN A 40 -2.83 6.86 -8.63
N THR A 41 -2.48 7.21 -9.86
CA THR A 41 -3.47 7.55 -10.88
C THR A 41 -4.33 6.34 -11.21
N ARG A 42 -3.72 5.17 -11.21
CA ARG A 42 -4.44 3.93 -11.51
C ARG A 42 -5.33 3.51 -10.35
N ALA A 43 -5.03 4.01 -9.16
CA ALA A 43 -5.80 3.69 -7.97
C ALA A 43 -7.26 4.11 -8.13
N THR A 44 -8.06 3.24 -8.71
CA THR A 44 -9.48 3.52 -8.93
C THR A 44 -10.35 2.65 -8.03
N THR A 45 -9.84 1.47 -7.67
CA THR A 45 -10.59 0.56 -6.81
C THR A 45 -9.67 -0.10 -5.79
N LEU A 46 -10.25 -0.87 -4.89
CA LEU A 46 -9.48 -1.56 -3.85
C LEU A 46 -8.39 -2.42 -4.45
N GLN A 47 -8.78 -3.33 -5.35
CA GLN A 47 -7.83 -4.22 -6.00
C GLN A 47 -6.74 -3.43 -6.72
N ALA A 48 -7.13 -2.30 -7.29
CA ALA A 48 -6.18 -1.45 -8.01
C ALA A 48 -5.16 -0.84 -7.06
N CYS A 49 -5.60 -0.52 -5.84
CA CYS A 49 -4.73 0.06 -4.84
C CYS A 49 -3.67 -0.94 -4.38
N LEU A 50 -4.12 -2.14 -4.05
CA LEU A 50 -3.22 -3.20 -3.60
C LEU A 50 -2.25 -3.58 -4.72
N ASP A 51 -2.76 -3.65 -5.94
CA ASP A 51 -1.93 -4.01 -7.09
C ASP A 51 -0.85 -2.97 -7.32
N GLU A 52 -1.25 -1.70 -7.34
CA GLU A 52 -0.30 -0.61 -7.54
C GLU A 52 0.78 -0.61 -6.46
N ALA A 53 0.37 -0.85 -5.22
CA ALA A 53 1.29 -0.90 -4.10
C ALA A 53 2.29 -2.03 -4.27
N GLY A 54 1.81 -3.17 -4.76
CA GLY A 54 2.69 -4.31 -4.97
C GLY A 54 3.76 -4.04 -6.00
N ASP A 55 3.40 -3.32 -7.04
CA ASP A 55 4.34 -2.99 -8.11
C ASP A 55 5.36 -1.95 -7.62
N ASN A 56 4.93 -1.08 -6.71
CA ASN A 56 5.81 -0.05 -6.17
C ASN A 56 6.88 -0.67 -5.29
N LEU A 57 6.45 -1.46 -4.30
CA LEU A 57 7.37 -2.11 -3.38
C LEU A 57 8.32 -3.03 -4.14
N ALA A 58 7.81 -3.70 -5.16
CA ALA A 58 8.61 -4.61 -5.97
C ALA A 58 9.77 -3.87 -6.62
N ALA A 59 9.47 -2.81 -7.35
CA ALA A 59 10.48 -2.02 -8.03
C ALA A 59 11.44 -1.39 -7.02
N LEU A 60 10.89 -0.99 -5.88
CA LEU A 60 11.70 -0.37 -4.82
C LEU A 60 12.70 -1.37 -4.26
N ARG A 61 12.32 -2.64 -4.25
CA ARG A 61 13.19 -3.70 -3.74
C ARG A 61 14.35 -3.95 -4.70
N HIS A 62 14.04 -4.02 -5.99
CA HIS A 62 15.07 -4.26 -7.01
C HIS A 62 15.88 -3.00 -7.28
N ALA A 63 15.26 -1.85 -7.06
CA ALA A 63 15.94 -0.57 -7.30
C ALA A 63 17.21 -0.44 -6.45
N VAL A 64 17.22 -1.11 -5.30
CA VAL A 64 18.36 -1.07 -4.40
C VAL A 64 19.64 -1.50 -5.12
N GLU A 65 19.49 -2.37 -6.11
CA GLU A 65 20.64 -2.86 -6.87
C GLU A 65 21.18 -1.79 -7.80
N GLN A 66 20.31 -0.89 -8.25
CA GLN A 66 20.70 0.19 -9.14
C GLN A 66 21.08 1.45 -8.35
N GLN A 67 21.27 1.31 -7.05
CA GLN A 67 21.63 2.44 -6.20
C GLN A 67 20.64 3.59 -6.35
N GLN A 68 19.35 3.25 -6.27
CA GLN A 68 18.29 4.25 -6.40
C GLN A 68 17.80 4.70 -5.03
N LEU A 69 18.74 4.83 -4.09
CA LEU A 69 18.41 5.25 -2.73
C LEU A 69 17.61 6.56 -2.74
N PRO A 70 18.07 7.58 -3.48
CA PRO A 70 17.39 8.87 -3.56
C PRO A 70 15.92 8.72 -3.92
N GLN A 71 15.61 7.71 -4.73
CA GLN A 71 14.25 7.45 -5.16
C GLN A 71 13.45 6.76 -4.06
N VAL A 72 14.15 6.06 -3.16
CA VAL A 72 13.50 5.35 -2.07
C VAL A 72 12.69 6.32 -1.20
N ALA A 73 13.15 7.56 -1.13
CA ALA A 73 12.47 8.57 -0.33
C ALA A 73 11.03 8.79 -0.82
N TRP A 74 10.89 9.06 -2.11
CA TRP A 74 9.57 9.28 -2.70
C TRP A 74 8.74 8.01 -2.66
N LEU A 75 9.33 6.90 -3.11
CA LEU A 75 8.64 5.62 -3.13
C LEU A 75 8.22 5.21 -1.73
N ALA A 76 9.03 5.57 -0.74
CA ALA A 76 8.73 5.24 0.65
C ALA A 76 7.51 6.00 1.15
N GLU A 77 7.45 7.29 0.83
CA GLU A 77 6.34 8.13 1.24
C GLU A 77 5.03 7.64 0.63
N HIS A 78 5.08 7.32 -0.66
CA HIS A 78 3.91 6.83 -1.38
C HIS A 78 3.47 5.47 -0.84
N LEU A 79 4.42 4.55 -0.74
CA LEU A 79 4.13 3.21 -0.25
C LEU A 79 3.59 3.25 1.17
N ALA A 80 4.25 4.01 2.03
CA ALA A 80 3.85 4.14 3.42
C ALA A 80 2.43 4.73 3.52
N ALA A 81 2.19 5.78 2.74
CA ALA A 81 0.89 6.43 2.73
C ALA A 81 -0.19 5.50 2.19
N GLN A 82 0.17 4.72 1.17
CA GLN A 82 -0.77 3.79 0.57
C GLN A 82 -1.27 2.77 1.58
N LEU A 83 -0.35 2.13 2.27
CA LEU A 83 -0.70 1.14 3.28
C LEU A 83 -1.50 1.77 4.42
N GLU A 84 -1.17 3.02 4.73
CA GLU A 84 -1.86 3.74 5.80
C GLU A 84 -3.28 4.10 5.37
N ALA A 85 -3.43 4.53 4.12
CA ALA A 85 -4.74 4.91 3.60
C ALA A 85 -5.69 3.71 3.56
N ILE A 86 -5.16 2.57 3.12
CA ILE A 86 -5.95 1.34 3.04
C ILE A 86 -6.36 0.87 4.42
N ALA A 87 -5.41 0.88 5.36
CA ALA A 87 -5.67 0.45 6.72
C ALA A 87 -6.66 1.39 7.42
N ARG A 88 -6.63 2.66 7.03
CA ARG A 88 -7.53 3.65 7.62
C ARG A 88 -8.98 3.37 7.23
N GLU A 89 -9.20 3.18 5.94
CA GLU A 89 -10.55 2.89 5.44
C GLU A 89 -11.08 1.60 6.03
N ALA A 90 -10.28 0.55 6.00
CA ALA A 90 -10.67 -0.75 6.53
C ALA A 90 -10.96 -0.66 8.03
N SER A 91 -10.21 0.20 8.72
CA SER A 91 -10.39 0.38 10.15
C SER A 91 -11.74 1.02 10.46
N ALA A 92 -12.10 2.02 9.68
CA ALA A 92 -13.37 2.71 9.86
C ALA A 92 -14.54 1.75 9.70
N TRP A 93 -14.62 1.10 8.55
CA TRP A 93 -15.68 0.14 8.28
C TRP A 93 -15.66 -1.01 9.28
N SER A 94 -14.49 -1.26 9.85
CA SER A 94 -14.33 -2.34 10.83
C SER A 94 -14.50 -3.70 10.17
N LEU A 95 -13.83 -4.71 10.72
CA LEU A 95 -13.89 -6.06 10.17
C LEU A 95 -15.31 -6.62 10.33
N ARG A 96 -16.19 -6.25 9.41
CA ARG A 96 -17.57 -6.72 9.43
C ARG A 96 -18.24 -6.51 8.08
N GLU A 97 -17.45 -6.57 7.02
CA GLU A 97 -17.96 -6.40 5.66
C GLU A 97 -18.58 -5.02 5.50
N TRP A 98 -18.80 -4.62 4.25
CA TRP A 98 -19.39 -3.32 3.95
C TRP A 98 -20.80 -3.22 4.53
N MET A 1 17.09 2.79 16.98
CA MET A 1 17.64 1.41 16.90
C MET A 1 16.59 0.41 16.43
N LYS A 2 15.33 0.73 16.69
CA LYS A 2 14.22 -0.14 16.29
C LYS A 2 13.66 0.27 14.93
N THR A 3 14.55 0.56 13.99
CA THR A 3 14.13 0.97 12.65
C THR A 3 13.69 -0.23 11.82
N ALA A 4 14.10 -1.43 12.25
CA ALA A 4 13.74 -2.66 11.54
C ALA A 4 12.31 -3.09 11.86
N LEU A 5 11.81 -2.68 13.02
CA LEU A 5 10.45 -3.03 13.43
C LEU A 5 9.40 -2.28 12.61
N LEU A 6 9.57 -0.96 12.51
CA LEU A 6 8.63 -0.14 11.76
C LEU A 6 8.50 -0.61 10.31
N LEU A 7 9.65 -0.78 9.65
CA LEU A 7 9.66 -1.23 8.26
C LEU A 7 9.07 -2.63 8.13
N GLU A 8 9.41 -3.49 9.08
CA GLU A 8 8.91 -4.86 9.07
C GLU A 8 7.40 -4.90 9.27
N LYS A 9 6.88 -3.93 10.02
CA LYS A 9 5.45 -3.85 10.28
C LYS A 9 4.69 -3.38 9.04
N LEU A 10 5.31 -2.47 8.29
CA LEU A 10 4.70 -1.94 7.09
C LEU A 10 4.55 -3.02 6.02
N GLU A 11 5.62 -3.75 5.79
CA GLU A 11 5.63 -4.83 4.80
C GLU A 11 4.72 -5.98 5.23
N GLY A 12 4.76 -6.30 6.52
CA GLY A 12 3.95 -7.38 7.04
C GLY A 12 2.46 -7.10 6.90
N GLN A 13 2.08 -5.84 7.04
CA GLN A 13 0.68 -5.45 6.92
C GLN A 13 0.22 -5.47 5.48
N LEU A 14 0.99 -4.82 4.60
CA LEU A 14 0.65 -4.76 3.19
C LEU A 14 0.63 -6.16 2.57
N ALA A 15 1.52 -7.02 3.05
CA ALA A 15 1.60 -8.40 2.55
C ALA A 15 0.37 -9.20 2.94
N THR A 16 0.04 -9.18 4.23
CA THR A 16 -1.11 -9.92 4.74
C THR A 16 -2.41 -9.37 4.15
N LEU A 17 -2.58 -8.05 4.22
CA LEU A 17 -3.78 -7.41 3.68
C LEU A 17 -3.94 -7.70 2.19
N ARG A 18 -2.88 -7.45 1.43
CA ARG A 18 -2.90 -7.68 -0.01
C ARG A 18 -3.14 -9.16 -0.33
N GLN A 19 -2.76 -10.03 0.59
CA GLN A 19 -2.94 -11.46 0.40
C GLN A 19 -4.39 -11.87 0.64
N ARG A 20 -4.99 -11.34 1.69
CA ARG A 20 -6.38 -11.66 2.03
C ARG A 20 -7.34 -10.88 1.14
N CYS A 21 -6.93 -9.70 0.71
CA CYS A 21 -7.76 -8.86 -0.15
C CYS A 21 -7.42 -9.06 -1.63
N ALA A 22 -6.68 -10.12 -1.93
CA ALA A 22 -6.29 -10.41 -3.30
C ALA A 22 -7.51 -10.67 -4.17
N PRO A 23 -8.36 -11.63 -3.77
CA PRO A 23 -9.57 -11.99 -4.52
C PRO A 23 -10.76 -11.09 -4.19
N VAL A 24 -10.51 -9.78 -4.13
CA VAL A 24 -11.57 -8.82 -3.83
C VAL A 24 -11.71 -7.79 -4.94
N SER A 25 -11.24 -8.14 -6.14
CA SER A 25 -11.31 -7.23 -7.28
C SER A 25 -12.75 -7.00 -7.70
N GLN A 26 -13.60 -8.01 -7.52
CA GLN A 26 -15.01 -7.91 -7.89
C GLN A 26 -15.78 -7.07 -6.87
N PHE A 27 -15.32 -7.09 -5.63
CA PHE A 27 -15.96 -6.33 -4.56
C PHE A 27 -15.08 -5.16 -4.11
N ALA A 28 -14.23 -4.69 -5.01
CA ALA A 28 -13.33 -3.58 -4.70
C ALA A 28 -14.00 -2.25 -4.96
N THR A 29 -13.97 -1.37 -3.96
CA THR A 29 -14.58 -0.05 -4.08
C THR A 29 -13.83 0.97 -3.22
N LEU A 30 -13.40 2.05 -3.85
CA LEU A 30 -12.67 3.11 -3.16
C LEU A 30 -13.61 4.25 -2.76
N SER A 31 -13.46 4.72 -1.53
CA SER A 31 -14.29 5.82 -1.03
C SER A 31 -14.07 7.08 -1.85
N ALA A 32 -14.83 8.12 -1.54
CA ALA A 32 -14.72 9.39 -2.25
C ALA A 32 -13.64 10.28 -1.65
N ARG A 33 -12.95 9.78 -0.63
CA ARG A 33 -11.89 10.54 0.04
C ARG A 33 -10.52 10.15 -0.51
N PHE A 34 -10.50 9.59 -1.71
CA PHE A 34 -9.25 9.17 -2.34
C PHE A 34 -8.34 10.38 -2.58
N ASP A 35 -7.03 10.14 -2.53
CA ASP A 35 -6.05 11.21 -2.75
C ASP A 35 -5.14 10.85 -3.92
N ARG A 36 -5.08 11.76 -4.90
CA ARG A 36 -4.25 11.55 -6.08
C ARG A 36 -2.77 11.49 -5.69
N HIS A 37 -2.42 12.17 -4.61
CA HIS A 37 -1.04 12.20 -4.14
C HIS A 37 -0.70 10.95 -3.34
N LEU A 38 -1.68 10.45 -2.59
CA LEU A 38 -1.49 9.25 -1.78
C LEU A 38 -1.62 7.99 -2.62
N PHE A 39 -2.46 8.06 -3.64
CA PHE A 39 -2.68 6.92 -4.53
C PHE A 39 -2.19 7.22 -5.94
N GLN A 40 -1.97 6.17 -6.72
CA GLN A 40 -1.50 6.32 -8.09
C GLN A 40 -2.67 6.54 -9.05
N THR A 41 -2.36 6.89 -10.29
CA THR A 41 -3.38 7.12 -11.30
C THR A 41 -4.18 5.85 -11.60
N ARG A 42 -3.57 4.70 -11.32
CA ARG A 42 -4.23 3.43 -11.55
C ARG A 42 -4.93 2.92 -10.29
N ALA A 43 -5.22 3.83 -9.37
CA ALA A 43 -5.89 3.48 -8.12
C ALA A 43 -7.35 3.93 -8.13
N THR A 44 -8.23 3.06 -8.62
CA THR A 44 -9.65 3.37 -8.67
C THR A 44 -10.43 2.53 -7.67
N THR A 45 -9.89 1.35 -7.33
CA THR A 45 -10.54 0.46 -6.39
C THR A 45 -9.52 -0.16 -5.44
N LEU A 46 -10.01 -0.98 -4.51
CA LEU A 46 -9.14 -1.64 -3.53
C LEU A 46 -8.09 -2.49 -4.23
N GLN A 47 -8.53 -3.30 -5.19
CA GLN A 47 -7.62 -4.16 -5.93
C GLN A 47 -6.63 -3.34 -6.76
N ALA A 48 -7.07 -2.17 -7.20
CA ALA A 48 -6.22 -1.29 -7.99
C ALA A 48 -5.12 -0.69 -7.15
N CYS A 49 -5.49 -0.06 -6.04
CA CYS A 49 -4.52 0.56 -5.14
C CYS A 49 -3.58 -0.48 -4.56
N LEU A 50 -4.13 -1.65 -4.24
CA LEU A 50 -3.33 -2.74 -3.68
C LEU A 50 -2.26 -3.19 -4.67
N ASP A 51 -2.66 -3.36 -5.93
CA ASP A 51 -1.75 -3.79 -6.97
C ASP A 51 -0.63 -2.77 -7.15
N GLU A 52 -0.99 -1.50 -7.14
CA GLU A 52 -0.01 -0.42 -7.29
C GLU A 52 1.02 -0.47 -6.17
N ALA A 53 0.55 -0.77 -4.96
CA ALA A 53 1.42 -0.85 -3.79
C ALA A 53 2.44 -1.97 -3.96
N GLY A 54 1.98 -3.13 -4.42
CA GLY A 54 2.87 -4.26 -4.61
C GLY A 54 3.95 -3.97 -5.63
N ASP A 55 3.59 -3.24 -6.68
CA ASP A 55 4.55 -2.89 -7.72
C ASP A 55 5.52 -1.82 -7.23
N ASN A 56 5.04 -0.95 -6.36
CA ASN A 56 5.87 0.12 -5.80
C ASN A 56 7.00 -0.47 -4.97
N LEU A 57 6.65 -1.31 -4.00
CA LEU A 57 7.63 -1.95 -3.13
C LEU A 57 8.55 -2.86 -3.93
N ALA A 58 7.98 -3.51 -4.94
CA ALA A 58 8.75 -4.42 -5.78
C ALA A 58 9.85 -3.67 -6.52
N ALA A 59 9.47 -2.62 -7.25
CA ALA A 59 10.44 -1.82 -7.99
C ALA A 59 11.42 -1.13 -7.05
N LEU A 60 10.95 -0.81 -5.85
CA LEU A 60 11.79 -0.16 -4.86
C LEU A 60 12.89 -1.09 -4.38
N ARG A 61 12.55 -2.36 -4.20
CA ARG A 61 13.51 -3.35 -3.76
C ARG A 61 14.54 -3.64 -4.85
N HIS A 62 14.10 -3.62 -6.10
CA HIS A 62 14.98 -3.87 -7.23
C HIS A 62 15.83 -2.64 -7.54
N ALA A 63 15.31 -1.46 -7.19
CA ALA A 63 16.03 -0.21 -7.44
C ALA A 63 17.41 -0.22 -6.78
N VAL A 64 17.48 -0.82 -5.60
CA VAL A 64 18.75 -0.89 -4.87
C VAL A 64 19.84 -1.55 -5.70
N GLU A 65 19.43 -2.45 -6.59
CA GLU A 65 20.36 -3.15 -7.46
C GLU A 65 21.01 -2.20 -8.45
N GLN A 66 20.27 -1.15 -8.84
CA GLN A 66 20.78 -0.17 -9.79
C GLN A 66 21.24 1.09 -9.07
N GLN A 67 21.55 0.97 -7.78
CA GLN A 67 22.00 2.11 -7.00
C GLN A 67 20.97 3.23 -7.00
N GLN A 68 19.75 2.90 -6.60
CA GLN A 68 18.67 3.88 -6.55
C GLN A 68 18.30 4.21 -5.11
N LEU A 69 19.31 4.27 -4.25
CA LEU A 69 19.10 4.58 -2.83
C LEU A 69 18.25 5.84 -2.65
N PRO A 70 18.66 6.97 -3.26
CA PRO A 70 17.93 8.24 -3.13
C PRO A 70 16.48 8.12 -3.63
N GLN A 71 16.25 7.19 -4.54
CA GLN A 71 14.92 6.98 -5.09
C GLN A 71 14.04 6.19 -4.11
N VAL A 72 14.68 5.32 -3.32
CA VAL A 72 13.96 4.52 -2.35
C VAL A 72 13.20 5.39 -1.35
N ALA A 73 13.75 6.57 -1.07
CA ALA A 73 13.12 7.50 -0.13
C ALA A 73 11.74 7.92 -0.63
N TRP A 74 11.65 8.26 -1.90
CA TRP A 74 10.38 8.68 -2.49
C TRP A 74 9.39 7.52 -2.56
N LEU A 75 9.83 6.41 -3.16
CA LEU A 75 8.98 5.24 -3.28
C LEU A 75 8.53 4.73 -1.91
N ALA A 76 9.41 4.88 -0.92
CA ALA A 76 9.10 4.45 0.44
C ALA A 76 7.98 5.26 1.05
N GLU A 77 8.06 6.57 0.89
CA GLU A 77 7.04 7.48 1.43
C GLU A 77 5.68 7.21 0.78
N HIS A 78 5.68 7.03 -0.54
CA HIS A 78 4.46 6.78 -1.28
C HIS A 78 3.82 5.47 -0.83
N LEU A 79 4.66 4.48 -0.53
CA LEU A 79 4.18 3.17 -0.08
C LEU A 79 3.48 3.27 1.26
N ALA A 80 4.13 3.93 2.21
CA ALA A 80 3.57 4.11 3.54
C ALA A 80 2.23 4.84 3.49
N ALA A 81 2.15 5.84 2.61
CA ALA A 81 0.92 6.61 2.46
C ALA A 81 -0.22 5.75 1.93
N GLN A 82 0.06 4.98 0.89
CA GLN A 82 -0.95 4.11 0.29
C GLN A 82 -1.43 3.06 1.30
N LEU A 83 -0.48 2.45 2.00
CA LEU A 83 -0.81 1.42 2.99
C LEU A 83 -1.69 2.00 4.09
N GLU A 84 -1.31 3.17 4.60
CA GLU A 84 -2.06 3.82 5.67
C GLU A 84 -3.49 4.10 5.22
N ALA A 85 -3.64 4.55 3.98
CA ALA A 85 -4.96 4.86 3.44
C ALA A 85 -5.83 3.61 3.37
N ILE A 86 -5.25 2.51 2.89
CA ILE A 86 -5.97 1.26 2.77
C ILE A 86 -6.35 0.71 4.15
N ALA A 87 -5.41 0.78 5.08
CA ALA A 87 -5.65 0.29 6.44
C ALA A 87 -6.69 1.15 7.15
N ARG A 88 -6.67 2.45 6.86
CA ARG A 88 -7.61 3.37 7.48
C ARG A 88 -9.05 3.02 7.11
N GLU A 89 -9.31 2.91 5.81
CA GLU A 89 -10.64 2.57 5.32
C GLU A 89 -11.07 1.20 5.83
N ALA A 90 -10.16 0.24 5.80
CA ALA A 90 -10.43 -1.11 6.25
C ALA A 90 -10.78 -1.13 7.74
N SER A 91 -10.09 -0.29 8.51
CA SER A 91 -10.32 -0.20 9.94
C SER A 91 -11.60 0.56 10.24
N ALA A 92 -11.89 1.57 9.43
CA ALA A 92 -13.09 2.38 9.61
C ALA A 92 -14.35 1.53 9.46
N TRP A 93 -14.53 0.93 8.29
CA TRP A 93 -15.70 0.09 8.02
C TRP A 93 -15.72 -1.11 8.96
N SER A 94 -14.55 -1.51 9.44
CA SER A 94 -14.45 -2.65 10.36
C SER A 94 -15.01 -2.30 11.73
N LEU A 95 -16.32 -2.04 11.78
CA LEU A 95 -16.98 -1.69 13.03
C LEU A 95 -18.47 -2.03 12.96
N ARG A 96 -18.81 -2.99 12.10
CA ARG A 96 -20.20 -3.41 11.96
C ARG A 96 -20.29 -4.70 11.16
N GLU A 97 -19.27 -5.54 11.28
CA GLU A 97 -19.23 -6.81 10.56
C GLU A 97 -19.31 -6.60 9.06
N TRP A 98 -18.65 -5.55 8.58
CA TRP A 98 -18.64 -5.23 7.16
C TRP A 98 -17.28 -5.55 6.53
N MET A 1 16.84 -1.23 16.67
CA MET A 1 17.36 -1.20 15.27
C MET A 1 16.58 -0.20 14.43
N LYS A 2 15.30 -0.01 14.77
CA LYS A 2 14.44 0.92 14.04
C LYS A 2 14.13 0.39 12.64
N THR A 3 15.16 0.30 11.80
CA THR A 3 14.99 -0.19 10.44
C THR A 3 14.39 -1.59 10.44
N ALA A 4 14.68 -2.37 11.47
CA ALA A 4 14.17 -3.72 11.59
C ALA A 4 12.69 -3.73 11.92
N LEU A 5 12.24 -2.71 12.64
CA LEU A 5 10.84 -2.59 13.01
C LEU A 5 10.00 -2.10 11.84
N LEU A 6 10.48 -1.06 11.18
CA LEU A 6 9.77 -0.50 10.03
C LEU A 6 9.58 -1.54 8.93
N LEU A 7 10.65 -2.27 8.63
CA LEU A 7 10.59 -3.29 7.59
C LEU A 7 9.71 -4.46 8.03
N GLU A 8 9.75 -4.80 9.31
CA GLU A 8 8.95 -5.88 9.85
C GLU A 8 7.47 -5.49 9.90
N LYS A 9 7.20 -4.29 10.37
CA LYS A 9 5.83 -3.80 10.47
C LYS A 9 5.16 -3.76 9.10
N LEU A 10 5.83 -3.14 8.14
CA LEU A 10 5.31 -3.02 6.78
C LEU A 10 5.08 -4.40 6.17
N GLU A 11 6.08 -5.28 6.31
CA GLU A 11 5.99 -6.63 5.78
C GLU A 11 4.82 -7.39 6.40
N GLY A 12 4.62 -7.20 7.71
CA GLY A 12 3.54 -7.87 8.39
C GLY A 12 2.17 -7.38 7.95
N GLN A 13 2.02 -6.06 7.87
CA GLN A 13 0.76 -5.47 7.45
C GLN A 13 0.46 -5.77 5.98
N LEU A 14 1.47 -5.59 5.14
CA LEU A 14 1.33 -5.85 3.71
C LEU A 14 0.94 -7.30 3.45
N ALA A 15 1.61 -8.23 4.14
CA ALA A 15 1.33 -9.65 3.98
C ALA A 15 -0.12 -9.97 4.33
N THR A 16 -0.57 -9.48 5.47
CA THR A 16 -1.94 -9.71 5.91
C THR A 16 -2.93 -9.00 5.01
N LEU A 17 -2.60 -7.77 4.61
CA LEU A 17 -3.47 -6.98 3.75
C LEU A 17 -3.61 -7.63 2.38
N ARG A 18 -2.52 -8.19 1.87
CA ARG A 18 -2.53 -8.84 0.57
C ARG A 18 -3.26 -10.18 0.63
N GLN A 19 -3.19 -10.84 1.78
CA GLN A 19 -3.84 -12.13 1.96
C GLN A 19 -5.34 -11.97 2.23
N ARG A 20 -5.68 -10.99 3.06
CA ARG A 20 -7.08 -10.74 3.40
C ARG A 20 -7.78 -9.91 2.33
N CYS A 21 -7.07 -8.92 1.81
CA CYS A 21 -7.63 -8.05 0.77
C CYS A 21 -7.33 -8.59 -0.63
N ALA A 22 -6.90 -9.84 -0.71
CA ALA A 22 -6.60 -10.45 -2.00
C ALA A 22 -7.86 -10.65 -2.83
N PRO A 23 -8.82 -11.47 -2.33
CA PRO A 23 -10.07 -11.73 -3.04
C PRO A 23 -11.09 -10.61 -2.84
N VAL A 24 -10.71 -9.39 -3.18
CA VAL A 24 -11.58 -8.24 -3.03
C VAL A 24 -11.93 -7.61 -4.38
N SER A 25 -11.34 -8.14 -5.45
CA SER A 25 -11.61 -7.62 -6.79
C SER A 25 -13.09 -7.70 -7.13
N GLN A 26 -13.81 -8.57 -6.44
CA GLN A 26 -15.24 -8.75 -6.69
C GLN A 26 -16.03 -7.55 -6.17
N PHE A 27 -15.81 -7.18 -4.92
CA PHE A 27 -16.50 -6.06 -4.31
C PHE A 27 -15.55 -4.90 -4.03
N ALA A 28 -14.47 -4.83 -4.81
CA ALA A 28 -13.48 -3.77 -4.66
C ALA A 28 -14.08 -2.41 -4.99
N THR A 29 -13.95 -1.48 -4.04
CA THR A 29 -14.47 -0.13 -4.23
C THR A 29 -13.62 0.88 -3.47
N LEU A 30 -13.17 1.91 -4.18
CA LEU A 30 -12.35 2.95 -3.57
C LEU A 30 -13.21 4.08 -3.04
N SER A 31 -12.85 4.61 -1.88
CA SER A 31 -13.59 5.71 -1.26
C SER A 31 -13.50 6.97 -2.10
N ALA A 32 -14.52 7.81 -2.01
CA ALA A 32 -14.56 9.07 -2.76
C ALA A 32 -13.56 10.08 -2.21
N ARG A 33 -12.98 9.79 -1.05
CA ARG A 33 -12.01 10.68 -0.43
C ARG A 33 -10.58 10.29 -0.80
N PHE A 34 -10.43 9.55 -1.90
CA PHE A 34 -9.12 9.11 -2.35
C PHE A 34 -8.19 10.30 -2.57
N ASP A 35 -6.91 10.11 -2.26
CA ASP A 35 -5.92 11.16 -2.42
C ASP A 35 -4.85 10.76 -3.43
N ARG A 36 -4.61 11.62 -4.41
CA ARG A 36 -3.60 11.33 -5.44
C ARG A 36 -2.19 11.39 -4.85
N HIS A 37 -2.03 12.14 -3.76
CA HIS A 37 -0.74 12.26 -3.11
C HIS A 37 -0.43 11.03 -2.26
N LEU A 38 -1.47 10.39 -1.76
CA LEU A 38 -1.30 9.20 -0.93
C LEU A 38 -1.40 7.93 -1.77
N PHE A 39 -2.21 7.99 -2.82
CA PHE A 39 -2.39 6.83 -3.71
C PHE A 39 -1.98 7.18 -5.14
N GLN A 40 -1.71 6.15 -5.94
CA GLN A 40 -1.30 6.34 -7.32
C GLN A 40 -2.51 6.64 -8.20
N THR A 41 -2.24 7.08 -9.43
CA THR A 41 -3.30 7.41 -10.37
C THR A 41 -4.11 6.17 -10.74
N ARG A 42 -3.46 5.01 -10.71
CA ARG A 42 -4.12 3.76 -11.03
C ARG A 42 -5.12 3.35 -9.94
N ALA A 43 -4.93 3.89 -8.74
CA ALA A 43 -5.81 3.59 -7.61
C ALA A 43 -7.27 3.91 -7.96
N THR A 44 -7.96 2.93 -8.52
CA THR A 44 -9.36 3.10 -8.89
C THR A 44 -10.27 2.23 -8.02
N THR A 45 -9.77 1.05 -7.65
CA THR A 45 -10.53 0.12 -6.82
C THR A 45 -9.64 -0.50 -5.75
N LEU A 46 -10.26 -1.24 -4.84
CA LEU A 46 -9.53 -1.89 -3.76
C LEU A 46 -8.46 -2.84 -4.31
N GLN A 47 -8.87 -3.69 -5.25
CA GLN A 47 -7.95 -4.65 -5.85
C GLN A 47 -6.79 -3.93 -6.53
N ALA A 48 -7.09 -2.82 -7.19
CA ALA A 48 -6.07 -2.04 -7.88
C ALA A 48 -5.08 -1.44 -6.88
N CYS A 49 -5.59 -1.03 -5.72
CA CYS A 49 -4.75 -0.44 -4.70
C CYS A 49 -3.71 -1.45 -4.19
N LEU A 50 -4.17 -2.67 -3.94
CA LEU A 50 -3.28 -3.72 -3.45
C LEU A 50 -2.18 -4.01 -4.47
N ASP A 51 -2.56 -4.19 -5.73
CA ASP A 51 -1.60 -4.46 -6.79
C ASP A 51 -0.59 -3.33 -6.91
N GLU A 52 -1.07 -2.10 -6.77
CA GLU A 52 -0.20 -0.93 -6.86
C GLU A 52 0.86 -0.96 -5.76
N ALA A 53 0.46 -1.40 -4.57
CA ALA A 53 1.37 -1.50 -3.44
C ALA A 53 2.49 -2.50 -3.71
N GLY A 54 2.11 -3.66 -4.25
CA GLY A 54 3.09 -4.68 -4.56
C GLY A 54 4.12 -4.21 -5.57
N ASP A 55 3.67 -3.48 -6.57
CA ASP A 55 4.56 -2.96 -7.60
C ASP A 55 5.46 -1.86 -7.05
N ASN A 56 4.93 -1.11 -6.08
CA ASN A 56 5.68 -0.01 -5.47
C ASN A 56 6.87 -0.55 -4.69
N LEU A 57 6.60 -1.47 -3.76
CA LEU A 57 7.66 -2.07 -2.95
C LEU A 57 8.66 -2.82 -3.82
N ALA A 58 8.15 -3.48 -4.85
CA ALA A 58 9.00 -4.25 -5.76
C ALA A 58 9.94 -3.32 -6.54
N ALA A 59 9.43 -2.16 -6.91
CA ALA A 59 10.22 -1.18 -7.65
C ALA A 59 11.25 -0.51 -6.75
N LEU A 60 10.88 -0.31 -5.48
CA LEU A 60 11.76 0.33 -4.52
C LEU A 60 12.94 -0.59 -4.18
N ARG A 61 12.66 -1.88 -4.08
CA ARG A 61 13.70 -2.86 -3.77
C ARG A 61 14.65 -3.04 -4.95
N HIS A 62 14.10 -3.09 -6.15
CA HIS A 62 14.90 -3.26 -7.36
C HIS A 62 15.57 -1.95 -7.75
N ALA A 63 14.96 -0.83 -7.36
CA ALA A 63 15.50 0.49 -7.67
C ALA A 63 16.93 0.64 -7.16
N VAL A 64 17.20 0.04 -6.00
CA VAL A 64 18.54 0.12 -5.40
C VAL A 64 19.61 -0.34 -6.39
N GLU A 65 19.24 -1.25 -7.29
CA GLU A 65 20.17 -1.77 -8.28
C GLU A 65 20.47 -0.72 -9.35
N GLN A 66 19.52 0.18 -9.57
CA GLN A 66 19.67 1.23 -10.58
C GLN A 66 20.19 2.52 -9.95
N GLN A 67 20.80 2.41 -8.77
CA GLN A 67 21.33 3.57 -8.07
C GLN A 67 20.22 4.59 -7.78
N GLN A 68 19.07 4.09 -7.33
CA GLN A 68 17.94 4.95 -7.01
C GLN A 68 17.85 5.18 -5.51
N LEU A 69 19.00 5.31 -4.86
CA LEU A 69 19.06 5.53 -3.42
C LEU A 69 18.24 6.76 -3.02
N PRO A 70 18.56 7.94 -3.58
CA PRO A 70 17.85 9.18 -3.26
C PRO A 70 16.37 9.12 -3.65
N GLN A 71 16.05 8.23 -4.59
CA GLN A 71 14.67 8.08 -5.04
C GLN A 71 13.84 7.30 -4.03
N VAL A 72 14.51 6.44 -3.26
CA VAL A 72 13.84 5.63 -2.25
C VAL A 72 13.05 6.49 -1.28
N ALA A 73 13.49 7.74 -1.10
CA ALA A 73 12.81 8.66 -0.20
C ALA A 73 11.36 8.88 -0.61
N TRP A 74 11.16 9.22 -1.87
CA TRP A 74 9.81 9.46 -2.38
C TRP A 74 9.01 8.16 -2.44
N LEU A 75 9.66 7.09 -2.87
CA LEU A 75 9.01 5.78 -2.97
C LEU A 75 8.58 5.28 -1.59
N ALA A 76 9.42 5.54 -0.59
CA ALA A 76 9.13 5.11 0.78
C ALA A 76 7.91 5.84 1.34
N GLU A 77 7.88 7.16 1.16
CA GLU A 77 6.78 7.97 1.64
C GLU A 77 5.46 7.53 1.02
N HIS A 78 5.49 7.22 -0.26
CA HIS A 78 4.30 6.77 -0.98
C HIS A 78 3.84 5.40 -0.49
N LEU A 79 4.80 4.49 -0.32
CA LEU A 79 4.50 3.14 0.14
C LEU A 79 3.85 3.17 1.52
N ALA A 80 4.49 3.85 2.46
CA ALA A 80 3.97 3.96 3.82
C ALA A 80 2.58 4.58 3.84
N ALA A 81 2.44 5.71 3.14
CA ALA A 81 1.16 6.41 3.07
C ALA A 81 0.07 5.52 2.50
N GLN A 82 0.39 4.83 1.41
CA GLN A 82 -0.57 3.94 0.76
C GLN A 82 -1.01 2.83 1.71
N LEU A 83 -0.05 2.13 2.30
CA LEU A 83 -0.35 1.04 3.22
C LEU A 83 -1.16 1.55 4.42
N GLU A 84 -0.75 2.69 4.96
CA GLU A 84 -1.45 3.28 6.11
C GLU A 84 -2.88 3.64 5.75
N ALA A 85 -3.06 4.23 4.57
CA ALA A 85 -4.38 4.62 4.11
C ALA A 85 -5.29 3.41 3.95
N ILE A 86 -4.77 2.36 3.32
CA ILE A 86 -5.54 1.15 3.10
C ILE A 86 -5.93 0.50 4.41
N ALA A 87 -4.99 0.42 5.35
CA ALA A 87 -5.24 -0.18 6.65
C ALA A 87 -6.32 0.58 7.40
N ARG A 88 -6.22 1.91 7.38
CA ARG A 88 -7.19 2.76 8.07
C ARG A 88 -8.56 2.68 7.41
N GLU A 89 -8.57 2.78 6.09
CA GLU A 89 -9.81 2.72 5.33
C GLU A 89 -10.49 1.36 5.47
N ALA A 90 -9.74 0.30 5.17
CA ALA A 90 -10.27 -1.05 5.27
C ALA A 90 -10.73 -1.36 6.68
N SER A 91 -9.96 -0.90 7.66
CA SER A 91 -10.29 -1.13 9.07
C SER A 91 -11.49 -0.30 9.49
N ALA A 92 -11.64 0.86 8.87
CA ALA A 92 -12.76 1.77 9.18
C ALA A 92 -14.07 1.21 8.66
N TRP A 93 -14.14 1.00 7.34
CA TRP A 93 -15.35 0.48 6.71
C TRP A 93 -15.75 -0.87 7.31
N SER A 94 -14.76 -1.57 7.88
CA SER A 94 -15.02 -2.87 8.48
C SER A 94 -15.83 -2.73 9.76
N LEU A 95 -16.70 -3.72 10.02
CA LEU A 95 -17.53 -3.71 11.21
C LEU A 95 -18.50 -2.53 11.19
N ARG A 96 -19.26 -2.40 10.10
CA ARG A 96 -20.22 -1.31 9.97
C ARG A 96 -20.98 -1.43 8.65
N GLU A 97 -21.30 -2.66 8.27
CA GLU A 97 -22.03 -2.90 7.02
C GLU A 97 -21.28 -2.34 5.83
N TRP A 98 -20.46 -3.17 5.21
CA TRP A 98 -19.68 -2.76 4.05
C TRP A 98 -18.99 -3.95 3.39
N MET A 1 19.33 -0.74 7.38
CA MET A 1 19.56 -0.11 8.70
C MET A 1 18.29 0.53 9.24
N LYS A 2 17.67 1.39 8.42
CA LYS A 2 16.44 2.07 8.81
C LYS A 2 15.25 1.53 8.04
N THR A 3 15.31 1.61 6.72
CA THR A 3 14.24 1.13 5.86
C THR A 3 14.04 -0.38 6.04
N ALA A 4 15.14 -1.09 6.22
CA ALA A 4 15.08 -2.54 6.41
C ALA A 4 14.23 -2.92 7.61
N LEU A 5 14.43 -2.20 8.72
CA LEU A 5 13.68 -2.45 9.95
C LEU A 5 12.18 -2.27 9.72
N LEU A 6 11.84 -1.19 9.03
CA LEU A 6 10.43 -0.89 8.75
C LEU A 6 9.89 -1.81 7.65
N LEU A 7 10.78 -2.28 6.80
CA LEU A 7 10.39 -3.18 5.70
C LEU A 7 9.72 -4.44 6.23
N GLU A 8 10.32 -5.05 7.25
CA GLU A 8 9.79 -6.26 7.85
C GLU A 8 8.39 -6.02 8.41
N LYS A 9 8.18 -4.83 8.95
CA LYS A 9 6.88 -4.48 9.53
C LYS A 9 5.86 -4.14 8.43
N LEU A 10 6.31 -3.41 7.42
CA LEU A 10 5.45 -3.03 6.31
C LEU A 10 5.00 -4.25 5.52
N GLU A 11 5.95 -5.12 5.19
CA GLU A 11 5.66 -6.33 4.43
C GLU A 11 4.73 -7.25 5.22
N GLY A 12 4.97 -7.35 6.52
CA GLY A 12 4.14 -8.21 7.35
C GLY A 12 2.69 -7.75 7.39
N GLN A 13 2.48 -6.46 7.65
CA GLN A 13 1.14 -5.90 7.71
C GLN A 13 0.47 -5.95 6.34
N LEU A 14 1.21 -5.58 5.31
CA LEU A 14 0.69 -5.57 3.94
C LEU A 14 0.44 -7.00 3.46
N ALA A 15 1.21 -7.94 3.97
CA ALA A 15 1.07 -9.34 3.59
C ALA A 15 -0.25 -9.92 4.08
N THR A 16 -0.53 -9.73 5.37
CA THR A 16 -1.76 -10.23 5.98
C THR A 16 -2.98 -9.50 5.43
N LEU A 17 -2.88 -8.17 5.35
CA LEU A 17 -3.97 -7.35 4.86
C LEU A 17 -4.36 -7.74 3.43
N ARG A 18 -3.38 -7.76 2.54
CA ARG A 18 -3.63 -8.12 1.14
C ARG A 18 -4.10 -9.57 1.03
N GLN A 19 -3.64 -10.42 1.94
CA GLN A 19 -4.00 -11.83 1.94
C GLN A 19 -5.49 -12.00 2.24
N ARG A 20 -5.99 -11.25 3.22
CA ARG A 20 -7.39 -11.32 3.60
C ARG A 20 -8.27 -10.50 2.66
N CYS A 21 -7.76 -9.34 2.24
CA CYS A 21 -8.48 -8.46 1.34
C CYS A 21 -8.12 -8.74 -0.11
N ALA A 22 -7.44 -9.85 -0.36
CA ALA A 22 -7.04 -10.22 -1.71
C ALA A 22 -8.25 -10.41 -2.62
N PRO A 23 -9.17 -11.32 -2.25
CA PRO A 23 -10.37 -11.60 -3.03
C PRO A 23 -11.49 -10.60 -2.78
N VAL A 24 -11.17 -9.31 -2.90
CA VAL A 24 -12.14 -8.24 -2.68
C VAL A 24 -12.28 -7.35 -3.91
N SER A 25 -11.79 -7.83 -5.05
CA SER A 25 -11.86 -7.06 -6.29
C SER A 25 -13.30 -6.91 -6.76
N GLN A 26 -14.14 -7.89 -6.43
CA GLN A 26 -15.53 -7.85 -6.83
C GLN A 26 -16.27 -6.71 -6.16
N PHE A 27 -15.98 -6.48 -4.88
CA PHE A 27 -16.61 -5.41 -4.12
C PHE A 27 -15.61 -4.34 -3.73
N ALA A 28 -14.54 -4.21 -4.52
CA ALA A 28 -13.50 -3.23 -4.25
C ALA A 28 -13.84 -1.89 -4.90
N THR A 29 -13.90 -0.84 -4.09
CA THR A 29 -14.20 0.49 -4.60
C THR A 29 -13.52 1.57 -3.75
N LEU A 30 -13.04 2.61 -4.40
CA LEU A 30 -12.36 3.70 -3.71
C LEU A 30 -13.24 4.95 -3.68
N SER A 31 -13.41 5.52 -2.49
CA SER A 31 -14.22 6.73 -2.33
C SER A 31 -13.64 7.89 -3.13
N ALA A 32 -14.34 9.01 -3.11
CA ALA A 32 -13.89 10.21 -3.84
C ALA A 32 -12.86 11.00 -3.03
N ARG A 33 -12.51 10.50 -1.84
CA ARG A 33 -11.55 11.18 -0.98
C ARG A 33 -10.12 10.73 -1.29
N PHE A 34 -9.95 9.97 -2.36
CA PHE A 34 -8.64 9.47 -2.75
C PHE A 34 -7.72 10.61 -3.14
N ASP A 35 -6.43 10.48 -2.79
CA ASP A 35 -5.45 11.51 -3.11
C ASP A 35 -4.35 10.92 -4.00
N ARG A 36 -4.20 11.49 -5.19
CA ARG A 36 -3.19 11.02 -6.13
C ARG A 36 -1.78 11.14 -5.54
N HIS A 37 -1.64 11.99 -4.52
CA HIS A 37 -0.35 12.20 -3.88
C HIS A 37 0.04 11.00 -3.01
N LEU A 38 -0.91 10.49 -2.25
CA LEU A 38 -0.66 9.35 -1.37
C LEU A 38 -1.03 8.03 -2.03
N PHE A 39 -1.83 8.10 -3.09
CA PHE A 39 -2.25 6.91 -3.82
C PHE A 39 -1.66 6.87 -5.22
N GLN A 40 -1.62 5.68 -5.81
CA GLN A 40 -1.07 5.51 -7.15
C GLN A 40 -2.06 6.01 -8.20
N THR A 41 -1.59 6.14 -9.44
CA THR A 41 -2.43 6.60 -10.53
C THR A 41 -3.46 5.54 -10.91
N ARG A 42 -3.09 4.28 -10.75
CA ARG A 42 -3.99 3.17 -11.07
C ARG A 42 -4.95 2.87 -9.91
N ALA A 43 -4.68 3.47 -8.75
CA ALA A 43 -5.53 3.27 -7.58
C ALA A 43 -6.98 3.60 -7.88
N THR A 44 -7.74 2.61 -8.32
CA THR A 44 -9.14 2.80 -8.65
C THR A 44 -10.04 2.04 -7.68
N THR A 45 -9.55 0.88 -7.23
CA THR A 45 -10.31 0.05 -6.29
C THR A 45 -9.41 -0.47 -5.18
N LEU A 46 -10.03 -1.07 -4.16
CA LEU A 46 -9.28 -1.62 -3.03
C LEU A 46 -8.27 -2.65 -3.49
N GLN A 47 -8.73 -3.64 -4.24
CA GLN A 47 -7.86 -4.70 -4.74
C GLN A 47 -6.71 -4.11 -5.57
N ALA A 48 -7.04 -3.13 -6.41
CA ALA A 48 -6.04 -2.49 -7.24
C ALA A 48 -4.98 -1.78 -6.40
N CYS A 49 -5.42 -1.25 -5.25
CA CYS A 49 -4.52 -0.55 -4.34
C CYS A 49 -3.52 -1.52 -3.72
N LEU A 50 -4.02 -2.68 -3.29
CA LEU A 50 -3.18 -3.69 -2.67
C LEU A 50 -2.09 -4.15 -3.64
N ASP A 51 -2.48 -4.45 -4.87
CA ASP A 51 -1.54 -4.89 -5.89
C ASP A 51 -0.49 -3.82 -6.16
N GLU A 52 -0.93 -2.57 -6.15
CA GLU A 52 -0.03 -1.45 -6.39
C GLU A 52 0.99 -1.32 -5.27
N ALA A 53 0.53 -1.49 -4.03
CA ALA A 53 1.40 -1.39 -2.87
C ALA A 53 2.51 -2.43 -2.94
N GLY A 54 2.14 -3.66 -3.30
CA GLY A 54 3.12 -4.72 -3.41
C GLY A 54 4.18 -4.44 -4.45
N ASP A 55 3.74 -3.98 -5.62
CA ASP A 55 4.66 -3.67 -6.71
C ASP A 55 5.62 -2.55 -6.29
N ASN A 56 5.11 -1.59 -5.53
CA ASN A 56 5.91 -0.48 -5.06
C ASN A 56 6.99 -0.96 -4.10
N LEU A 57 6.65 -1.94 -3.26
CA LEU A 57 7.58 -2.49 -2.30
C LEU A 57 8.76 -3.14 -3.01
N ALA A 58 8.45 -3.96 -4.02
CA ALA A 58 9.49 -4.65 -4.78
C ALA A 58 10.39 -3.66 -5.50
N ALA A 59 9.80 -2.56 -5.96
CA ALA A 59 10.54 -1.53 -6.66
C ALA A 59 11.49 -0.80 -5.72
N LEU A 60 11.04 -0.58 -4.49
CA LEU A 60 11.85 0.11 -3.50
C LEU A 60 13.02 -0.75 -3.07
N ARG A 61 12.75 -2.02 -2.77
CA ARG A 61 13.79 -2.96 -2.36
C ARG A 61 14.83 -3.12 -3.46
N HIS A 62 14.38 -3.22 -4.70
CA HIS A 62 15.27 -3.38 -5.84
C HIS A 62 15.93 -2.05 -6.21
N ALA A 63 15.26 -0.95 -5.89
CA ALA A 63 15.77 0.38 -6.18
C ALA A 63 17.18 0.57 -5.62
N VAL A 64 17.47 -0.13 -4.53
CA VAL A 64 18.78 -0.03 -3.89
C VAL A 64 19.89 -0.39 -4.87
N GLU A 65 19.59 -1.26 -5.82
CA GLU A 65 20.56 -1.67 -6.82
C GLU A 65 20.90 -0.53 -7.77
N GLN A 66 19.92 0.35 -8.00
CA GLN A 66 20.12 1.48 -8.89
C GLN A 66 20.47 2.75 -8.11
N GLN A 67 20.97 2.56 -6.89
CA GLN A 67 21.35 3.69 -6.04
C GLN A 67 20.19 4.67 -5.87
N GLN A 68 19.00 4.13 -5.60
CA GLN A 68 17.81 4.96 -5.42
C GLN A 68 17.54 5.21 -3.95
N LEU A 69 18.61 5.40 -3.18
CA LEU A 69 18.49 5.65 -1.75
C LEU A 69 17.65 6.90 -1.48
N PRO A 70 17.94 8.01 -2.18
CA PRO A 70 17.20 9.27 -1.99
C PRO A 70 15.73 9.12 -2.35
N GLN A 71 15.44 8.25 -3.31
CA GLN A 71 14.06 8.01 -3.75
C GLN A 71 13.27 7.26 -2.68
N VAL A 72 13.98 6.50 -1.84
CA VAL A 72 13.34 5.74 -0.78
C VAL A 72 12.45 6.62 0.09
N ALA A 73 12.81 7.90 0.17
CA ALA A 73 12.04 8.86 0.96
C ALA A 73 10.63 9.02 0.42
N TRP A 74 10.53 9.18 -0.90
CA TRP A 74 9.24 9.35 -1.56
C TRP A 74 8.45 8.04 -1.55
N LEU A 75 9.14 6.94 -1.85
CA LEU A 75 8.51 5.63 -1.87
C LEU A 75 8.06 5.20 -0.48
N ALA A 76 8.83 5.62 0.53
CA ALA A 76 8.51 5.29 1.91
C ALA A 76 7.24 5.98 2.36
N GLU A 77 7.20 7.30 2.21
CA GLU A 77 6.02 8.08 2.60
C GLU A 77 4.79 7.63 1.82
N HIS A 78 4.99 7.24 0.56
CA HIS A 78 3.89 6.79 -0.28
C HIS A 78 3.41 5.41 0.14
N LEU A 79 4.36 4.48 0.28
CA LEU A 79 4.02 3.11 0.68
C LEU A 79 3.32 3.10 2.04
N ALA A 80 3.85 3.88 2.97
CA ALA A 80 3.28 3.95 4.31
C ALA A 80 1.84 4.47 4.28
N ALA A 81 1.65 5.60 3.59
CA ALA A 81 0.32 6.20 3.48
C ALA A 81 -0.66 5.24 2.81
N GLN A 82 -0.16 4.49 1.82
CA GLN A 82 -1.00 3.53 1.09
C GLN A 82 -1.44 2.39 2.01
N LEU A 83 -0.49 1.87 2.79
CA LEU A 83 -0.77 0.78 3.71
C LEU A 83 -1.75 1.21 4.79
N GLU A 84 -1.43 2.29 5.47
CA GLU A 84 -2.28 2.81 6.54
C GLU A 84 -3.64 3.24 6.00
N ALA A 85 -3.64 3.83 4.81
CA ALA A 85 -4.87 4.30 4.18
C ALA A 85 -5.86 3.15 4.00
N ILE A 86 -5.37 2.03 3.49
CA ILE A 86 -6.20 0.85 3.26
C ILE A 86 -6.58 0.20 4.60
N ALA A 87 -5.59 0.02 5.46
CA ALA A 87 -5.83 -0.59 6.76
C ALA A 87 -6.89 0.15 7.55
N ARG A 88 -6.74 1.46 7.66
CA ARG A 88 -7.70 2.29 8.39
C ARG A 88 -9.06 2.28 7.71
N GLU A 89 -9.06 2.26 6.38
CA GLU A 89 -10.30 2.25 5.61
C GLU A 89 -11.13 1.02 5.95
N ALA A 90 -10.56 -0.16 5.73
CA ALA A 90 -11.27 -1.40 6.01
C ALA A 90 -11.59 -1.53 7.51
N SER A 91 -10.59 -1.31 8.35
CA SER A 91 -10.77 -1.40 9.80
C SER A 91 -11.82 -0.41 10.27
N ALA A 92 -11.93 0.73 9.57
CA ALA A 92 -12.90 1.75 9.92
C ALA A 92 -14.32 1.28 9.68
N TRP A 93 -14.62 0.93 8.43
CA TRP A 93 -15.95 0.45 8.06
C TRP A 93 -16.33 -0.79 8.87
N SER A 94 -15.32 -1.54 9.29
CA SER A 94 -15.56 -2.76 10.06
C SER A 94 -16.38 -3.75 9.26
N LEU A 95 -16.93 -4.75 9.94
CA LEU A 95 -17.74 -5.78 9.28
C LEU A 95 -19.08 -5.20 8.83
N ARG A 96 -19.03 -4.25 7.91
CA ARG A 96 -20.24 -3.62 7.39
C ARG A 96 -19.88 -2.54 6.37
N GLU A 97 -19.24 -2.95 5.28
CA GLU A 97 -18.84 -2.02 4.23
C GLU A 97 -20.03 -1.23 3.71
N TRP A 98 -19.75 -0.21 2.90
CA TRP A 98 -20.80 0.62 2.34
C TRP A 98 -21.68 -0.17 1.37
N MET A 1 10.16 5.47 15.32
CA MET A 1 10.28 4.34 14.36
C MET A 1 11.56 4.46 13.53
N LYS A 2 11.84 3.41 12.75
CA LYS A 2 13.03 3.40 11.91
C LYS A 2 12.69 2.99 10.49
N THR A 3 13.61 3.23 9.57
CA THR A 3 13.40 2.88 8.16
C THR A 3 13.54 1.38 7.95
N ALA A 4 14.50 0.77 8.63
CA ALA A 4 14.73 -0.66 8.52
C ALA A 4 13.73 -1.46 9.35
N LEU A 5 13.22 -0.84 10.41
CA LEU A 5 12.25 -1.49 11.27
C LEU A 5 10.86 -1.53 10.63
N LEU A 6 10.42 -0.38 10.12
CA LEU A 6 9.10 -0.29 9.48
C LEU A 6 8.98 -1.29 8.34
N LEU A 7 10.05 -1.43 7.55
CA LEU A 7 10.05 -2.36 6.43
C LEU A 7 9.83 -3.79 6.90
N GLU A 8 10.31 -4.09 8.10
CA GLU A 8 10.17 -5.43 8.68
C GLU A 8 8.69 -5.76 8.91
N LYS A 9 7.96 -4.82 9.49
CA LYS A 9 6.54 -5.02 9.76
C LYS A 9 5.71 -4.86 8.50
N LEU A 10 6.14 -3.95 7.63
CA LEU A 10 5.43 -3.70 6.38
C LEU A 10 5.38 -4.96 5.52
N GLU A 11 6.45 -5.74 5.55
CA GLU A 11 6.52 -6.97 4.78
C GLU A 11 5.47 -7.97 5.25
N GLY A 12 5.47 -8.27 6.54
CA GLY A 12 4.51 -9.21 7.08
C GLY A 12 3.08 -8.77 6.89
N GLN A 13 2.84 -7.47 7.07
CA GLN A 13 1.50 -6.91 6.90
C GLN A 13 1.04 -7.01 5.46
N LEU A 14 1.97 -6.78 4.54
CA LEU A 14 1.66 -6.83 3.11
C LEU A 14 1.22 -8.23 2.70
N ALA A 15 1.97 -9.24 3.12
CA ALA A 15 1.67 -10.62 2.78
C ALA A 15 0.29 -11.02 3.31
N THR A 16 0.04 -10.72 4.58
CA THR A 16 -1.24 -11.05 5.20
C THR A 16 -2.39 -10.29 4.53
N LEU A 17 -2.23 -8.97 4.41
CA LEU A 17 -3.25 -8.13 3.80
C LEU A 17 -3.48 -8.54 2.34
N ARG A 18 -2.41 -8.97 1.67
CA ARG A 18 -2.51 -9.39 0.28
C ARG A 18 -3.28 -10.70 0.15
N GLN A 19 -3.09 -11.59 1.11
CA GLN A 19 -3.75 -12.89 1.09
C GLN A 19 -5.22 -12.75 1.50
N ARG A 20 -5.48 -11.86 2.47
CA ARG A 20 -6.83 -11.64 2.95
C ARG A 20 -7.60 -10.70 2.01
N CYS A 21 -6.88 -9.82 1.33
CA CYS A 21 -7.49 -8.88 0.41
C CYS A 21 -7.18 -9.24 -1.05
N ALA A 22 -6.67 -10.44 -1.27
CA ALA A 22 -6.34 -10.88 -2.62
C ALA A 22 -7.57 -10.95 -3.50
N PRO A 23 -8.55 -11.81 -3.14
CA PRO A 23 -9.79 -11.96 -3.91
C PRO A 23 -10.77 -10.83 -3.66
N VAL A 24 -10.35 -9.60 -3.97
CA VAL A 24 -11.19 -8.42 -3.77
C VAL A 24 -11.49 -7.71 -5.09
N SER A 25 -10.81 -8.12 -6.16
CA SER A 25 -11.00 -7.51 -7.47
C SER A 25 -12.46 -7.62 -7.93
N GLN A 26 -13.19 -8.58 -7.35
CA GLN A 26 -14.59 -8.78 -7.70
C GLN A 26 -15.47 -7.65 -7.19
N PHE A 27 -15.34 -7.33 -5.91
CA PHE A 27 -16.12 -6.27 -5.29
C PHE A 27 -15.23 -5.12 -4.84
N ALA A 28 -14.07 -4.98 -5.47
CA ALA A 28 -13.12 -3.92 -5.12
C ALA A 28 -13.69 -2.55 -5.46
N THR A 29 -13.75 -1.69 -4.44
CA THR A 29 -14.26 -0.34 -4.61
C THR A 29 -13.60 0.62 -3.65
N LEU A 30 -13.02 1.69 -4.19
CA LEU A 30 -12.35 2.70 -3.37
C LEU A 30 -13.23 3.92 -3.17
N SER A 31 -13.07 4.58 -2.03
CA SER A 31 -13.86 5.77 -1.71
C SER A 31 -13.51 6.92 -2.64
N ALA A 32 -14.34 7.96 -2.64
CA ALA A 32 -14.12 9.12 -3.49
C ALA A 32 -13.26 10.17 -2.79
N ARG A 33 -12.98 9.95 -1.51
CA ARG A 33 -12.17 10.90 -0.74
C ARG A 33 -10.70 10.47 -0.72
N PHE A 34 -10.31 9.66 -1.68
CA PHE A 34 -8.94 9.18 -1.78
C PHE A 34 -7.96 10.34 -1.96
N ASP A 35 -6.76 10.18 -1.42
CA ASP A 35 -5.73 11.22 -1.52
C ASP A 35 -4.62 10.79 -2.46
N ARG A 36 -4.26 11.66 -3.40
CA ARG A 36 -3.20 11.36 -4.36
C ARG A 36 -1.85 11.24 -3.65
N HIS A 37 -1.74 11.81 -2.46
CA HIS A 37 -0.50 11.77 -1.70
C HIS A 37 -0.27 10.37 -1.11
N LEU A 38 -1.31 9.81 -0.51
CA LEU A 38 -1.21 8.49 0.10
C LEU A 38 -1.47 7.39 -0.93
N PHE A 39 -2.30 7.70 -1.93
CA PHE A 39 -2.63 6.74 -2.97
C PHE A 39 -2.12 7.22 -4.32
N GLN A 40 -1.87 6.28 -5.23
CA GLN A 40 -1.38 6.61 -6.56
C GLN A 40 -2.52 7.06 -7.47
N THR A 41 -2.16 7.52 -8.67
CA THR A 41 -3.16 7.98 -9.63
C THR A 41 -3.86 6.81 -10.31
N ARG A 42 -3.19 5.66 -10.33
CA ARG A 42 -3.75 4.45 -10.95
C ARG A 42 -4.48 3.59 -9.93
N ALA A 43 -4.84 4.18 -8.80
CA ALA A 43 -5.54 3.46 -7.74
C ALA A 43 -6.96 3.97 -7.57
N THR A 44 -7.92 3.28 -8.16
CA THR A 44 -9.32 3.67 -8.07
C THR A 44 -10.17 2.57 -7.44
N THR A 45 -9.55 1.46 -7.06
CA THR A 45 -10.26 0.34 -6.45
C THR A 45 -9.35 -0.41 -5.48
N LEU A 46 -9.96 -1.31 -4.70
CA LEU A 46 -9.21 -2.09 -3.72
C LEU A 46 -8.12 -2.90 -4.40
N GLN A 47 -8.47 -3.58 -5.49
CA GLN A 47 -7.53 -4.40 -6.23
C GLN A 47 -6.39 -3.54 -6.78
N ALA A 48 -6.70 -2.29 -7.11
CA ALA A 48 -5.70 -1.37 -7.64
C ALA A 48 -4.72 -0.96 -6.56
N CYS A 49 -5.23 -0.80 -5.33
CA CYS A 49 -4.40 -0.40 -4.20
C CYS A 49 -3.35 -1.47 -3.90
N LEU A 50 -3.80 -2.70 -3.71
CA LEU A 50 -2.91 -3.82 -3.42
C LEU A 50 -1.94 -4.04 -4.57
N ASP A 51 -2.47 -4.00 -5.80
CA ASP A 51 -1.65 -4.19 -6.99
C ASP A 51 -0.61 -3.08 -7.12
N GLU A 52 -1.04 -1.84 -6.87
CA GLU A 52 -0.16 -0.69 -6.94
C GLU A 52 0.99 -0.83 -5.96
N ALA A 53 0.68 -1.27 -4.75
CA ALA A 53 1.70 -1.45 -3.71
C ALA A 53 2.73 -2.48 -4.15
N GLY A 54 2.27 -3.56 -4.76
CA GLY A 54 3.16 -4.61 -5.22
C GLY A 54 4.16 -4.09 -6.23
N ASP A 55 3.68 -3.30 -7.19
CA ASP A 55 4.55 -2.73 -8.21
C ASP A 55 5.58 -1.79 -7.60
N ASN A 56 5.16 -1.04 -6.60
CA ASN A 56 6.05 -0.10 -5.92
C ASN A 56 7.19 -0.85 -5.22
N LEU A 57 6.85 -1.97 -4.60
CA LEU A 57 7.84 -2.79 -3.91
C LEU A 57 8.90 -3.31 -4.88
N ALA A 58 8.43 -3.81 -6.03
CA ALA A 58 9.33 -4.34 -7.04
C ALA A 58 10.30 -3.27 -7.53
N ALA A 59 9.75 -2.09 -7.84
CA ALA A 59 10.56 -0.98 -8.30
C ALA A 59 11.54 -0.52 -7.23
N LEU A 60 11.14 -0.67 -5.97
CA LEU A 60 11.99 -0.28 -4.86
C LEU A 60 13.28 -1.09 -4.84
N ARG A 61 13.14 -2.42 -4.74
CA ARG A 61 14.29 -3.31 -4.72
C ARG A 61 15.10 -3.18 -6.02
N HIS A 62 14.41 -2.83 -7.09
CA HIS A 62 15.08 -2.67 -8.39
C HIS A 62 15.83 -1.34 -8.45
N ALA A 63 15.32 -0.35 -7.74
CA ALA A 63 15.94 0.97 -7.72
C ALA A 63 17.32 0.92 -7.08
N VAL A 64 17.41 0.27 -5.92
CA VAL A 64 18.67 0.14 -5.20
C VAL A 64 19.76 -0.44 -6.10
N GLU A 65 19.35 -1.23 -7.09
CA GLU A 65 20.29 -1.85 -8.02
C GLU A 65 20.83 -0.82 -9.01
N GLN A 66 20.06 0.25 -9.23
CA GLN A 66 20.46 1.29 -10.16
C GLN A 66 20.89 2.56 -9.41
N GLN A 67 21.26 2.40 -8.15
CA GLN A 67 21.69 3.53 -7.32
C GLN A 67 20.56 4.55 -7.14
N GLN A 68 19.43 4.07 -6.64
CA GLN A 68 18.28 4.94 -6.40
C GLN A 68 17.97 5.03 -4.92
N LEU A 69 19.01 5.06 -4.10
CA LEU A 69 18.86 5.13 -2.65
C LEU A 69 17.96 6.31 -2.25
N PRO A 70 18.33 7.55 -2.64
CA PRO A 70 17.55 8.74 -2.32
C PRO A 70 16.08 8.60 -2.71
N GLN A 71 15.82 7.76 -3.71
CA GLN A 71 14.45 7.54 -4.18
C GLN A 71 13.70 6.60 -3.25
N VAL A 72 14.45 5.70 -2.60
CA VAL A 72 13.84 4.74 -1.68
C VAL A 72 13.12 5.46 -0.54
N ALA A 73 13.59 6.65 -0.21
CA ALA A 73 12.99 7.43 0.87
C ALA A 73 11.53 7.75 0.56
N TRP A 74 11.27 8.23 -0.65
CA TRP A 74 9.92 8.58 -1.07
C TRP A 74 9.05 7.33 -1.19
N LEU A 75 9.58 6.32 -1.86
CA LEU A 75 8.85 5.07 -2.05
C LEU A 75 8.58 4.39 -0.71
N ALA A 76 9.50 4.54 0.22
CA ALA A 76 9.37 3.94 1.54
C ALA A 76 8.18 4.54 2.29
N GLU A 77 8.15 5.86 2.41
CA GLU A 77 7.07 6.56 3.10
C GLU A 77 5.75 6.33 2.39
N HIS A 78 5.78 6.29 1.06
CA HIS A 78 4.58 6.07 0.27
C HIS A 78 4.04 4.66 0.47
N LEU A 79 4.94 3.68 0.48
CA LEU A 79 4.56 2.29 0.67
C LEU A 79 3.93 2.09 2.04
N ALA A 80 4.57 2.62 3.07
CA ALA A 80 4.08 2.50 4.44
C ALA A 80 2.70 3.13 4.58
N ALA A 81 2.53 4.30 3.96
CA ALA A 81 1.25 5.00 4.02
C ALA A 81 0.17 4.25 3.27
N GLN A 82 0.56 3.53 2.22
CA GLN A 82 -0.39 2.76 1.42
C GLN A 82 -1.01 1.65 2.24
N LEU A 83 -0.15 0.81 2.83
CA LEU A 83 -0.62 -0.31 3.64
C LEU A 83 -1.47 0.18 4.81
N GLU A 84 -1.00 1.24 5.47
CA GLU A 84 -1.73 1.81 6.59
C GLU A 84 -3.06 2.39 6.15
N ALA A 85 -3.12 2.88 4.91
CA ALA A 85 -4.33 3.45 4.37
C ALA A 85 -5.42 2.40 4.20
N ILE A 86 -5.03 1.24 3.68
CA ILE A 86 -5.97 0.15 3.47
C ILE A 86 -6.52 -0.38 4.79
N ALA A 87 -5.61 -0.60 5.75
CA ALA A 87 -6.00 -1.09 7.06
C ALA A 87 -6.85 -0.07 7.81
N ARG A 88 -6.53 1.21 7.62
CA ARG A 88 -7.26 2.28 8.28
C ARG A 88 -8.66 2.43 7.69
N GLU A 89 -8.73 2.43 6.36
CA GLU A 89 -10.01 2.56 5.67
C GLU A 89 -10.94 1.40 6.00
N ALA A 90 -10.41 0.18 5.91
CA ALA A 90 -11.19 -1.01 6.20
C ALA A 90 -11.72 -0.99 7.64
N SER A 91 -10.87 -0.57 8.57
CA SER A 91 -11.24 -0.50 9.97
C SER A 91 -12.30 0.59 10.19
N ALA A 92 -12.23 1.64 9.38
CA ALA A 92 -13.18 2.74 9.50
C ALA A 92 -14.59 2.31 9.11
N TRP A 93 -14.71 1.73 7.92
CA TRP A 93 -16.00 1.27 7.43
C TRP A 93 -16.62 0.24 8.37
N SER A 94 -15.77 -0.44 9.14
CA SER A 94 -16.24 -1.45 10.08
C SER A 94 -17.25 -0.86 11.07
N LEU A 95 -17.21 0.45 11.24
CA LEU A 95 -18.12 1.13 12.15
C LEU A 95 -19.11 2.00 11.38
N ARG A 96 -19.88 1.36 10.50
CA ARG A 96 -20.87 2.07 9.69
C ARG A 96 -21.85 1.10 9.07
N GLU A 97 -22.12 0.00 9.75
CA GLU A 97 -23.04 -1.01 9.26
C GLU A 97 -22.61 -1.54 7.90
N TRP A 98 -21.30 -1.56 7.67
CA TRP A 98 -20.76 -2.04 6.41
C TRP A 98 -20.07 -3.40 6.59
N MET A 1 16.65 0.73 16.32
CA MET A 1 16.09 1.94 15.66
C MET A 1 16.40 1.94 14.16
N LYS A 2 16.01 0.87 13.49
CA LYS A 2 16.24 0.74 12.05
C LYS A 2 14.92 0.86 11.28
N THR A 3 15.04 1.16 9.99
CA THR A 3 13.85 1.30 9.14
C THR A 3 13.17 -0.05 8.91
N ALA A 4 13.88 -1.14 9.19
CA ALA A 4 13.34 -2.47 9.02
C ALA A 4 12.18 -2.73 9.98
N LEU A 5 12.15 -1.99 11.08
CA LEU A 5 11.09 -2.14 12.07
C LEU A 5 9.73 -1.76 11.49
N LEU A 6 9.64 -0.56 10.92
CA LEU A 6 8.39 -0.09 10.34
C LEU A 6 8.12 -0.77 9.01
N LEU A 7 9.18 -1.08 8.28
CA LEU A 7 9.05 -1.75 6.98
C LEU A 7 8.44 -3.14 7.15
N GLU A 8 8.88 -3.86 8.18
CA GLU A 8 8.39 -5.20 8.45
C GLU A 8 6.89 -5.17 8.71
N LYS A 9 6.43 -4.12 9.38
CA LYS A 9 5.01 -3.97 9.70
C LYS A 9 4.21 -3.66 8.45
N LEU A 10 4.80 -2.89 7.54
CA LEU A 10 4.13 -2.51 6.30
C LEU A 10 3.97 -3.72 5.38
N GLU A 11 5.02 -4.51 5.26
CA GLU A 11 4.99 -5.70 4.41
C GLU A 11 4.15 -6.80 5.04
N GLY A 12 4.26 -6.95 6.36
CA GLY A 12 3.50 -7.97 7.05
C GLY A 12 2.00 -7.75 6.94
N GLN A 13 1.57 -6.51 7.16
CA GLN A 13 0.15 -6.18 7.07
C GLN A 13 -0.36 -6.30 5.64
N LEU A 14 0.44 -5.83 4.69
CA LEU A 14 0.07 -5.89 3.28
C LEU A 14 -0.01 -7.33 2.81
N ALA A 15 0.90 -8.18 3.31
CA ALA A 15 0.93 -9.58 2.94
C ALA A 15 -0.36 -10.30 3.36
N THR A 16 -0.70 -10.15 4.64
CA THR A 16 -1.91 -10.78 5.16
C THR A 16 -3.16 -10.15 4.58
N LEU A 17 -3.10 -8.85 4.31
CA LEU A 17 -4.23 -8.13 3.75
C LEU A 17 -4.42 -8.47 2.28
N ARG A 18 -3.32 -8.73 1.59
CA ARG A 18 -3.36 -9.07 0.16
C ARG A 18 -3.86 -10.50 -0.04
N GLN A 19 -3.55 -11.37 0.91
CA GLN A 19 -3.96 -12.77 0.83
C GLN A 19 -5.43 -12.91 1.22
N ARG A 20 -5.85 -12.17 2.22
CA ARG A 20 -7.24 -12.21 2.69
C ARG A 20 -8.14 -11.36 1.81
N CYS A 21 -7.65 -10.18 1.42
CA CYS A 21 -8.41 -9.27 0.58
C CYS A 21 -8.09 -9.47 -0.90
N ALA A 22 -7.42 -10.57 -1.22
CA ALA A 22 -7.05 -10.87 -2.60
C ALA A 22 -8.27 -10.80 -3.52
N PRO A 23 -9.27 -11.68 -3.29
CA PRO A 23 -10.49 -11.72 -4.10
C PRO A 23 -11.45 -10.58 -3.76
N VAL A 24 -10.98 -9.35 -3.95
CA VAL A 24 -11.79 -8.17 -3.66
C VAL A 24 -12.16 -7.42 -4.93
N SER A 25 -11.42 -7.68 -6.01
CA SER A 25 -11.67 -7.02 -7.29
C SER A 25 -13.15 -7.05 -7.66
N GLN A 26 -13.86 -8.06 -7.18
CA GLN A 26 -15.29 -8.19 -7.45
C GLN A 26 -16.06 -6.97 -6.95
N PHE A 27 -15.86 -6.62 -5.69
CA PHE A 27 -16.53 -5.47 -5.09
C PHE A 27 -15.53 -4.43 -4.61
N ALA A 28 -14.36 -4.41 -5.23
CA ALA A 28 -13.32 -3.46 -4.87
C ALA A 28 -13.72 -2.03 -5.21
N THR A 29 -13.72 -1.17 -4.20
CA THR A 29 -14.10 0.23 -4.38
C THR A 29 -13.35 1.13 -3.40
N LEU A 30 -12.71 2.17 -3.92
CA LEU A 30 -11.96 3.10 -3.09
C LEU A 30 -12.80 4.34 -2.77
N SER A 31 -12.55 4.93 -1.61
CA SER A 31 -13.28 6.13 -1.19
C SER A 31 -13.14 7.25 -2.22
N ALA A 32 -14.09 8.17 -2.21
CA ALA A 32 -14.07 9.29 -3.15
C ALA A 32 -13.18 10.42 -2.65
N ARG A 33 -12.59 10.24 -1.47
CA ARG A 33 -11.71 11.25 -0.88
C ARG A 33 -10.24 10.94 -1.19
N PHE A 34 -10.01 10.15 -2.23
CA PHE A 34 -8.65 9.79 -2.61
C PHE A 34 -7.87 11.00 -3.09
N ASP A 35 -6.57 11.00 -2.83
CA ASP A 35 -5.71 12.11 -3.23
C ASP A 35 -4.59 11.61 -4.15
N ARG A 36 -4.53 12.17 -5.36
CA ARG A 36 -3.53 11.78 -6.33
C ARG A 36 -2.11 12.11 -5.83
N HIS A 37 -2.03 12.98 -4.83
CA HIS A 37 -0.74 13.39 -4.28
C HIS A 37 -0.11 12.26 -3.45
N LEU A 38 -0.96 11.45 -2.83
CA LEU A 38 -0.47 10.35 -2.00
C LEU A 38 -0.84 8.99 -2.59
N PHE A 39 -1.81 8.98 -3.50
CA PHE A 39 -2.25 7.75 -4.14
C PHE A 39 -1.90 7.74 -5.63
N GLN A 40 -1.82 6.55 -6.19
CA GLN A 40 -1.49 6.40 -7.61
C GLN A 40 -2.71 6.70 -8.48
N THR A 41 -2.45 7.09 -9.73
CA THR A 41 -3.52 7.42 -10.66
C THR A 41 -4.36 6.20 -10.98
N ARG A 42 -3.73 5.03 -11.02
CA ARG A 42 -4.43 3.78 -11.30
C ARG A 42 -5.21 3.30 -10.08
N ALA A 43 -4.82 3.77 -8.90
CA ALA A 43 -5.50 3.39 -7.66
C ALA A 43 -6.95 3.86 -7.66
N THR A 44 -7.83 3.04 -8.23
CA THR A 44 -9.25 3.37 -8.29
C THR A 44 -10.07 2.44 -7.41
N THR A 45 -9.58 1.21 -7.25
CA THR A 45 -10.28 0.22 -6.42
C THR A 45 -9.32 -0.44 -5.45
N LEU A 46 -9.87 -1.21 -4.51
CA LEU A 46 -9.07 -1.89 -3.50
C LEU A 46 -8.01 -2.79 -4.16
N GLN A 47 -8.42 -3.49 -5.21
CA GLN A 47 -7.51 -4.38 -5.94
C GLN A 47 -6.48 -3.57 -6.72
N ALA A 48 -6.90 -2.44 -7.25
CA ALA A 48 -6.01 -1.58 -8.02
C ALA A 48 -4.87 -1.05 -7.15
N CYS A 49 -5.22 -0.55 -5.97
CA CYS A 49 -4.23 -0.03 -5.03
C CYS A 49 -3.44 -1.16 -4.40
N LEU A 50 -4.12 -2.27 -4.11
CA LEU A 50 -3.47 -3.42 -3.51
C LEU A 50 -2.36 -3.96 -4.41
N ASP A 51 -2.71 -4.20 -5.67
CA ASP A 51 -1.74 -4.71 -6.64
C ASP A 51 -0.60 -3.72 -6.83
N GLU A 52 -0.94 -2.44 -6.95
CA GLU A 52 0.07 -1.39 -7.15
C GLU A 52 1.02 -1.35 -5.95
N ALA A 53 0.48 -1.59 -4.76
CA ALA A 53 1.28 -1.57 -3.54
C ALA A 53 2.32 -2.68 -3.56
N GLY A 54 1.89 -3.88 -3.96
CA GLY A 54 2.82 -5.00 -4.03
C GLY A 54 3.95 -4.75 -4.99
N ASP A 55 3.64 -4.17 -6.15
CA ASP A 55 4.65 -3.88 -7.17
C ASP A 55 5.53 -2.72 -6.72
N ASN A 56 4.97 -1.81 -5.94
CA ASN A 56 5.70 -0.66 -5.45
C ASN A 56 6.78 -1.08 -4.46
N LEU A 57 6.37 -1.80 -3.42
CA LEU A 57 7.30 -2.27 -2.40
C LEU A 57 8.34 -3.20 -3.01
N ALA A 58 7.91 -4.02 -3.97
CA ALA A 58 8.81 -4.96 -4.64
C ALA A 58 9.86 -4.21 -5.46
N ALA A 59 9.42 -3.21 -6.22
CA ALA A 59 10.31 -2.42 -7.04
C ALA A 59 11.27 -1.60 -6.19
N LEU A 60 10.79 -1.15 -5.03
CA LEU A 60 11.61 -0.36 -4.11
C LEU A 60 12.72 -1.21 -3.52
N ARG A 61 12.39 -2.44 -3.14
CA ARG A 61 13.36 -3.35 -2.55
C ARG A 61 14.47 -3.68 -3.55
N HIS A 62 14.08 -3.95 -4.79
CA HIS A 62 15.04 -4.27 -5.83
C HIS A 62 15.74 -3.02 -6.35
N ALA A 63 15.05 -1.88 -6.24
CA ALA A 63 15.61 -0.61 -6.69
C ALA A 63 16.92 -0.29 -5.99
N VAL A 64 17.05 -0.73 -4.75
CA VAL A 64 18.26 -0.48 -3.96
C VAL A 64 19.49 -1.00 -4.68
N GLU A 65 19.32 -2.05 -5.47
CA GLU A 65 20.43 -2.64 -6.22
C GLU A 65 20.88 -1.72 -7.34
N GLN A 66 19.98 -0.89 -7.84
CA GLN A 66 20.29 0.03 -8.92
C GLN A 66 20.66 1.41 -8.37
N GLN A 67 21.08 1.45 -7.11
CA GLN A 67 21.46 2.71 -6.47
C GLN A 67 20.30 3.71 -6.50
N GLN A 68 19.19 3.33 -5.88
CA GLN A 68 18.01 4.18 -5.82
C GLN A 68 17.72 4.62 -4.39
N LEU A 69 18.78 4.84 -3.61
CA LEU A 69 18.65 5.26 -2.23
C LEU A 69 17.81 6.53 -2.11
N PRO A 70 18.27 7.64 -2.71
CA PRO A 70 17.55 8.92 -2.66
C PRO A 70 16.12 8.80 -3.17
N GLN A 71 15.87 7.77 -3.98
CA GLN A 71 14.53 7.55 -4.53
C GLN A 71 13.61 6.92 -3.48
N VAL A 72 14.21 6.21 -2.53
CA VAL A 72 13.44 5.55 -1.47
C VAL A 72 12.57 6.56 -0.71
N ALA A 73 13.00 7.82 -0.70
CA ALA A 73 12.26 8.87 -0.01
C ALA A 73 10.84 8.99 -0.56
N TRP A 74 10.74 9.13 -1.88
CA TRP A 74 9.44 9.26 -2.53
C TRP A 74 8.66 7.95 -2.47
N LEU A 75 9.33 6.86 -2.84
CA LEU A 75 8.70 5.54 -2.82
C LEU A 75 8.20 5.19 -1.42
N ALA A 76 8.90 5.68 -0.41
CA ALA A 76 8.54 5.43 0.98
C ALA A 76 7.26 6.16 1.35
N GLU A 77 7.22 7.46 1.03
CA GLU A 77 6.06 8.27 1.34
C GLU A 77 4.81 7.73 0.62
N HIS A 78 5.03 7.16 -0.56
CA HIS A 78 3.93 6.59 -1.34
C HIS A 78 3.47 5.27 -0.75
N LEU A 79 4.42 4.40 -0.42
CA LEU A 79 4.11 3.10 0.16
C LEU A 79 3.39 3.26 1.49
N ALA A 80 3.94 4.11 2.36
CA ALA A 80 3.36 4.37 3.66
C ALA A 80 1.99 5.01 3.54
N ALA A 81 1.85 5.93 2.60
CA ALA A 81 0.58 6.61 2.37
C ALA A 81 -0.49 5.64 1.90
N GLN A 82 -0.13 4.78 0.96
CA GLN A 82 -1.07 3.80 0.43
C GLN A 82 -1.55 2.87 1.53
N LEU A 83 -0.61 2.31 2.29
CA LEU A 83 -0.95 1.41 3.38
C LEU A 83 -1.74 2.13 4.46
N GLU A 84 -1.41 3.40 4.69
CA GLU A 84 -2.09 4.21 5.69
C GLU A 84 -3.55 4.41 5.32
N ALA A 85 -3.79 4.69 4.04
CA ALA A 85 -5.14 4.91 3.54
C ALA A 85 -5.99 3.65 3.69
N ILE A 86 -5.38 2.50 3.39
CA ILE A 86 -6.08 1.22 3.48
C ILE A 86 -6.33 0.85 4.95
N ALA A 87 -5.33 1.12 5.79
CA ALA A 87 -5.44 0.81 7.21
C ALA A 87 -6.40 1.77 7.91
N ARG A 88 -6.42 3.01 7.45
CA ARG A 88 -7.30 4.03 8.03
C ARG A 88 -8.75 3.71 7.75
N GLU A 89 -9.07 3.44 6.48
CA GLU A 89 -10.44 3.12 6.09
C GLU A 89 -10.93 1.87 6.80
N ALA A 90 -10.09 0.84 6.80
CA ALA A 90 -10.44 -0.42 7.45
C ALA A 90 -10.66 -0.23 8.95
N SER A 91 -9.91 0.69 9.53
CA SER A 91 -10.03 0.98 10.95
C SER A 91 -11.34 1.71 11.25
N ALA A 92 -11.74 2.59 10.33
CA ALA A 92 -12.98 3.35 10.50
C ALA A 92 -14.19 2.42 10.53
N TRP A 93 -14.23 1.48 9.59
CA TRP A 93 -15.34 0.53 9.50
C TRP A 93 -15.37 -0.37 10.73
N SER A 94 -14.26 -0.42 11.48
CA SER A 94 -14.17 -1.24 12.67
C SER A 94 -14.15 -2.73 12.32
N LEU A 95 -13.63 -3.04 11.14
CA LEU A 95 -13.55 -4.42 10.67
C LEU A 95 -14.94 -5.06 10.62
N ARG A 96 -15.45 -5.26 9.41
CA ARG A 96 -16.76 -5.86 9.22
C ARG A 96 -16.91 -6.41 7.81
N GLU A 97 -15.80 -6.83 7.22
CA GLU A 97 -15.79 -7.39 5.87
C GLU A 97 -16.37 -6.39 4.87
N TRP A 98 -15.59 -5.35 4.57
CA TRP A 98 -16.03 -4.32 3.63
C TRP A 98 -14.83 -3.75 2.87
N MET A 1 15.75 4.84 13.78
CA MET A 1 14.85 4.00 12.95
C MET A 1 15.57 3.51 11.69
N LYS A 2 15.71 2.19 11.57
CA LYS A 2 16.38 1.60 10.42
C LYS A 2 15.36 1.00 9.44
N THR A 3 15.83 0.65 8.25
CA THR A 3 14.97 0.07 7.24
C THR A 3 14.70 -1.41 7.54
N ALA A 4 15.60 -2.04 8.27
CA ALA A 4 15.47 -3.45 8.63
C ALA A 4 14.14 -3.72 9.32
N LEU A 5 13.88 -3.01 10.42
CA LEU A 5 12.65 -3.17 11.17
C LEU A 5 11.44 -2.74 10.34
N LEU A 6 11.62 -1.70 9.54
CA LEU A 6 10.53 -1.19 8.69
C LEU A 6 10.08 -2.26 7.71
N LEU A 7 11.01 -3.06 7.22
CA LEU A 7 10.70 -4.13 6.28
C LEU A 7 9.77 -5.16 6.91
N GLU A 8 9.91 -5.35 8.22
CA GLU A 8 9.09 -6.32 8.95
C GLU A 8 7.68 -5.79 9.15
N LYS A 9 7.57 -4.58 9.67
CA LYS A 9 6.27 -3.97 9.91
C LYS A 9 5.52 -3.73 8.60
N LEU A 10 6.20 -3.11 7.64
CA LEU A 10 5.60 -2.82 6.34
C LEU A 10 5.16 -4.11 5.65
N GLU A 11 6.05 -5.10 5.63
CA GLU A 11 5.75 -6.38 4.99
C GLU A 11 4.66 -7.12 5.75
N GLY A 12 4.65 -6.95 7.07
CA GLY A 12 3.65 -7.61 7.89
C GLY A 12 2.24 -7.11 7.61
N GLN A 13 2.09 -5.80 7.56
CA GLN A 13 0.78 -5.19 7.31
C GLN A 13 0.33 -5.45 5.87
N LEU A 14 1.27 -5.33 4.94
CA LEU A 14 0.97 -5.54 3.52
C LEU A 14 0.52 -6.98 3.27
N ALA A 15 1.30 -7.93 3.77
CA ALA A 15 0.99 -9.35 3.59
C ALA A 15 -0.38 -9.68 4.17
N THR A 16 -0.65 -9.20 5.38
CA THR A 16 -1.92 -9.45 6.05
C THR A 16 -3.08 -8.86 5.25
N LEU A 17 -2.99 -7.58 4.94
CA LEU A 17 -4.03 -6.90 4.17
C LEU A 17 -4.17 -7.49 2.78
N ARG A 18 -3.07 -8.01 2.25
CA ARG A 18 -3.06 -8.60 0.92
C ARG A 18 -3.87 -9.89 0.89
N GLN A 19 -3.62 -10.76 1.87
CA GLN A 19 -4.33 -12.03 1.94
C GLN A 19 -5.77 -11.84 2.42
N ARG A 20 -5.95 -10.93 3.36
CA ARG A 20 -7.29 -10.65 3.91
C ARG A 20 -8.15 -9.91 2.87
N CYS A 21 -7.52 -9.04 2.09
CA CYS A 21 -8.23 -8.29 1.08
C CYS A 21 -7.91 -8.79 -0.33
N ALA A 22 -7.30 -9.97 -0.41
CA ALA A 22 -6.94 -10.56 -1.70
C ALA A 22 -8.18 -10.80 -2.56
N PRO A 23 -9.17 -11.55 -2.02
CA PRO A 23 -10.40 -11.85 -2.74
C PRO A 23 -11.43 -10.74 -2.68
N VAL A 24 -11.00 -9.51 -2.99
CA VAL A 24 -11.89 -8.36 -2.96
C VAL A 24 -11.94 -7.66 -4.32
N SER A 25 -11.11 -8.11 -5.26
CA SER A 25 -11.07 -7.52 -6.59
C SER A 25 -12.44 -7.59 -7.27
N GLN A 26 -13.24 -8.57 -6.88
CA GLN A 26 -14.57 -8.75 -7.45
C GLN A 26 -15.43 -7.50 -7.25
N PHE A 27 -15.45 -6.99 -6.02
CA PHE A 27 -16.24 -5.81 -5.70
C PHE A 27 -15.36 -4.71 -5.11
N ALA A 28 -14.08 -4.72 -5.46
CA ALA A 28 -13.14 -3.73 -4.95
C ALA A 28 -13.57 -2.32 -5.37
N THR A 29 -13.75 -1.46 -4.37
CA THR A 29 -14.16 -0.08 -4.63
C THR A 29 -13.60 0.86 -3.57
N LEU A 30 -13.16 2.04 -3.98
CA LEU A 30 -12.60 3.02 -3.07
C LEU A 30 -13.54 4.20 -2.90
N SER A 31 -13.52 4.82 -1.72
CA SER A 31 -14.36 5.96 -1.44
C SER A 31 -13.94 7.18 -2.25
N ALA A 32 -14.73 8.24 -2.19
CA ALA A 32 -14.44 9.47 -2.92
C ALA A 32 -13.57 10.42 -2.09
N ARG A 33 -13.19 9.99 -0.88
CA ARG A 33 -12.37 10.82 0.00
C ARG A 33 -10.89 10.48 -0.16
N PHE A 34 -10.53 9.88 -1.29
CA PHE A 34 -9.15 9.50 -1.55
C PHE A 34 -8.28 10.74 -1.76
N ASP A 35 -7.05 10.68 -1.26
CA ASP A 35 -6.12 11.80 -1.39
C ASP A 35 -5.12 11.52 -2.51
N ARG A 36 -5.05 12.43 -3.48
CA ARG A 36 -4.14 12.28 -4.61
C ARG A 36 -2.68 12.24 -4.14
N HIS A 37 -2.43 12.76 -2.94
CA HIS A 37 -1.08 12.78 -2.40
C HIS A 37 -0.78 11.52 -1.60
N LEU A 38 -1.83 10.91 -1.06
CA LEU A 38 -1.68 9.69 -0.26
C LEU A 38 -1.86 8.44 -1.11
N PHE A 39 -2.56 8.58 -2.24
CA PHE A 39 -2.80 7.46 -3.13
C PHE A 39 -2.09 7.65 -4.46
N GLN A 40 -1.84 6.55 -5.16
CA GLN A 40 -1.17 6.59 -6.45
C GLN A 40 -2.14 6.96 -7.57
N THR A 41 -1.61 7.13 -8.77
CA THR A 41 -2.43 7.48 -9.92
C THR A 41 -3.27 6.29 -10.37
N ARG A 42 -2.74 5.09 -10.17
CA ARG A 42 -3.45 3.87 -10.56
C ARG A 42 -4.24 3.29 -9.39
N ALA A 43 -4.55 4.13 -8.40
CA ALA A 43 -5.31 3.71 -7.23
C ALA A 43 -6.76 4.18 -7.32
N THR A 44 -7.61 3.37 -7.93
CA THR A 44 -9.02 3.71 -8.08
C THR A 44 -9.90 2.78 -7.25
N THR A 45 -9.43 1.55 -7.04
CA THR A 45 -10.17 0.57 -6.26
C THR A 45 -9.29 -0.07 -5.20
N LEU A 46 -9.89 -0.89 -4.34
CA LEU A 46 -9.16 -1.57 -3.28
C LEU A 46 -8.10 -2.50 -3.86
N GLN A 47 -8.49 -3.27 -4.88
CA GLN A 47 -7.57 -4.20 -5.51
C GLN A 47 -6.46 -3.46 -6.25
N ALA A 48 -6.80 -2.29 -6.79
CA ALA A 48 -5.83 -1.47 -7.51
C ALA A 48 -4.82 -0.85 -6.56
N CYS A 49 -5.27 -0.54 -5.34
CA CYS A 49 -4.40 0.05 -4.33
C CYS A 49 -3.42 -0.99 -3.79
N LEU A 50 -3.94 -2.16 -3.46
CA LEU A 50 -3.12 -3.25 -2.95
C LEU A 50 -2.09 -3.69 -3.97
N ASP A 51 -2.56 -3.93 -5.20
CA ASP A 51 -1.68 -4.36 -6.28
C ASP A 51 -0.62 -3.30 -6.55
N GLU A 52 -1.01 -2.03 -6.44
CA GLU A 52 -0.09 -0.93 -6.67
C GLU A 52 0.98 -0.88 -5.58
N ALA A 53 0.56 -1.11 -4.34
CA ALA A 53 1.48 -1.10 -3.21
C ALA A 53 2.55 -2.17 -3.38
N GLY A 54 2.12 -3.36 -3.77
CA GLY A 54 3.05 -4.46 -3.97
C GLY A 54 4.05 -4.18 -5.07
N ASP A 55 3.57 -3.59 -6.16
CA ASP A 55 4.44 -3.25 -7.29
C ASP A 55 5.47 -2.21 -6.88
N ASN A 56 5.05 -1.23 -6.10
CA ASN A 56 5.94 -0.18 -5.62
C ASN A 56 7.00 -0.75 -4.70
N LEU A 57 6.63 -1.75 -3.92
CA LEU A 57 7.55 -2.40 -2.99
C LEU A 57 8.67 -3.10 -3.77
N ALA A 58 8.29 -3.87 -4.79
CA ALA A 58 9.26 -4.58 -5.60
C ALA A 58 10.23 -3.62 -6.27
N ALA A 59 9.71 -2.49 -6.72
CA ALA A 59 10.53 -1.48 -7.37
C ALA A 59 11.52 -0.86 -6.40
N LEU A 60 11.10 -0.74 -5.14
CA LEU A 60 11.96 -0.18 -4.10
C LEU A 60 13.17 -1.08 -3.86
N ARG A 61 12.92 -2.38 -3.76
CA ARG A 61 13.99 -3.34 -3.52
C ARG A 61 14.93 -3.40 -4.73
N HIS A 62 14.36 -3.20 -5.92
CA HIS A 62 15.14 -3.23 -7.16
C HIS A 62 15.92 -1.93 -7.32
N ALA A 63 15.36 -0.84 -6.81
CA ALA A 63 16.01 0.47 -6.90
C ALA A 63 17.31 0.50 -6.11
N VAL A 64 17.25 0.04 -4.86
CA VAL A 64 18.44 0.01 -4.00
C VAL A 64 19.60 -0.69 -4.68
N GLU A 65 19.29 -1.64 -5.55
CA GLU A 65 20.31 -2.39 -6.27
C GLU A 65 20.93 -1.53 -7.38
N GLN A 66 20.13 -0.62 -7.93
CA GLN A 66 20.59 0.26 -8.99
C GLN A 66 21.05 1.60 -8.44
N GLN A 67 21.38 1.64 -7.15
CA GLN A 67 21.83 2.87 -6.52
C GLN A 67 20.77 3.95 -6.59
N GLN A 68 19.51 3.56 -6.39
CA GLN A 68 18.40 4.51 -6.44
C GLN A 68 17.99 4.92 -5.03
N LEU A 69 18.99 5.09 -4.16
CA LEU A 69 18.75 5.49 -2.77
C LEU A 69 17.76 6.67 -2.70
N PRO A 70 18.12 7.82 -3.28
CA PRO A 70 17.25 9.00 -3.27
C PRO A 70 15.83 8.69 -3.73
N GLN A 71 15.70 7.68 -4.59
CA GLN A 71 14.40 7.29 -5.10
C GLN A 71 13.65 6.45 -4.07
N VAL A 72 14.39 5.71 -3.26
CA VAL A 72 13.79 4.87 -2.24
C VAL A 72 13.05 5.70 -1.19
N ALA A 73 13.57 6.90 -0.93
CA ALA A 73 12.95 7.79 0.04
C ALA A 73 11.53 8.14 -0.35
N TRP A 74 11.32 8.42 -1.64
CA TRP A 74 10.00 8.78 -2.14
C TRP A 74 9.09 7.55 -2.16
N LEU A 75 9.65 6.41 -2.53
CA LEU A 75 8.89 5.17 -2.60
C LEU A 75 8.50 4.69 -1.19
N ALA A 76 9.40 4.90 -0.24
CA ALA A 76 9.15 4.49 1.14
C ALA A 76 8.00 5.30 1.75
N GLU A 77 8.11 6.61 1.67
CA GLU A 77 7.08 7.50 2.21
C GLU A 77 5.73 7.23 1.56
N HIS A 78 5.73 7.08 0.25
CA HIS A 78 4.50 6.81 -0.50
C HIS A 78 3.91 5.47 -0.10
N LEU A 79 4.76 4.46 0.03
CA LEU A 79 4.32 3.12 0.40
C LEU A 79 3.66 3.14 1.78
N ALA A 80 4.26 3.88 2.70
CA ALA A 80 3.73 3.98 4.06
C ALA A 80 2.32 4.57 4.06
N ALA A 81 2.14 5.67 3.33
CA ALA A 81 0.84 6.32 3.24
C ALA A 81 -0.15 5.46 2.48
N GLN A 82 0.34 4.73 1.49
CA GLN A 82 -0.51 3.87 0.67
C GLN A 82 -1.07 2.72 1.50
N LEU A 83 -0.18 1.97 2.14
CA LEU A 83 -0.60 0.84 2.97
C LEU A 83 -1.49 1.30 4.11
N GLU A 84 -1.19 2.48 4.66
CA GLU A 84 -1.97 3.04 5.75
C GLU A 84 -3.36 3.43 5.29
N ALA A 85 -3.43 4.13 4.16
CA ALA A 85 -4.71 4.55 3.60
C ALA A 85 -5.61 3.37 3.30
N ILE A 86 -5.03 2.32 2.72
CA ILE A 86 -5.78 1.12 2.38
C ILE A 86 -6.27 0.40 3.62
N ALA A 87 -5.37 0.19 4.58
CA ALA A 87 -5.71 -0.49 5.83
C ALA A 87 -6.81 0.27 6.57
N ARG A 88 -6.80 1.60 6.45
CA ARG A 88 -7.79 2.43 7.12
C ARG A 88 -9.17 2.24 6.48
N GLU A 89 -9.21 2.26 5.16
CA GLU A 89 -10.46 2.10 4.43
C GLU A 89 -11.11 0.74 4.76
N ALA A 90 -10.31 -0.31 4.73
CA ALA A 90 -10.79 -1.65 5.02
C ALA A 90 -11.39 -1.73 6.42
N SER A 91 -10.67 -1.19 7.40
CA SER A 91 -11.14 -1.20 8.79
C SER A 91 -12.38 -0.33 8.95
N ALA A 92 -12.49 0.71 8.13
CA ALA A 92 -13.63 1.61 8.18
C ALA A 92 -14.91 0.91 7.78
N TRP A 93 -14.92 0.34 6.58
CA TRP A 93 -16.09 -0.37 6.07
C TRP A 93 -16.50 -1.51 7.01
N SER A 94 -15.52 -2.02 7.76
CA SER A 94 -15.78 -3.12 8.69
C SER A 94 -16.53 -2.62 9.94
N LEU A 95 -16.67 -1.31 10.07
CA LEU A 95 -17.36 -0.72 11.21
C LEU A 95 -18.82 -0.41 10.87
N ARG A 96 -19.40 -1.20 9.98
CA ARG A 96 -20.79 -0.99 9.58
C ARG A 96 -21.34 -2.21 8.85
N GLU A 97 -20.82 -3.38 9.20
CA GLU A 97 -21.26 -4.63 8.59
C GLU A 97 -21.04 -4.60 7.08
N TRP A 98 -20.04 -5.35 6.61
CA TRP A 98 -19.72 -5.42 5.19
C TRP A 98 -19.17 -6.78 4.82
N MET A 1 10.67 3.57 16.91
CA MET A 1 10.72 3.90 15.46
C MET A 1 12.00 3.40 14.82
N LYS A 2 11.86 2.66 13.72
CA LYS A 2 13.01 2.12 13.01
C LYS A 2 12.58 1.51 11.67
N THR A 3 13.56 1.17 10.85
CA THR A 3 13.29 0.58 9.53
C THR A 3 12.88 -0.87 9.67
N ALA A 4 13.51 -1.58 10.61
CA ALA A 4 13.22 -2.98 10.84
C ALA A 4 11.76 -3.18 11.24
N LEU A 5 11.33 -2.48 12.28
CA LEU A 5 9.96 -2.58 12.76
C LEU A 5 8.98 -2.07 11.72
N LEU A 6 9.37 -1.02 11.01
CA LEU A 6 8.53 -0.42 9.99
C LEU A 6 8.34 -1.38 8.81
N LEU A 7 9.33 -2.25 8.60
CA LEU A 7 9.28 -3.21 7.50
C LEU A 7 8.33 -4.36 7.82
N GLU A 8 8.52 -4.98 8.98
CA GLU A 8 7.68 -6.10 9.40
C GLU A 8 6.22 -5.67 9.52
N LYS A 9 6.00 -4.43 9.95
CA LYS A 9 4.65 -3.91 10.10
C LYS A 9 4.00 -3.64 8.75
N LEU A 10 4.71 -2.89 7.91
CA LEU A 10 4.21 -2.55 6.58
C LEU A 10 3.94 -3.82 5.76
N GLU A 11 4.94 -4.68 5.67
CA GLU A 11 4.81 -5.92 4.92
C GLU A 11 3.85 -6.88 5.61
N GLY A 12 3.85 -6.85 6.94
CA GLY A 12 2.97 -7.71 7.70
C GLY A 12 1.50 -7.43 7.45
N GLN A 13 1.14 -6.15 7.44
CA GLN A 13 -0.24 -5.76 7.20
C GLN A 13 -0.60 -5.88 5.72
N LEU A 14 0.31 -5.42 4.87
CA LEU A 14 0.08 -5.47 3.43
C LEU A 14 -0.08 -6.91 2.95
N ALA A 15 0.62 -7.82 3.61
CA ALA A 15 0.55 -9.23 3.25
C ALA A 15 -0.75 -9.86 3.73
N THR A 16 -1.05 -9.68 5.00
CA THR A 16 -2.27 -10.23 5.58
C THR A 16 -3.51 -9.62 4.93
N LEU A 17 -3.53 -8.30 4.83
CA LEU A 17 -4.66 -7.59 4.23
C LEU A 17 -4.86 -8.02 2.79
N ARG A 18 -3.78 -8.00 2.00
CA ARG A 18 -3.85 -8.39 0.60
C ARG A 18 -4.25 -9.85 0.46
N GLN A 19 -3.79 -10.68 1.38
CA GLN A 19 -4.10 -12.11 1.36
C GLN A 19 -5.60 -12.33 1.52
N ARG A 20 -6.22 -11.61 2.44
CA ARG A 20 -7.65 -11.74 2.69
C ARG A 20 -8.45 -10.96 1.65
N CYS A 21 -7.90 -9.84 1.21
CA CYS A 21 -8.57 -9.00 0.21
C CYS A 21 -8.11 -9.36 -1.20
N ALA A 22 -7.44 -10.50 -1.34
CA ALA A 22 -6.95 -10.95 -2.64
C ALA A 22 -8.11 -11.14 -3.62
N PRO A 23 -9.11 -11.93 -3.25
CA PRO A 23 -10.28 -12.20 -4.10
C PRO A 23 -11.35 -11.11 -3.99
N VAL A 24 -10.93 -9.86 -4.07
CA VAL A 24 -11.87 -8.74 -3.96
C VAL A 24 -11.79 -7.84 -5.20
N SER A 25 -11.09 -8.29 -6.24
CA SER A 25 -10.96 -7.52 -7.46
C SER A 25 -12.32 -7.25 -8.09
N GLN A 26 -13.25 -8.18 -7.91
CA GLN A 26 -14.59 -8.03 -8.47
C GLN A 26 -15.39 -6.97 -7.72
N PHE A 27 -15.31 -7.01 -6.40
CA PHE A 27 -16.01 -6.04 -5.56
C PHE A 27 -15.06 -5.00 -4.99
N ALA A 28 -13.96 -4.76 -5.69
CA ALA A 28 -12.97 -3.79 -5.26
C ALA A 28 -13.49 -2.36 -5.41
N THR A 29 -13.48 -1.61 -4.32
CA THR A 29 -13.96 -0.24 -4.33
C THR A 29 -13.21 0.61 -3.30
N LEU A 30 -12.85 1.83 -3.69
CA LEU A 30 -12.14 2.74 -2.81
C LEU A 30 -13.05 3.87 -2.33
N SER A 31 -12.79 4.35 -1.12
CA SER A 31 -13.58 5.43 -0.55
C SER A 31 -13.49 6.68 -1.41
N ALA A 32 -14.30 7.69 -1.08
CA ALA A 32 -14.31 8.95 -1.81
C ALA A 32 -13.30 9.95 -1.25
N ARG A 33 -12.59 9.55 -0.19
CA ARG A 33 -11.60 10.41 0.43
C ARG A 33 -10.19 10.11 -0.10
N PHE A 34 -10.12 9.49 -1.27
CA PHE A 34 -8.84 9.14 -1.88
C PHE A 34 -8.11 10.40 -2.34
N ASP A 35 -6.81 10.46 -2.05
CA ASP A 35 -5.99 11.60 -2.43
C ASP A 35 -4.91 11.19 -3.43
N ARG A 36 -4.96 11.77 -4.62
CA ARG A 36 -3.98 11.46 -5.66
C ARG A 36 -2.55 11.69 -5.18
N HIS A 37 -2.41 12.54 -4.16
CA HIS A 37 -1.08 12.84 -3.60
C HIS A 37 -0.51 11.64 -2.87
N LEU A 38 -1.39 10.81 -2.32
CA LEU A 38 -0.96 9.62 -1.60
C LEU A 38 -1.23 8.35 -2.38
N PHE A 39 -2.19 8.42 -3.30
CA PHE A 39 -2.54 7.28 -4.14
C PHE A 39 -2.17 7.52 -5.59
N GLN A 40 -1.86 6.44 -6.31
CA GLN A 40 -1.48 6.54 -7.72
C GLN A 40 -2.72 6.69 -8.59
N THR A 41 -2.51 7.00 -9.87
CA THR A 41 -3.60 7.16 -10.81
C THR A 41 -4.36 5.86 -11.00
N ARG A 42 -3.69 4.74 -10.74
CA ARG A 42 -4.31 3.43 -10.88
C ARG A 42 -4.88 2.93 -9.55
N ALA A 43 -5.09 3.87 -8.62
CA ALA A 43 -5.63 3.52 -7.31
C ALA A 43 -7.09 3.93 -7.19
N THR A 44 -7.98 3.16 -7.83
CA THR A 44 -9.40 3.44 -7.81
C THR A 44 -10.17 2.37 -7.04
N THR A 45 -9.62 1.15 -7.03
CA THR A 45 -10.25 0.03 -6.34
C THR A 45 -9.28 -0.63 -5.37
N LEU A 46 -9.81 -1.49 -4.50
CA LEU A 46 -8.99 -2.18 -3.51
C LEU A 46 -7.91 -3.03 -4.20
N GLN A 47 -8.34 -3.92 -5.10
CA GLN A 47 -7.41 -4.78 -5.81
C GLN A 47 -6.44 -3.95 -6.65
N ALA A 48 -6.89 -2.78 -7.09
CA ALA A 48 -6.06 -1.89 -7.90
C ALA A 48 -4.97 -1.24 -7.05
N CYS A 49 -5.37 -0.60 -5.96
CA CYS A 49 -4.42 0.06 -5.07
C CYS A 49 -3.45 -0.95 -4.47
N LEU A 50 -3.97 -2.12 -4.11
CA LEU A 50 -3.15 -3.18 -3.53
C LEU A 50 -2.06 -3.62 -4.52
N ASP A 51 -2.46 -3.85 -5.76
CA ASP A 51 -1.52 -4.27 -6.80
C ASP A 51 -0.44 -3.21 -7.00
N GLU A 52 -0.85 -1.95 -6.97
CA GLU A 52 0.08 -0.84 -7.15
C GLU A 52 1.15 -0.85 -6.05
N ALA A 53 0.71 -1.15 -4.83
CA ALA A 53 1.63 -1.20 -3.69
C ALA A 53 2.68 -2.28 -3.89
N GLY A 54 2.24 -3.45 -4.33
CA GLY A 54 3.16 -4.55 -4.56
C GLY A 54 4.21 -4.21 -5.61
N ASP A 55 3.79 -3.48 -6.64
CA ASP A 55 4.69 -3.08 -7.72
C ASP A 55 5.66 -2.00 -7.24
N ASN A 56 5.18 -1.17 -6.31
CA ASN A 56 6.00 -0.09 -5.78
C ASN A 56 7.17 -0.66 -4.97
N LEU A 57 6.86 -1.47 -3.97
CA LEU A 57 7.89 -2.08 -3.14
C LEU A 57 8.82 -2.94 -3.98
N ALA A 58 8.26 -3.65 -4.95
CA ALA A 58 9.04 -4.51 -5.82
C ALA A 58 10.05 -3.69 -6.62
N ALA A 59 9.58 -2.58 -7.19
CA ALA A 59 10.45 -1.71 -7.98
C ALA A 59 11.54 -1.10 -7.12
N LEU A 60 11.25 -0.92 -5.84
CA LEU A 60 12.22 -0.35 -4.90
C LEU A 60 13.39 -1.29 -4.69
N ARG A 61 13.09 -2.57 -4.44
CA ARG A 61 14.12 -3.57 -4.22
C ARG A 61 15.00 -3.71 -5.46
N HIS A 62 14.37 -3.74 -6.63
CA HIS A 62 15.09 -3.87 -7.88
C HIS A 62 15.80 -2.56 -8.24
N ALA A 63 15.25 -1.45 -7.76
CA ALA A 63 15.82 -0.13 -8.03
C ALA A 63 17.30 -0.08 -7.64
N VAL A 64 17.68 -0.91 -6.67
CA VAL A 64 19.06 -0.95 -6.21
C VAL A 64 20.03 -1.14 -7.36
N GLU A 65 19.57 -1.80 -8.42
CA GLU A 65 20.40 -2.04 -9.59
C GLU A 65 20.66 -0.75 -10.35
N GLN A 66 19.71 0.17 -10.29
CA GLN A 66 19.84 1.46 -10.98
C GLN A 66 20.62 2.46 -10.13
N GLN A 67 20.97 2.07 -8.91
CA GLN A 67 21.72 2.94 -8.02
C GLN A 67 20.90 4.18 -7.65
N GLN A 68 19.66 3.95 -7.23
CA GLN A 68 18.77 5.05 -6.87
C GLN A 68 18.37 4.95 -5.39
N LEU A 69 19.32 4.53 -4.56
CA LEU A 69 19.08 4.39 -3.12
C LEU A 69 18.39 5.63 -2.55
N PRO A 70 18.93 6.83 -2.82
CA PRO A 70 18.35 8.08 -2.33
C PRO A 70 16.85 8.17 -2.59
N GLN A 71 16.39 7.48 -3.62
CA GLN A 71 14.97 7.47 -3.97
C GLN A 71 14.16 6.66 -2.97
N VAL A 72 14.82 5.72 -2.30
CA VAL A 72 14.15 4.87 -1.32
C VAL A 72 13.46 5.70 -0.26
N ALA A 73 14.00 6.87 0.03
CA ALA A 73 13.42 7.77 1.02
C ALA A 73 12.01 8.18 0.63
N TRP A 74 11.87 8.71 -0.58
CA TRP A 74 10.57 9.14 -1.09
C TRP A 74 9.59 7.97 -1.15
N LEU A 75 10.07 6.83 -1.64
CA LEU A 75 9.24 5.64 -1.75
C LEU A 75 8.81 5.15 -0.37
N ALA A 76 9.69 5.31 0.61
CA ALA A 76 9.40 4.89 1.97
C ALA A 76 8.21 5.66 2.54
N GLU A 77 8.26 6.98 2.44
CA GLU A 77 7.19 7.82 2.93
C GLU A 77 5.86 7.47 2.26
N HIS A 78 5.92 7.26 0.94
CA HIS A 78 4.73 6.92 0.18
C HIS A 78 4.16 5.57 0.64
N LEU A 79 5.06 4.65 0.98
CA LEU A 79 4.64 3.33 1.44
C LEU A 79 3.82 3.43 2.71
N ALA A 80 4.29 4.24 3.66
CA ALA A 80 3.59 4.43 4.92
C ALA A 80 2.19 4.99 4.69
N ALA A 81 2.11 6.05 3.89
CA ALA A 81 0.84 6.68 3.58
C ALA A 81 -0.11 5.69 2.90
N GLN A 82 0.46 4.81 2.09
CA GLN A 82 -0.33 3.81 1.38
C GLN A 82 -0.93 2.81 2.36
N LEU A 83 -0.14 2.40 3.35
CA LEU A 83 -0.60 1.45 4.36
C LEU A 83 -1.80 2.00 5.10
N GLU A 84 -1.70 3.23 5.58
CA GLU A 84 -2.79 3.88 6.30
C GLU A 84 -4.03 4.00 5.43
N ALA A 85 -3.82 4.26 4.15
CA ALA A 85 -4.92 4.39 3.20
C ALA A 85 -5.74 3.10 3.13
N ILE A 86 -5.05 1.98 3.06
CA ILE A 86 -5.70 0.68 2.98
C ILE A 86 -6.47 0.39 4.27
N ALA A 87 -5.89 0.76 5.40
CA ALA A 87 -6.52 0.55 6.69
C ALA A 87 -7.75 1.42 6.87
N ARG A 88 -7.71 2.60 6.25
CA ARG A 88 -8.83 3.54 6.33
C ARG A 88 -10.04 3.00 5.57
N GLU A 89 -9.81 2.52 4.35
CA GLU A 89 -10.88 1.98 3.53
C GLU A 89 -11.49 0.72 4.18
N ALA A 90 -10.62 -0.19 4.60
CA ALA A 90 -11.06 -1.42 5.24
C ALA A 90 -11.86 -1.13 6.51
N SER A 91 -11.44 -0.09 7.23
CA SER A 91 -12.11 0.29 8.46
C SER A 91 -13.45 0.96 8.16
N ALA A 92 -13.53 1.66 7.04
CA ALA A 92 -14.75 2.35 6.63
C ALA A 92 -15.83 1.34 6.27
N TRP A 93 -15.56 0.51 5.28
CA TRP A 93 -16.52 -0.49 4.83
C TRP A 93 -16.90 -1.44 5.97
N SER A 94 -15.96 -1.64 6.89
CA SER A 94 -16.20 -2.52 8.02
C SER A 94 -16.54 -1.71 9.27
N LEU A 95 -16.67 -2.40 10.40
CA LEU A 95 -17.01 -1.74 11.66
C LEU A 95 -16.04 -2.17 12.76
N ARG A 96 -14.79 -2.44 12.38
CA ARG A 96 -13.78 -2.85 13.34
C ARG A 96 -12.42 -3.04 12.65
N GLU A 97 -12.04 -2.06 11.83
CA GLU A 97 -10.77 -2.10 11.10
C GLU A 97 -10.49 -3.48 10.53
N TRP A 98 -10.88 -3.68 9.28
CA TRP A 98 -10.67 -4.97 8.60
C TRP A 98 -9.19 -5.33 8.59
N MET A 1 15.02 3.42 16.54
CA MET A 1 14.65 3.30 15.10
C MET A 1 15.63 2.39 14.37
N LYS A 2 15.09 1.54 13.50
CA LYS A 2 15.92 0.61 12.72
C LYS A 2 15.30 0.36 11.35
N THR A 3 16.17 0.17 10.35
CA THR A 3 15.71 -0.09 9.00
C THR A 3 14.92 -1.38 8.92
N ALA A 4 15.38 -2.40 9.64
CA ALA A 4 14.72 -3.70 9.67
C ALA A 4 13.32 -3.59 10.25
N LEU A 5 13.18 -2.73 11.26
CA LEU A 5 11.89 -2.52 11.92
C LEU A 5 10.84 -2.04 10.92
N LEU A 6 11.25 -1.13 10.04
CA LEU A 6 10.35 -0.57 9.03
C LEU A 6 9.98 -1.63 8.00
N LEU A 7 10.89 -2.56 7.74
CA LEU A 7 10.67 -3.62 6.77
C LEU A 7 9.56 -4.57 7.25
N GLU A 8 9.72 -5.07 8.46
CA GLU A 8 8.74 -5.99 9.04
C GLU A 8 7.38 -5.31 9.21
N LYS A 9 7.41 -4.03 9.56
CA LYS A 9 6.18 -3.27 9.76
C LYS A 9 5.45 -3.07 8.44
N LEU A 10 6.13 -2.47 7.47
CA LEU A 10 5.54 -2.21 6.15
C LEU A 10 5.13 -3.52 5.48
N GLU A 11 6.02 -4.50 5.52
CA GLU A 11 5.76 -5.80 4.91
C GLU A 11 4.69 -6.56 5.71
N GLY A 12 4.71 -6.39 7.02
CA GLY A 12 3.74 -7.08 7.87
C GLY A 12 2.32 -6.57 7.64
N GLN A 13 2.15 -5.26 7.67
CA GLN A 13 0.83 -4.65 7.47
C GLN A 13 0.36 -4.85 6.03
N LEU A 14 1.29 -4.73 5.09
CA LEU A 14 0.96 -4.89 3.68
C LEU A 14 0.58 -6.33 3.37
N ALA A 15 1.28 -7.27 4.01
CA ALA A 15 1.01 -8.69 3.80
C ALA A 15 -0.40 -9.07 4.28
N THR A 16 -0.74 -8.63 5.49
CA THR A 16 -2.04 -8.92 6.06
C THR A 16 -3.15 -8.24 5.26
N LEU A 17 -2.88 -7.03 4.79
CA LEU A 17 -3.87 -6.27 4.02
C LEU A 17 -4.00 -6.85 2.61
N ARG A 18 -2.88 -7.24 2.02
CA ARG A 18 -2.88 -7.80 0.68
C ARG A 18 -3.63 -9.13 0.65
N GLN A 19 -3.54 -9.89 1.73
CA GLN A 19 -4.21 -11.18 1.82
C GLN A 19 -5.70 -11.01 2.14
N ARG A 20 -6.01 -9.98 2.94
CA ARG A 20 -7.39 -9.71 3.31
C ARG A 20 -8.14 -9.04 2.16
N CYS A 21 -7.45 -8.19 1.42
CA CYS A 21 -8.05 -7.49 0.29
C CYS A 21 -7.67 -8.14 -1.04
N ALA A 22 -7.11 -9.34 -0.97
CA ALA A 22 -6.69 -10.06 -2.17
C ALA A 22 -7.89 -10.48 -3.01
N PRO A 23 -8.86 -11.21 -2.42
CA PRO A 23 -10.05 -11.68 -3.13
C PRO A 23 -11.19 -10.66 -3.13
N VAL A 24 -10.85 -9.38 -3.30
CA VAL A 24 -11.86 -8.32 -3.32
C VAL A 24 -11.80 -7.52 -4.60
N SER A 25 -11.17 -8.07 -5.63
CA SER A 25 -11.05 -7.40 -6.92
C SER A 25 -12.40 -7.32 -7.62
N GLN A 26 -13.26 -8.30 -7.37
CA GLN A 26 -14.59 -8.34 -7.98
C GLN A 26 -15.47 -7.22 -7.42
N PHE A 27 -15.34 -6.95 -6.13
CA PHE A 27 -16.13 -5.91 -5.48
C PHE A 27 -15.23 -4.82 -4.90
N ALA A 28 -14.06 -4.65 -5.49
CA ALA A 28 -13.11 -3.65 -5.03
C ALA A 28 -13.59 -2.25 -5.38
N THR A 29 -13.71 -1.40 -4.36
CA THR A 29 -14.15 -0.02 -4.55
C THR A 29 -13.49 0.92 -3.56
N LEU A 30 -12.91 2.00 -4.06
CA LEU A 30 -12.24 2.98 -3.21
C LEU A 30 -13.18 4.13 -2.85
N SER A 31 -12.97 4.69 -1.67
CA SER A 31 -13.81 5.80 -1.20
C SER A 31 -13.56 7.05 -2.02
N ALA A 32 -14.33 8.11 -1.75
CA ALA A 32 -14.19 9.36 -2.46
C ALA A 32 -13.15 10.27 -1.82
N ARG A 33 -12.50 9.78 -0.76
CA ARG A 33 -11.47 10.56 -0.06
C ARG A 33 -10.08 10.24 -0.59
N PHE A 34 -10.02 9.71 -1.81
CA PHE A 34 -8.74 9.36 -2.42
C PHE A 34 -7.94 10.62 -2.75
N ASP A 35 -6.64 10.56 -2.49
CA ASP A 35 -5.74 11.69 -2.75
C ASP A 35 -4.72 11.32 -3.82
N ARG A 36 -4.59 12.18 -4.83
CA ARG A 36 -3.63 11.94 -5.91
C ARG A 36 -2.19 12.12 -5.42
N HIS A 37 -2.02 12.87 -4.34
CA HIS A 37 -0.69 13.12 -3.79
C HIS A 37 -0.22 11.93 -2.96
N LEU A 38 -1.16 11.19 -2.37
CA LEU A 38 -0.83 10.03 -1.55
C LEU A 38 -1.02 8.73 -2.33
N PHE A 39 -1.88 8.77 -3.34
CA PHE A 39 -2.14 7.59 -4.16
C PHE A 39 -1.62 7.77 -5.58
N GLN A 40 -1.52 6.68 -6.32
CA GLN A 40 -1.03 6.72 -7.69
C GLN A 40 -2.19 6.79 -8.68
N THR A 41 -1.86 6.95 -9.96
CA THR A 41 -2.87 7.04 -11.00
C THR A 41 -3.63 5.71 -11.15
N ARG A 42 -2.98 4.61 -10.78
CA ARG A 42 -3.59 3.29 -10.87
C ARG A 42 -4.22 2.89 -9.55
N ALA A 43 -4.53 3.87 -8.71
CA ALA A 43 -5.16 3.59 -7.41
C ALA A 43 -6.57 4.15 -7.35
N THR A 44 -7.52 3.38 -7.85
CA THR A 44 -8.92 3.80 -7.86
C THR A 44 -9.83 2.71 -7.28
N THR A 45 -9.22 1.73 -6.61
CA THR A 45 -9.99 0.63 -6.02
C THR A 45 -9.14 -0.13 -5.01
N LEU A 46 -9.79 -1.00 -4.24
CA LEU A 46 -9.09 -1.81 -3.24
C LEU A 46 -8.01 -2.66 -3.89
N GLN A 47 -8.40 -3.46 -4.87
CA GLN A 47 -7.47 -4.33 -5.58
C GLN A 47 -6.45 -3.50 -6.37
N ALA A 48 -6.91 -2.36 -6.88
CA ALA A 48 -6.03 -1.48 -7.65
C ALA A 48 -4.90 -0.95 -6.79
N CYS A 49 -5.24 -0.46 -5.60
CA CYS A 49 -4.24 0.06 -4.68
C CYS A 49 -3.30 -1.05 -4.21
N LEU A 50 -3.84 -2.25 -4.07
CA LEU A 50 -3.06 -3.40 -3.63
C LEU A 50 -1.98 -3.73 -4.67
N ASP A 51 -2.38 -3.76 -5.93
CA ASP A 51 -1.45 -4.05 -7.01
C ASP A 51 -0.37 -2.98 -7.11
N GLU A 52 -0.77 -1.73 -6.93
CA GLU A 52 0.16 -0.61 -6.99
C GLU A 52 1.23 -0.75 -5.91
N ALA A 53 0.80 -1.17 -4.72
CA ALA A 53 1.72 -1.34 -3.60
C ALA A 53 2.71 -2.46 -3.88
N GLY A 54 2.21 -3.56 -4.45
CA GLY A 54 3.06 -4.69 -4.77
C GLY A 54 4.15 -4.32 -5.76
N ASP A 55 3.80 -3.47 -6.72
CA ASP A 55 4.75 -3.04 -7.74
C ASP A 55 5.72 -2.00 -7.16
N ASN A 56 5.22 -1.19 -6.24
CA ASN A 56 6.03 -0.16 -5.61
C ASN A 56 7.10 -0.78 -4.73
N LEU A 57 6.69 -1.71 -3.87
CA LEU A 57 7.62 -2.39 -2.98
C LEU A 57 8.57 -3.28 -3.77
N ALA A 58 8.05 -3.90 -4.83
CA ALA A 58 8.86 -4.77 -5.67
C ALA A 58 9.95 -3.98 -6.38
N ALA A 59 9.56 -2.90 -7.03
CA ALA A 59 10.50 -2.05 -7.75
C ALA A 59 11.51 -1.44 -6.79
N LEU A 60 11.06 -1.16 -5.57
CA LEU A 60 11.93 -0.58 -4.55
C LEU A 60 13.03 -1.55 -4.15
N ARG A 61 12.65 -2.81 -3.91
CA ARG A 61 13.60 -3.83 -3.53
C ARG A 61 14.66 -4.03 -4.61
N HIS A 62 14.21 -4.03 -5.86
CA HIS A 62 15.12 -4.20 -6.99
C HIS A 62 15.89 -2.90 -7.27
N ALA A 63 15.29 -1.77 -6.90
CA ALA A 63 15.92 -0.47 -7.12
C ALA A 63 17.31 -0.40 -6.49
N VAL A 64 17.51 -1.18 -5.42
CA VAL A 64 18.79 -1.21 -4.73
C VAL A 64 19.92 -1.58 -5.69
N GLU A 65 19.59 -2.35 -6.72
CA GLU A 65 20.58 -2.77 -7.71
C GLU A 65 20.96 -1.61 -8.62
N GLN A 66 20.01 -0.70 -8.86
CA GLN A 66 20.26 0.45 -9.71
C GLN A 66 20.66 1.68 -8.90
N GLN A 67 21.03 1.46 -7.63
CA GLN A 67 21.44 2.55 -6.76
C GLN A 67 20.36 3.64 -6.69
N GLN A 68 19.13 3.21 -6.46
CA GLN A 68 18.00 4.14 -6.37
C GLN A 68 17.68 4.46 -4.90
N LEU A 69 18.72 4.58 -4.09
CA LEU A 69 18.56 4.87 -2.67
C LEU A 69 17.71 6.14 -2.46
N PRO A 70 18.16 7.29 -2.99
CA PRO A 70 17.43 8.55 -2.84
C PRO A 70 15.98 8.44 -3.31
N GLN A 71 15.70 7.48 -4.19
CA GLN A 71 14.36 7.27 -4.71
C GLN A 71 13.49 6.55 -3.69
N VAL A 72 14.13 5.78 -2.82
CA VAL A 72 13.42 5.02 -1.79
C VAL A 72 12.65 5.96 -0.86
N ALA A 73 13.15 7.18 -0.69
CA ALA A 73 12.51 8.15 0.17
C ALA A 73 11.09 8.44 -0.28
N TRP A 74 10.93 8.79 -1.54
CA TRP A 74 9.61 9.08 -2.10
C TRP A 74 8.73 7.83 -2.14
N LEU A 75 9.28 6.75 -2.66
CA LEU A 75 8.55 5.49 -2.76
C LEU A 75 8.13 5.00 -1.37
N ALA A 76 8.92 5.34 -0.37
CA ALA A 76 8.63 4.93 1.00
C ALA A 76 7.41 5.66 1.54
N GLU A 77 7.44 6.99 1.47
CA GLU A 77 6.33 7.80 1.96
C GLU A 77 5.06 7.51 1.18
N HIS A 78 5.22 7.18 -0.10
CA HIS A 78 4.08 6.88 -0.96
C HIS A 78 3.42 5.56 -0.56
N LEU A 79 4.23 4.54 -0.35
CA LEU A 79 3.72 3.23 0.05
C LEU A 79 3.09 3.29 1.44
N ALA A 80 3.79 3.91 2.38
CA ALA A 80 3.29 4.03 3.74
C ALA A 80 2.01 4.85 3.79
N ALA A 81 1.88 5.80 2.87
CA ALA A 81 0.69 6.64 2.83
C ALA A 81 -0.53 5.86 2.38
N GLN A 82 -0.43 5.23 1.21
CA GLN A 82 -1.55 4.44 0.67
C GLN A 82 -1.90 3.29 1.60
N LEU A 83 -0.89 2.58 2.08
CA LEU A 83 -1.09 1.45 2.99
C LEU A 83 -1.86 1.87 4.23
N GLU A 84 -1.47 3.02 4.80
CA GLU A 84 -2.12 3.53 6.00
C GLU A 84 -3.60 3.78 5.74
N ALA A 85 -3.92 4.43 4.62
CA ALA A 85 -5.30 4.73 4.28
C ALA A 85 -6.12 3.45 4.09
N ILE A 86 -5.55 2.47 3.39
CA ILE A 86 -6.23 1.21 3.16
C ILE A 86 -6.48 0.47 4.47
N ALA A 87 -5.44 0.40 5.30
CA ALA A 87 -5.56 -0.28 6.59
C ALA A 87 -6.64 0.33 7.45
N ARG A 88 -6.70 1.65 7.48
CA ARG A 88 -7.70 2.37 8.27
C ARG A 88 -9.11 2.08 7.75
N GLU A 89 -9.30 2.20 6.45
CA GLU A 89 -10.59 1.95 5.83
C GLU A 89 -11.05 0.52 6.07
N ALA A 90 -10.12 -0.43 5.94
CA ALA A 90 -10.42 -1.84 6.14
C ALA A 90 -10.94 -2.09 7.56
N SER A 91 -10.32 -1.44 8.53
CA SER A 91 -10.71 -1.60 9.93
C SER A 91 -12.08 -0.97 10.19
N ALA A 92 -12.39 0.09 9.44
CA ALA A 92 -13.66 0.77 9.59
C ALA A 92 -14.82 -0.11 9.16
N TRP A 93 -14.72 -0.66 7.96
CA TRP A 93 -15.77 -1.53 7.42
C TRP A 93 -15.99 -2.74 8.33
N SER A 94 -14.94 -3.13 9.06
CA SER A 94 -15.03 -4.27 9.96
C SER A 94 -16.01 -4.01 11.11
N LEU A 95 -16.38 -2.76 11.31
CA LEU A 95 -17.30 -2.39 12.38
C LEU A 95 -18.65 -1.97 11.83
N ARG A 96 -19.03 -2.54 10.69
CA ARG A 96 -20.31 -2.22 10.06
C ARG A 96 -20.67 -3.24 8.99
N GLU A 97 -20.22 -4.47 9.17
CA GLU A 97 -20.49 -5.54 8.21
C GLU A 97 -19.87 -5.24 6.85
N TRP A 98 -20.52 -4.36 6.09
CA TRP A 98 -20.02 -3.99 4.77
C TRP A 98 -19.93 -5.21 3.86
N MET A 1 20.73 3.12 11.69
CA MET A 1 20.20 1.93 10.95
C MET A 1 18.96 1.37 11.63
N LYS A 2 17.81 1.51 10.99
CA LYS A 2 16.56 1.00 11.54
C LYS A 2 15.56 0.69 10.43
N THR A 3 16.08 0.30 9.27
CA THR A 3 15.23 -0.01 8.13
C THR A 3 14.61 -1.41 8.28
N ALA A 4 15.29 -2.27 9.04
CA ALA A 4 14.81 -3.63 9.26
C ALA A 4 13.39 -3.63 9.83
N LEU A 5 13.21 -2.95 10.96
CA LEU A 5 11.89 -2.87 11.59
C LEU A 5 10.88 -2.19 10.68
N LEU A 6 11.36 -1.26 9.86
CA LEU A 6 10.50 -0.54 8.94
C LEU A 6 9.90 -1.48 7.90
N LEU A 7 10.77 -2.25 7.26
CA LEU A 7 10.34 -3.19 6.23
C LEU A 7 9.64 -4.39 6.86
N GLU A 8 10.10 -4.79 8.04
CA GLU A 8 9.51 -5.92 8.75
C GLU A 8 8.06 -5.65 9.12
N LYS A 9 7.81 -4.43 9.61
CA LYS A 9 6.46 -4.04 10.01
C LYS A 9 5.57 -3.85 8.79
N LEU A 10 6.12 -3.25 7.75
CA LEU A 10 5.36 -3.01 6.52
C LEU A 10 5.04 -4.33 5.81
N GLU A 11 6.02 -5.22 5.77
CA GLU A 11 5.84 -6.52 5.13
C GLU A 11 4.82 -7.37 5.88
N GLY A 12 4.86 -7.28 7.21
CA GLY A 12 3.93 -8.05 8.02
C GLY A 12 2.49 -7.61 7.83
N GLN A 13 2.25 -6.31 7.93
CA GLN A 13 0.91 -5.77 7.77
C GLN A 13 0.43 -5.88 6.32
N LEU A 14 1.35 -5.65 5.39
CA LEU A 14 1.02 -5.73 3.97
C LEU A 14 0.73 -7.17 3.55
N ALA A 15 1.38 -8.11 4.22
CA ALA A 15 1.20 -9.53 3.92
C ALA A 15 -0.18 -10.02 4.38
N THR A 16 -0.50 -9.76 5.63
CA THR A 16 -1.78 -10.18 6.20
C THR A 16 -2.95 -9.51 5.46
N LEU A 17 -2.74 -8.25 5.06
CA LEU A 17 -3.77 -7.50 4.35
C LEU A 17 -4.00 -8.06 2.96
N ARG A 18 -2.90 -8.39 2.27
CA ARG A 18 -2.98 -8.94 0.92
C ARG A 18 -3.59 -10.34 0.93
N GLN A 19 -3.45 -11.04 2.05
CA GLN A 19 -3.98 -12.39 2.17
C GLN A 19 -5.48 -12.38 2.43
N ARG A 20 -5.92 -11.47 3.31
CA ARG A 20 -7.34 -11.36 3.64
C ARG A 20 -8.10 -10.55 2.59
N CYS A 21 -7.48 -9.46 2.13
CA CYS A 21 -8.10 -8.60 1.13
C CYS A 21 -7.70 -9.02 -0.29
N ALA A 22 -7.13 -10.22 -0.42
CA ALA A 22 -6.71 -10.72 -1.73
C ALA A 22 -7.89 -10.76 -2.70
N PRO A 23 -8.93 -11.57 -2.38
CA PRO A 23 -10.11 -11.69 -3.23
C PRO A 23 -11.07 -10.51 -3.08
N VAL A 24 -10.60 -9.33 -3.43
CA VAL A 24 -11.43 -8.12 -3.32
C VAL A 24 -11.74 -7.53 -4.69
N SER A 25 -10.92 -7.87 -5.69
CA SER A 25 -11.11 -7.37 -7.05
C SER A 25 -12.54 -7.61 -7.53
N GLN A 26 -13.18 -8.63 -6.97
CA GLN A 26 -14.55 -8.96 -7.35
C GLN A 26 -15.50 -7.80 -7.02
N PHE A 27 -15.46 -7.33 -5.79
CA PHE A 27 -16.32 -6.23 -5.36
C PHE A 27 -15.49 -5.01 -4.98
N ALA A 28 -14.30 -4.90 -5.57
CA ALA A 28 -13.41 -3.77 -5.30
C ALA A 28 -14.03 -2.46 -5.77
N THR A 29 -14.15 -1.51 -4.85
CA THR A 29 -14.72 -0.20 -5.17
C THR A 29 -14.06 0.89 -4.33
N LEU A 30 -13.56 1.93 -5.00
CA LEU A 30 -12.91 3.04 -4.33
C LEU A 30 -13.84 4.24 -4.22
N SER A 31 -13.68 5.03 -3.16
CA SER A 31 -14.52 6.20 -2.95
C SER A 31 -13.91 7.42 -3.63
N ALA A 32 -14.62 8.54 -3.56
CA ALA A 32 -14.16 9.78 -4.18
C ALA A 32 -13.26 10.59 -3.22
N ARG A 33 -13.01 10.03 -2.04
CA ARG A 33 -12.18 10.71 -1.05
C ARG A 33 -10.69 10.42 -1.30
N PHE A 34 -10.38 9.72 -2.39
CA PHE A 34 -9.01 9.39 -2.72
C PHE A 34 -8.16 10.65 -2.88
N ASP A 35 -6.96 10.63 -2.33
CA ASP A 35 -6.05 11.77 -2.41
C ASP A 35 -4.76 11.39 -3.13
N ARG A 36 -4.38 12.18 -4.12
CA ARG A 36 -3.16 11.92 -4.89
C ARG A 36 -1.91 12.10 -4.02
N HIS A 37 -2.07 12.71 -2.85
CA HIS A 37 -0.95 12.93 -1.94
C HIS A 37 -0.48 11.62 -1.33
N LEU A 38 -1.42 10.75 -0.98
CA LEU A 38 -1.09 9.46 -0.38
C LEU A 38 -1.38 8.30 -1.33
N PHE A 39 -2.21 8.56 -2.33
CA PHE A 39 -2.56 7.53 -3.31
C PHE A 39 -2.10 7.93 -4.70
N GLN A 40 -1.95 6.93 -5.57
CA GLN A 40 -1.52 7.17 -6.94
C GLN A 40 -2.72 7.26 -7.89
N THR A 41 -2.49 7.79 -9.08
CA THR A 41 -3.56 7.92 -10.07
C THR A 41 -4.07 6.55 -10.52
N ARG A 42 -3.24 5.53 -10.35
CA ARG A 42 -3.62 4.17 -10.73
C ARG A 42 -4.68 3.60 -9.78
N ALA A 43 -4.77 4.17 -8.59
CA ALA A 43 -5.74 3.73 -7.60
C ALA A 43 -7.16 3.93 -8.09
N THR A 44 -7.72 2.89 -8.70
CA THR A 44 -9.09 2.96 -9.22
C THR A 44 -10.04 2.16 -8.36
N THR A 45 -9.54 1.09 -7.75
CA THR A 45 -10.35 0.24 -6.88
C THR A 45 -9.49 -0.41 -5.81
N LEU A 46 -10.13 -1.19 -4.95
CA LEU A 46 -9.43 -1.88 -3.86
C LEU A 46 -8.31 -2.76 -4.41
N GLN A 47 -8.60 -3.43 -5.52
CA GLN A 47 -7.61 -4.31 -6.15
C GLN A 47 -6.41 -3.51 -6.63
N ALA A 48 -6.65 -2.29 -7.08
CA ALA A 48 -5.59 -1.42 -7.56
C ALA A 48 -4.70 -0.95 -6.42
N CYS A 49 -5.32 -0.67 -5.28
CA CYS A 49 -4.59 -0.20 -4.10
C CYS A 49 -3.60 -1.27 -3.63
N LEU A 50 -4.09 -2.51 -3.52
CA LEU A 50 -3.25 -3.62 -3.08
C LEU A 50 -2.14 -3.88 -4.09
N ASP A 51 -2.51 -3.97 -5.36
CA ASP A 51 -1.54 -4.21 -6.43
C ASP A 51 -0.51 -3.10 -6.48
N GLU A 52 -0.95 -1.87 -6.23
CA GLU A 52 -0.07 -0.71 -6.25
C GLU A 52 1.01 -0.84 -5.18
N ALA A 53 0.61 -1.26 -3.98
CA ALA A 53 1.54 -1.43 -2.88
C ALA A 53 2.56 -2.51 -3.19
N GLY A 54 2.10 -3.61 -3.78
CA GLY A 54 2.99 -4.70 -4.12
C GLY A 54 4.05 -4.29 -5.13
N ASP A 55 3.65 -3.47 -6.10
CA ASP A 55 4.57 -3.01 -7.13
C ASP A 55 5.47 -1.89 -6.58
N ASN A 56 4.93 -1.11 -5.65
CA ASN A 56 5.68 -0.02 -5.05
C ASN A 56 6.78 -0.57 -4.14
N LEU A 57 6.42 -1.51 -3.27
CA LEU A 57 7.37 -2.11 -2.35
C LEU A 57 8.42 -2.92 -3.11
N ALA A 58 7.97 -3.66 -4.12
CA ALA A 58 8.86 -4.48 -4.93
C ALA A 58 9.90 -3.61 -5.64
N ALA A 59 9.43 -2.55 -6.29
CA ALA A 59 10.32 -1.64 -7.00
C ALA A 59 11.20 -0.86 -6.02
N LEU A 60 10.68 -0.64 -4.82
CA LEU A 60 11.42 0.09 -3.80
C LEU A 60 12.67 -0.68 -3.38
N ARG A 61 12.50 -1.95 -3.07
CA ARG A 61 13.62 -2.80 -2.67
C ARG A 61 14.58 -3.04 -3.83
N HIS A 62 14.02 -3.12 -5.04
CA HIS A 62 14.83 -3.35 -6.23
C HIS A 62 15.55 -2.07 -6.66
N ALA A 63 14.97 -0.93 -6.31
CA ALA A 63 15.56 0.36 -6.65
C ALA A 63 17.01 0.46 -6.20
N VAL A 64 17.34 -0.24 -5.12
CA VAL A 64 18.70 -0.23 -4.58
C VAL A 64 19.70 -0.72 -5.62
N GLU A 65 19.28 -1.68 -6.44
CA GLU A 65 20.14 -2.24 -7.46
C GLU A 65 20.30 -1.26 -8.63
N GLN A 66 19.32 -0.39 -8.81
CA GLN A 66 19.35 0.59 -9.89
C GLN A 66 19.92 1.93 -9.42
N GLN A 67 20.68 1.89 -8.32
CA GLN A 67 21.28 3.10 -7.78
C GLN A 67 20.21 4.15 -7.46
N GLN A 68 19.07 3.69 -6.96
CA GLN A 68 17.98 4.60 -6.63
C GLN A 68 17.80 4.70 -5.12
N LEU A 69 18.92 4.70 -4.40
CA LEU A 69 18.90 4.79 -2.94
C LEU A 69 18.13 6.02 -2.47
N PRO A 70 18.52 7.23 -2.92
CA PRO A 70 17.84 8.46 -2.53
C PRO A 70 16.37 8.47 -2.94
N GLN A 71 16.04 7.73 -3.98
CA GLN A 71 14.67 7.66 -4.47
C GLN A 71 13.80 6.83 -3.54
N VAL A 72 14.43 5.88 -2.85
CA VAL A 72 13.72 5.00 -1.92
C VAL A 72 12.98 5.82 -0.85
N ALA A 73 13.53 6.98 -0.53
CA ALA A 73 12.92 7.86 0.47
C ALA A 73 11.51 8.26 0.07
N TRP A 74 11.36 8.73 -1.17
CA TRP A 74 10.06 9.15 -1.67
C TRP A 74 9.11 7.97 -1.79
N LEU A 75 9.57 6.91 -2.46
CA LEU A 75 8.76 5.72 -2.64
C LEU A 75 8.37 5.11 -1.30
N ALA A 76 9.26 5.22 -0.32
CA ALA A 76 9.01 4.68 1.01
C ALA A 76 7.84 5.39 1.67
N GLU A 77 7.88 6.72 1.69
CA GLU A 77 6.82 7.51 2.30
C GLU A 77 5.48 7.25 1.61
N HIS A 78 5.53 7.03 0.30
CA HIS A 78 4.32 6.76 -0.47
C HIS A 78 3.73 5.41 -0.09
N LEU A 79 4.59 4.45 0.22
CA LEU A 79 4.15 3.11 0.59
C LEU A 79 3.47 3.13 1.96
N ALA A 80 4.09 3.83 2.91
CA ALA A 80 3.55 3.93 4.26
C ALA A 80 2.22 4.68 4.27
N ALA A 81 2.08 5.64 3.35
CA ALA A 81 0.86 6.42 3.26
C ALA A 81 -0.29 5.60 2.69
N GLN A 82 -0.05 4.97 1.54
CA GLN A 82 -1.07 4.14 0.90
C GLN A 82 -1.44 2.95 1.79
N LEU A 83 -0.47 2.46 2.55
CA LEU A 83 -0.70 1.34 3.44
C LEU A 83 -1.66 1.72 4.56
N GLU A 84 -1.37 2.85 5.21
CA GLU A 84 -2.21 3.34 6.30
C GLU A 84 -3.61 3.69 5.80
N ALA A 85 -3.69 4.12 4.53
CA ALA A 85 -4.96 4.49 3.94
C ALA A 85 -5.87 3.28 3.81
N ILE A 86 -5.33 2.18 3.30
CA ILE A 86 -6.10 0.95 3.11
C ILE A 86 -6.54 0.39 4.47
N ALA A 87 -5.64 0.42 5.44
CA ALA A 87 -5.93 -0.09 6.77
C ALA A 87 -6.96 0.79 7.48
N ARG A 88 -6.72 2.10 7.46
CA ARG A 88 -7.63 3.04 8.09
C ARG A 88 -9.01 2.99 7.46
N GLU A 89 -9.04 2.92 6.13
CA GLU A 89 -10.30 2.86 5.39
C GLU A 89 -11.10 1.63 5.78
N ALA A 90 -10.44 0.47 5.77
CA ALA A 90 -11.09 -0.78 6.12
C ALA A 90 -11.63 -0.74 7.55
N SER A 91 -10.95 0.00 8.42
CA SER A 91 -11.36 0.13 9.81
C SER A 91 -12.61 1.00 9.92
N ALA A 92 -12.69 2.03 9.08
CA ALA A 92 -13.83 2.92 9.10
C ALA A 92 -15.09 2.22 8.60
N TRP A 93 -15.01 1.62 7.41
CA TRP A 93 -16.14 0.92 6.82
C TRP A 93 -16.54 -0.28 7.68
N SER A 94 -15.65 -0.71 8.57
CA SER A 94 -15.92 -1.84 9.45
C SER A 94 -17.28 -1.69 10.13
N LEU A 95 -17.75 -2.78 10.76
CA LEU A 95 -19.02 -2.77 11.45
C LEU A 95 -20.17 -2.50 10.48
N ARG A 96 -20.02 -2.99 9.25
CA ARG A 96 -21.04 -2.80 8.23
C ARG A 96 -20.93 -3.87 7.14
N GLU A 97 -20.42 -5.04 7.53
CA GLU A 97 -20.26 -6.15 6.59
C GLU A 97 -19.39 -5.74 5.41
N TRP A 98 -18.45 -4.84 5.64
CA TRP A 98 -17.56 -4.37 4.59
C TRP A 98 -16.23 -5.12 4.62
N MET A 1 12.24 4.28 15.35
CA MET A 1 13.66 3.85 15.48
C MET A 1 13.88 2.47 14.88
N LYS A 2 15.09 2.24 14.35
CA LYS A 2 15.42 0.97 13.73
C LYS A 2 14.52 0.69 12.55
N THR A 3 15.01 0.99 11.35
CA THR A 3 14.26 0.78 10.13
C THR A 3 14.00 -0.71 9.90
N ALA A 4 14.89 -1.55 10.42
CA ALA A 4 14.76 -3.00 10.27
C ALA A 4 13.54 -3.51 11.04
N LEU A 5 13.18 -2.81 12.12
CA LEU A 5 12.04 -3.21 12.93
C LEU A 5 10.73 -2.90 12.22
N LEU A 6 10.57 -1.65 11.80
CA LEU A 6 9.36 -1.21 11.12
C LEU A 6 9.17 -1.98 9.81
N LEU A 7 10.29 -2.36 9.19
CA LEU A 7 10.25 -3.10 7.93
C LEU A 7 9.51 -4.43 8.09
N GLU A 8 9.79 -5.13 9.19
CA GLU A 8 9.16 -6.41 9.47
C GLU A 8 7.65 -6.26 9.57
N LYS A 9 7.22 -5.18 10.23
CA LYS A 9 5.79 -4.92 10.40
C LYS A 9 5.13 -4.59 9.07
N LEU A 10 5.78 -3.73 8.30
CA LEU A 10 5.25 -3.32 7.00
C LEU A 10 5.10 -4.52 6.07
N GLU A 11 6.03 -5.47 6.20
CA GLU A 11 6.01 -6.67 5.37
C GLU A 11 4.88 -7.61 5.80
N GLY A 12 4.79 -7.87 7.09
CA GLY A 12 3.76 -8.75 7.60
C GLY A 12 2.36 -8.21 7.36
N GLN A 13 2.14 -6.94 7.74
CA GLN A 13 0.84 -6.31 7.56
C GLN A 13 0.48 -6.23 6.08
N LEU A 14 1.46 -5.92 5.24
CA LEU A 14 1.24 -5.82 3.80
C LEU A 14 0.89 -7.18 3.21
N ALA A 15 1.66 -8.19 3.58
CA ALA A 15 1.44 -9.55 3.08
C ALA A 15 0.05 -10.04 3.45
N THR A 16 -0.35 -9.83 4.69
CA THR A 16 -1.65 -10.25 5.17
C THR A 16 -2.77 -9.46 4.51
N LEU A 17 -2.55 -8.16 4.34
CA LEU A 17 -3.53 -7.28 3.72
C LEU A 17 -3.68 -7.61 2.24
N ARG A 18 -2.58 -7.95 1.59
CA ARG A 18 -2.59 -8.28 0.16
C ARG A 18 -3.21 -9.65 -0.07
N GLN A 19 -3.06 -10.54 0.91
CA GLN A 19 -3.60 -11.89 0.81
C GLN A 19 -5.10 -11.90 1.13
N ARG A 20 -5.50 -11.04 2.07
CA ARG A 20 -6.91 -10.95 2.45
C ARG A 20 -7.69 -10.10 1.47
N CYS A 21 -7.08 -9.00 1.01
CA CYS A 21 -7.73 -8.11 0.06
C CYS A 21 -7.40 -8.48 -1.38
N ALA A 22 -6.85 -9.68 -1.57
CA ALA A 22 -6.48 -10.14 -2.91
C ALA A 22 -7.73 -10.35 -3.78
N PRO A 23 -8.64 -11.24 -3.35
CA PRO A 23 -9.87 -11.51 -4.10
C PRO A 23 -10.96 -10.47 -3.86
N VAL A 24 -10.61 -9.20 -4.07
CA VAL A 24 -11.55 -8.10 -3.88
C VAL A 24 -11.73 -7.28 -5.16
N SER A 25 -11.11 -7.72 -6.25
CA SER A 25 -11.21 -7.01 -7.52
C SER A 25 -12.64 -7.00 -8.04
N GLN A 26 -13.40 -8.03 -7.68
CA GLN A 26 -14.79 -8.14 -8.11
C GLN A 26 -15.68 -7.15 -7.35
N PHE A 27 -15.30 -6.85 -6.11
CA PHE A 27 -16.07 -5.92 -5.28
C PHE A 27 -15.21 -4.74 -4.83
N ALA A 28 -14.18 -4.44 -5.62
CA ALA A 28 -13.28 -3.33 -5.30
C ALA A 28 -13.92 -1.98 -5.64
N THR A 29 -14.02 -1.12 -4.64
CA THR A 29 -14.60 0.21 -4.83
C THR A 29 -13.97 1.22 -3.89
N LEU A 30 -13.45 2.31 -4.44
CA LEU A 30 -12.82 3.35 -3.63
C LEU A 30 -13.80 4.51 -3.39
N SER A 31 -13.64 5.15 -2.23
CA SER A 31 -14.51 6.27 -1.87
C SER A 31 -14.09 7.54 -2.59
N ALA A 32 -14.86 8.61 -2.38
CA ALA A 32 -14.58 9.89 -3.01
C ALA A 32 -13.49 10.67 -2.26
N ARG A 33 -12.95 10.07 -1.20
CA ARG A 33 -11.91 10.72 -0.41
C ARG A 33 -10.52 10.30 -0.88
N PHE A 34 -10.43 9.83 -2.12
CA PHE A 34 -9.15 9.39 -2.69
C PHE A 34 -8.19 10.57 -2.79
N ASP A 35 -6.91 10.29 -2.56
CA ASP A 35 -5.88 11.33 -2.63
C ASP A 35 -4.90 11.03 -3.77
N ARG A 36 -4.69 12.02 -4.63
CA ARG A 36 -3.78 11.86 -5.76
C ARG A 36 -2.33 11.76 -5.28
N HIS A 37 -2.05 12.36 -4.13
CA HIS A 37 -0.70 12.33 -3.57
C HIS A 37 -0.44 11.04 -2.80
N LEU A 38 -1.51 10.45 -2.26
CA LEU A 38 -1.39 9.21 -1.51
C LEU A 38 -1.57 8.00 -2.41
N PHE A 39 -2.37 8.16 -3.46
CA PHE A 39 -2.62 7.07 -4.40
C PHE A 39 -2.02 7.39 -5.77
N GLN A 40 -1.91 6.37 -6.61
CA GLN A 40 -1.36 6.53 -7.95
C GLN A 40 -2.46 6.82 -8.95
N THR A 41 -2.07 7.10 -10.20
CA THR A 41 -3.03 7.41 -11.25
C THR A 41 -3.87 6.19 -11.59
N ARG A 42 -3.32 5.00 -11.37
CA ARG A 42 -4.03 3.76 -11.66
C ARG A 42 -4.71 3.21 -10.40
N ALA A 43 -4.94 4.08 -9.42
CA ALA A 43 -5.58 3.68 -8.18
C ALA A 43 -6.98 4.27 -8.07
N THR A 44 -7.98 3.48 -8.45
CA THR A 44 -9.37 3.93 -8.40
C THR A 44 -10.25 2.94 -7.65
N THR A 45 -9.65 1.89 -7.10
CA THR A 45 -10.39 0.87 -6.37
C THR A 45 -9.49 0.12 -5.39
N LEU A 46 -10.09 -0.78 -4.61
CA LEU A 46 -9.34 -1.56 -3.64
C LEU A 46 -8.23 -2.36 -4.32
N GLN A 47 -8.60 -3.15 -5.32
CA GLN A 47 -7.64 -3.97 -6.05
C GLN A 47 -6.55 -3.09 -6.65
N ALA A 48 -6.91 -1.87 -7.02
CA ALA A 48 -5.95 -0.93 -7.60
C ALA A 48 -4.87 -0.58 -6.60
N CYS A 49 -5.27 -0.35 -5.36
CA CYS A 49 -4.32 -0.01 -4.30
C CYS A 49 -3.41 -1.19 -4.00
N LEU A 50 -3.96 -2.39 -4.04
CA LEU A 50 -3.20 -3.60 -3.76
C LEU A 50 -2.10 -3.78 -4.80
N ASP A 51 -2.46 -3.67 -6.08
CA ASP A 51 -1.52 -3.81 -7.17
C ASP A 51 -0.45 -2.72 -7.10
N GLU A 52 -0.85 -1.54 -6.62
CA GLU A 52 0.07 -0.42 -6.51
C GLU A 52 1.15 -0.72 -5.48
N ALA A 53 0.75 -1.28 -4.34
CA ALA A 53 1.69 -1.61 -3.28
C ALA A 53 2.69 -2.66 -3.75
N GLY A 54 2.20 -3.65 -4.49
CA GLY A 54 3.06 -4.70 -4.99
C GLY A 54 4.10 -4.18 -5.95
N ASP A 55 3.70 -3.22 -6.80
CA ASP A 55 4.61 -2.63 -7.76
C ASP A 55 5.54 -1.63 -7.09
N ASN A 56 5.04 -0.98 -6.05
CA ASN A 56 5.82 0.01 -5.31
C ASN A 56 6.94 -0.67 -4.54
N LEU A 57 6.59 -1.74 -3.82
CA LEU A 57 7.56 -2.48 -3.02
C LEU A 57 8.56 -3.20 -3.92
N ALA A 58 8.06 -3.74 -5.02
CA ALA A 58 8.90 -4.47 -5.97
C ALA A 58 9.97 -3.55 -6.54
N ALA A 59 9.55 -2.39 -7.04
CA ALA A 59 10.47 -1.42 -7.62
C ALA A 59 11.35 -0.80 -6.54
N LEU A 60 10.82 -0.72 -5.33
CA LEU A 60 11.57 -0.15 -4.21
C LEU A 60 12.74 -1.05 -3.83
N ARG A 61 12.48 -2.35 -3.72
CA ARG A 61 13.51 -3.31 -3.37
C ARG A 61 14.55 -3.42 -4.48
N HIS A 62 14.10 -3.32 -5.72
CA HIS A 62 14.98 -3.40 -6.87
C HIS A 62 15.75 -2.10 -7.06
N ALA A 63 15.12 -0.99 -6.68
CA ALA A 63 15.74 0.32 -6.80
C ALA A 63 17.06 0.39 -6.04
N VAL A 64 17.06 -0.14 -4.82
CA VAL A 64 18.28 -0.13 -3.99
C VAL A 64 19.44 -0.80 -4.71
N GLU A 65 19.12 -1.74 -5.60
CA GLU A 65 20.14 -2.45 -6.36
C GLU A 65 20.72 -1.57 -7.46
N GLN A 66 19.90 -0.67 -7.99
CA GLN A 66 20.32 0.24 -9.04
C GLN A 66 20.71 1.61 -8.48
N GLN A 67 21.03 1.64 -7.19
CA GLN A 67 21.42 2.89 -6.54
C GLN A 67 20.31 3.93 -6.64
N GLN A 68 19.07 3.49 -6.46
CA GLN A 68 17.92 4.39 -6.52
C GLN A 68 17.49 4.81 -5.13
N LEU A 69 18.47 5.01 -4.24
CA LEU A 69 18.19 5.41 -2.87
C LEU A 69 17.17 6.56 -2.80
N PRO A 70 17.42 7.67 -3.51
CA PRO A 70 16.51 8.82 -3.51
C PRO A 70 15.12 8.45 -3.98
N GLN A 71 15.03 7.43 -4.82
CA GLN A 71 13.74 6.96 -5.34
C GLN A 71 13.01 6.13 -4.30
N VAL A 72 13.77 5.42 -3.47
CA VAL A 72 13.19 4.57 -2.44
C VAL A 72 12.37 5.41 -1.45
N ALA A 73 12.81 6.63 -1.20
CA ALA A 73 12.12 7.52 -0.28
C ALA A 73 10.68 7.78 -0.74
N TRP A 74 10.51 7.97 -2.04
CA TRP A 74 9.20 8.23 -2.61
C TRP A 74 8.33 6.98 -2.54
N LEU A 75 8.88 5.85 -2.97
CA LEU A 75 8.16 4.58 -2.95
C LEU A 75 7.84 4.15 -1.52
N ALA A 76 8.71 4.53 -0.59
CA ALA A 76 8.53 4.19 0.82
C ALA A 76 7.34 4.94 1.42
N GLU A 77 7.36 6.26 1.29
CA GLU A 77 6.29 7.09 1.82
C GLU A 77 4.96 6.75 1.17
N HIS A 78 5.01 6.29 -0.08
CA HIS A 78 3.80 5.93 -0.82
C HIS A 78 3.22 4.62 -0.29
N LEU A 79 4.09 3.67 0.02
CA LEU A 79 3.66 2.38 0.52
C LEU A 79 3.04 2.52 1.90
N ALA A 80 3.67 3.31 2.76
CA ALA A 80 3.17 3.54 4.11
C ALA A 80 1.81 4.21 4.10
N ALA A 81 1.67 5.24 3.26
CA ALA A 81 0.42 5.97 3.14
C ALA A 81 -0.68 5.10 2.54
N GLN A 82 -0.28 4.19 1.66
CA GLN A 82 -1.22 3.29 1.00
C GLN A 82 -1.80 2.29 2.00
N LEU A 83 -0.92 1.65 2.76
CA LEU A 83 -1.34 0.67 3.75
C LEU A 83 -2.26 1.30 4.79
N GLU A 84 -1.90 2.49 5.24
CA GLU A 84 -2.71 3.20 6.23
C GLU A 84 -4.07 3.58 5.67
N ALA A 85 -4.09 4.02 4.41
CA ALA A 85 -5.33 4.42 3.76
C ALA A 85 -6.30 3.24 3.67
N ILE A 86 -5.79 2.07 3.30
CA ILE A 86 -6.61 0.88 3.18
C ILE A 86 -7.20 0.48 4.54
N ALA A 87 -6.37 0.53 5.57
CA ALA A 87 -6.81 0.19 6.92
C ALA A 87 -7.72 1.26 7.50
N ARG A 88 -7.50 2.51 7.08
CA ARG A 88 -8.31 3.62 7.55
C ARG A 88 -9.73 3.54 7.01
N GLU A 89 -9.86 3.44 5.70
CA GLU A 89 -11.17 3.35 5.07
C GLU A 89 -11.89 2.06 5.48
N ALA A 90 -11.12 0.99 5.65
CA ALA A 90 -11.68 -0.30 6.04
C ALA A 90 -12.29 -0.23 7.44
N SER A 91 -11.62 0.50 8.33
CA SER A 91 -12.10 0.64 9.70
C SER A 91 -13.27 1.62 9.77
N ALA A 92 -13.32 2.55 8.83
CA ALA A 92 -14.40 3.55 8.79
C ALA A 92 -15.73 2.89 8.45
N TRP A 93 -15.80 2.28 7.27
CA TRP A 93 -17.02 1.63 6.82
C TRP A 93 -17.49 0.57 7.81
N SER A 94 -16.53 -0.04 8.50
CA SER A 94 -16.84 -1.07 9.49
C SER A 94 -15.73 -1.19 10.53
N LEU A 95 -16.08 -1.62 11.73
CA LEU A 95 -15.12 -1.77 12.81
C LEU A 95 -14.63 -3.22 12.90
N ARG A 96 -14.17 -3.75 11.78
CA ARG A 96 -13.67 -5.12 11.72
C ARG A 96 -12.65 -5.30 10.60
N GLU A 97 -12.00 -4.20 10.23
CA GLU A 97 -11.00 -4.24 9.15
C GLU A 97 -11.58 -4.83 7.88
N TRP A 98 -12.63 -4.20 7.36
CA TRP A 98 -13.28 -4.66 6.14
C TRP A 98 -13.83 -6.07 6.32
N MET A 1 14.47 2.37 17.53
CA MET A 1 13.97 2.85 16.21
C MET A 1 14.98 2.56 15.11
N LYS A 2 14.55 1.79 14.11
CA LYS A 2 15.41 1.44 12.99
C LYS A 2 14.61 1.29 11.71
N THR A 3 15.28 1.45 10.57
CA THR A 3 14.62 1.33 9.27
C THR A 3 14.38 -0.13 8.91
N ALA A 4 15.23 -1.02 9.44
CA ALA A 4 15.11 -2.44 9.17
C ALA A 4 13.73 -2.97 9.54
N LEU A 5 13.35 -2.78 10.80
CA LEU A 5 12.05 -3.23 11.29
C LEU A 5 10.92 -2.62 10.47
N LEU A 6 11.15 -1.41 9.96
CA LEU A 6 10.14 -0.72 9.16
C LEU A 6 9.86 -1.47 7.86
N LEU A 7 10.93 -1.85 7.17
CA LEU A 7 10.80 -2.57 5.90
C LEU A 7 10.20 -3.96 6.14
N GLU A 8 10.55 -4.57 7.27
CA GLU A 8 10.05 -5.89 7.62
C GLU A 8 8.54 -5.86 7.86
N LYS A 9 8.10 -4.88 8.64
CA LYS A 9 6.68 -4.74 8.94
C LYS A 9 5.87 -4.50 7.67
N LEU A 10 6.42 -3.70 6.77
CA LEU A 10 5.74 -3.39 5.51
C LEU A 10 5.50 -4.67 4.71
N GLU A 11 6.55 -5.44 4.48
CA GLU A 11 6.45 -6.68 3.73
C GLU A 11 5.48 -7.65 4.40
N GLY A 12 5.61 -7.79 5.71
CA GLY A 12 4.75 -8.69 6.46
C GLY A 12 3.28 -8.34 6.30
N GLN A 13 2.96 -7.06 6.43
CA GLN A 13 1.58 -6.60 6.30
C GLN A 13 1.09 -6.71 4.86
N LEU A 14 1.94 -6.29 3.92
CA LEU A 14 1.60 -6.33 2.51
C LEU A 14 1.27 -7.75 2.07
N ALA A 15 2.15 -8.69 2.39
CA ALA A 15 1.95 -10.09 2.02
C ALA A 15 0.67 -10.65 2.62
N THR A 16 0.49 -10.45 3.93
CA THR A 16 -0.69 -10.92 4.63
C THR A 16 -1.95 -10.25 4.10
N LEU A 17 -1.84 -8.97 3.77
CA LEU A 17 -2.97 -8.21 3.26
C LEU A 17 -3.32 -8.62 1.84
N ARG A 18 -2.29 -8.87 1.04
CA ARG A 18 -2.48 -9.27 -0.36
C ARG A 18 -3.00 -10.70 -0.46
N GLN A 19 -2.71 -11.51 0.56
CA GLN A 19 -3.15 -12.89 0.58
C GLN A 19 -4.63 -13.00 0.95
N ARG A 20 -5.02 -12.29 2.01
CA ARG A 20 -6.41 -12.31 2.47
C ARG A 20 -7.27 -11.36 1.64
N CYS A 21 -6.70 -10.22 1.27
CA CYS A 21 -7.44 -9.23 0.49
C CYS A 21 -7.22 -9.43 -1.01
N ALA A 22 -6.67 -10.59 -1.39
CA ALA A 22 -6.42 -10.90 -2.79
C ALA A 22 -7.72 -10.96 -3.58
N PRO A 23 -8.62 -11.88 -3.23
CA PRO A 23 -9.91 -12.04 -3.92
C PRO A 23 -10.92 -10.98 -3.50
N VAL A 24 -10.61 -9.72 -3.79
CA VAL A 24 -11.49 -8.61 -3.45
C VAL A 24 -11.93 -7.82 -4.69
N SER A 25 -11.37 -8.17 -5.85
CA SER A 25 -11.71 -7.49 -7.10
C SER A 25 -13.21 -7.58 -7.39
N GLN A 26 -13.84 -8.61 -6.84
CA GLN A 26 -15.28 -8.81 -7.04
C GLN A 26 -16.08 -7.66 -6.45
N PHE A 27 -15.81 -7.34 -5.19
CA PHE A 27 -16.52 -6.25 -4.50
C PHE A 27 -15.56 -5.14 -4.12
N ALA A 28 -14.47 -5.01 -4.86
CA ALA A 28 -13.48 -3.97 -4.61
C ALA A 28 -13.99 -2.60 -5.03
N THR A 29 -14.02 -1.67 -4.09
CA THR A 29 -14.50 -0.32 -4.36
C THR A 29 -13.80 0.70 -3.47
N LEU A 30 -13.30 1.77 -4.08
CA LEU A 30 -12.60 2.82 -3.34
C LEU A 30 -13.44 4.09 -3.27
N SER A 31 -13.37 4.78 -2.12
CA SER A 31 -14.13 6.00 -1.93
C SER A 31 -13.72 7.07 -2.94
N ALA A 32 -14.60 8.02 -3.19
CA ALA A 32 -14.32 9.10 -4.14
C ALA A 32 -13.53 10.24 -3.48
N ARG A 33 -13.21 10.07 -2.21
CA ARG A 33 -12.46 11.09 -1.47
C ARG A 33 -10.96 10.79 -1.47
N PHE A 34 -10.52 9.98 -2.43
CA PHE A 34 -9.12 9.61 -2.52
C PHE A 34 -8.25 10.84 -2.80
N ASP A 35 -6.98 10.75 -2.42
CA ASP A 35 -6.05 11.86 -2.62
C ASP A 35 -4.86 11.39 -3.46
N ARG A 36 -4.76 11.92 -4.68
CA ARG A 36 -3.67 11.56 -5.59
C ARG A 36 -2.31 11.74 -4.91
N HIS A 37 -2.24 12.62 -3.92
CA HIS A 37 -1.00 12.88 -3.21
C HIS A 37 -0.60 11.68 -2.34
N LEU A 38 -1.59 10.88 -1.94
CA LEU A 38 -1.33 9.72 -1.12
C LEU A 38 -1.53 8.42 -1.90
N PHE A 39 -2.34 8.49 -2.96
CA PHE A 39 -2.61 7.32 -3.79
C PHE A 39 -2.06 7.52 -5.20
N GLN A 40 -1.97 6.42 -5.95
CA GLN A 40 -1.45 6.47 -7.30
C GLN A 40 -2.59 6.69 -8.31
N THR A 41 -2.23 6.85 -9.58
CA THR A 41 -3.21 7.07 -10.63
C THR A 41 -4.05 5.81 -10.87
N ARG A 42 -3.44 4.65 -10.63
CA ARG A 42 -4.12 3.38 -10.82
C ARG A 42 -5.09 3.10 -9.67
N ALA A 43 -4.87 3.76 -8.53
CA ALA A 43 -5.73 3.58 -7.37
C ALA A 43 -7.19 3.88 -7.70
N THR A 44 -7.91 2.86 -8.15
CA THR A 44 -9.31 3.02 -8.49
C THR A 44 -10.21 2.18 -7.58
N THR A 45 -9.69 1.03 -7.15
CA THR A 45 -10.43 0.14 -6.27
C THR A 45 -9.51 -0.53 -5.26
N LEU A 46 -10.08 -1.37 -4.41
CA LEU A 46 -9.31 -2.07 -3.39
C LEU A 46 -8.20 -2.91 -4.01
N GLN A 47 -8.57 -3.70 -5.02
CA GLN A 47 -7.61 -4.55 -5.71
C GLN A 47 -6.48 -3.73 -6.32
N ALA A 48 -6.84 -2.55 -6.84
CA ALA A 48 -5.86 -1.66 -7.44
C ALA A 48 -4.86 -1.14 -6.42
N CYS A 49 -5.35 -0.90 -5.20
CA CYS A 49 -4.50 -0.40 -4.13
C CYS A 49 -3.46 -1.45 -3.72
N LEU A 50 -3.91 -2.70 -3.63
CA LEU A 50 -3.03 -3.79 -3.26
C LEU A 50 -1.90 -3.96 -4.27
N ASP A 51 -2.26 -4.00 -5.55
CA ASP A 51 -1.28 -4.14 -6.62
C ASP A 51 -0.32 -2.96 -6.65
N GLU A 52 -0.82 -1.79 -6.26
CA GLU A 52 -0.01 -0.57 -6.24
C GLU A 52 1.11 -0.70 -5.23
N ALA A 53 0.75 -0.98 -3.97
CA ALA A 53 1.74 -1.12 -2.91
C ALA A 53 2.73 -2.24 -3.22
N GLY A 54 2.23 -3.33 -3.81
CA GLY A 54 3.08 -4.44 -4.14
C GLY A 54 4.15 -4.07 -5.16
N ASP A 55 3.77 -3.25 -6.14
CA ASP A 55 4.70 -2.81 -7.17
C ASP A 55 5.70 -1.81 -6.62
N ASN A 56 5.24 -0.98 -5.69
CA ASN A 56 6.10 0.03 -5.07
C ASN A 56 7.15 -0.62 -4.19
N LEU A 57 6.72 -1.58 -3.38
CA LEU A 57 7.62 -2.29 -2.48
C LEU A 57 8.68 -3.06 -3.27
N ALA A 58 8.24 -3.78 -4.30
CA ALA A 58 9.14 -4.56 -5.12
C ALA A 58 10.10 -3.67 -5.89
N ALA A 59 9.57 -2.57 -6.45
CA ALA A 59 10.38 -1.63 -7.20
C ALA A 59 11.32 -0.84 -6.28
N LEU A 60 10.87 -0.62 -5.05
CA LEU A 60 11.67 0.11 -4.08
C LEU A 60 12.90 -0.70 -3.67
N ARG A 61 12.68 -1.95 -3.29
CA ARG A 61 13.77 -2.83 -2.88
C ARG A 61 14.72 -3.10 -4.04
N HIS A 62 14.16 -3.18 -5.24
CA HIS A 62 14.96 -3.44 -6.44
C HIS A 62 15.69 -2.17 -6.88
N ALA A 63 15.11 -1.02 -6.57
CA ALA A 63 15.70 0.26 -6.95
C ALA A 63 17.10 0.42 -6.36
N VAL A 64 17.28 -0.02 -5.12
CA VAL A 64 18.56 0.09 -4.45
C VAL A 64 19.67 -0.57 -5.26
N GLU A 65 19.30 -1.59 -6.04
CA GLU A 65 20.27 -2.30 -6.88
C GLU A 65 20.77 -1.41 -8.00
N GLN A 66 19.91 -0.48 -8.45
CA GLN A 66 20.27 0.42 -9.53
C GLN A 66 20.78 1.76 -8.98
N GLN A 67 21.24 1.75 -7.73
CA GLN A 67 21.76 2.96 -7.10
C GLN A 67 20.67 4.04 -7.02
N GLN A 68 19.45 3.61 -6.70
CA GLN A 68 18.33 4.55 -6.59
C GLN A 68 17.93 4.74 -5.14
N LEU A 69 18.91 4.76 -4.24
CA LEU A 69 18.65 4.93 -2.82
C LEU A 69 17.78 6.17 -2.55
N PRO A 70 18.08 7.31 -3.21
CA PRO A 70 17.32 8.54 -3.03
C PRO A 70 15.83 8.36 -3.34
N GLN A 71 15.55 7.52 -4.34
CA GLN A 71 14.17 7.24 -4.74
C GLN A 71 13.41 6.51 -3.64
N VAL A 72 14.14 5.72 -2.85
CA VAL A 72 13.54 4.96 -1.76
C VAL A 72 12.81 5.88 -0.80
N ALA A 73 13.29 7.11 -0.68
CA ALA A 73 12.68 8.08 0.22
C ALA A 73 11.23 8.38 -0.18
N TRP A 74 11.04 8.71 -1.44
CA TRP A 74 9.70 9.00 -1.96
C TRP A 74 8.82 7.76 -1.95
N LEU A 75 9.36 6.66 -2.47
CA LEU A 75 8.63 5.40 -2.52
C LEU A 75 8.25 4.94 -1.13
N ALA A 76 9.16 5.14 -0.17
CA ALA A 76 8.92 4.75 1.21
C ALA A 76 7.71 5.47 1.79
N GLU A 77 7.73 6.80 1.69
CA GLU A 77 6.64 7.61 2.22
C GLU A 77 5.33 7.25 1.53
N HIS A 78 5.39 7.00 0.22
CA HIS A 78 4.21 6.65 -0.55
C HIS A 78 3.64 5.31 -0.10
N LEU A 79 4.53 4.34 0.11
CA LEU A 79 4.12 3.00 0.55
C LEU A 79 3.45 3.07 1.91
N ALA A 80 4.08 3.75 2.85
CA ALA A 80 3.54 3.90 4.20
C ALA A 80 2.17 4.57 4.17
N ALA A 81 2.01 5.52 3.25
CA ALA A 81 0.75 6.25 3.12
C ALA A 81 -0.36 5.33 2.62
N GLN A 82 0.01 4.40 1.74
CA GLN A 82 -0.97 3.46 1.18
C GLN A 82 -1.44 2.47 2.23
N LEU A 83 -0.49 1.83 2.90
CA LEU A 83 -0.81 0.85 3.94
C LEU A 83 -1.61 1.51 5.07
N GLU A 84 -1.17 2.71 5.48
CA GLU A 84 -1.85 3.43 6.55
C GLU A 84 -3.26 3.84 6.13
N ALA A 85 -3.41 4.22 4.87
CA ALA A 85 -4.70 4.63 4.34
C ALA A 85 -5.69 3.47 4.36
N ILE A 86 -5.23 2.30 3.92
CA ILE A 86 -6.06 1.11 3.87
C ILE A 86 -6.52 0.71 5.27
N ALA A 87 -5.61 0.85 6.25
CA ALA A 87 -5.93 0.50 7.63
C ALA A 87 -6.95 1.48 8.22
N ARG A 88 -6.79 2.75 7.88
CA ARG A 88 -7.71 3.78 8.38
C ARG A 88 -9.09 3.62 7.77
N GLU A 89 -9.16 3.55 6.45
CA GLU A 89 -10.43 3.40 5.75
C GLU A 89 -11.12 2.10 6.16
N ALA A 90 -10.35 1.02 6.24
CA ALA A 90 -10.88 -0.27 6.62
C ALA A 90 -11.48 -0.23 8.03
N SER A 91 -10.82 0.51 8.92
CA SER A 91 -11.28 0.63 10.30
C SER A 91 -12.57 1.44 10.36
N ALA A 92 -12.72 2.39 9.45
CA ALA A 92 -13.90 3.23 9.41
C ALA A 92 -15.13 2.43 8.99
N TRP A 93 -15.04 1.75 7.86
CA TRP A 93 -16.14 0.95 7.35
C TRP A 93 -16.53 -0.14 8.35
N SER A 94 -15.55 -0.59 9.14
CA SER A 94 -15.79 -1.62 10.14
C SER A 94 -16.87 -1.20 11.13
N LEU A 95 -17.43 -2.17 11.84
CA LEU A 95 -18.47 -1.89 12.82
C LEU A 95 -19.69 -1.28 12.16
N ARG A 96 -19.90 -1.59 10.88
CA ARG A 96 -21.03 -1.07 10.13
C ARG A 96 -21.29 -1.90 8.88
N GLU A 97 -20.95 -3.18 8.94
CA GLU A 97 -21.15 -4.08 7.81
C GLU A 97 -20.55 -3.50 6.53
N TRP A 98 -19.51 -2.68 6.69
CA TRP A 98 -18.85 -2.05 5.54
C TRP A 98 -19.83 -1.21 4.73
N MET A 1 16.63 3.18 14.65
CA MET A 1 15.64 2.85 13.59
C MET A 1 16.32 2.39 12.31
N LYS A 2 16.67 1.10 12.25
CA LYS A 2 17.33 0.54 11.08
C LYS A 2 16.37 0.46 9.90
N THR A 3 16.93 0.27 8.71
CA THR A 3 16.13 0.17 7.49
C THR A 3 15.36 -1.15 7.45
N ALA A 4 15.95 -2.19 8.03
CA ALA A 4 15.33 -3.50 8.06
C ALA A 4 13.98 -3.46 8.77
N LEU A 5 13.87 -2.60 9.78
CA LEU A 5 12.64 -2.46 10.54
C LEU A 5 11.49 -2.03 9.64
N LEU A 6 11.70 -0.95 8.90
CA LEU A 6 10.67 -0.44 7.99
C LEU A 6 10.32 -1.47 6.93
N LEU A 7 11.32 -2.24 6.50
CA LEU A 7 11.12 -3.26 5.48
C LEU A 7 10.22 -4.38 6.00
N GLU A 8 10.59 -4.93 7.16
CA GLU A 8 9.82 -6.01 7.76
C GLU A 8 8.40 -5.56 8.09
N LYS A 9 8.28 -4.36 8.64
CA LYS A 9 6.97 -3.80 8.99
C LYS A 9 6.08 -3.67 7.76
N LEU A 10 6.57 -2.97 6.74
CA LEU A 10 5.82 -2.77 5.51
C LEU A 10 5.51 -4.11 4.85
N GLU A 11 6.43 -5.06 4.98
CA GLU A 11 6.25 -6.38 4.39
C GLU A 11 5.15 -7.16 5.10
N GLY A 12 5.19 -7.15 6.43
CA GLY A 12 4.19 -7.86 7.20
C GLY A 12 2.78 -7.33 6.95
N GLN A 13 2.64 -6.01 6.92
CA GLN A 13 1.35 -5.38 6.70
C GLN A 13 0.85 -5.67 5.28
N LEU A 14 1.68 -5.38 4.28
CA LEU A 14 1.31 -5.61 2.90
C LEU A 14 1.01 -7.08 2.65
N ALA A 15 1.75 -7.95 3.32
CA ALA A 15 1.56 -9.39 3.17
C ALA A 15 0.15 -9.80 3.60
N THR A 16 -0.25 -9.39 4.79
CA THR A 16 -1.59 -9.72 5.31
C THR A 16 -2.66 -9.00 4.51
N LEU A 17 -2.35 -7.79 4.07
CA LEU A 17 -3.30 -6.99 3.29
C LEU A 17 -3.49 -7.57 1.89
N ARG A 18 -2.44 -8.21 1.38
CA ARG A 18 -2.49 -8.80 0.04
C ARG A 18 -3.34 -10.07 0.05
N GLN A 19 -3.09 -10.96 1.01
CA GLN A 19 -3.84 -12.21 1.11
C GLN A 19 -5.29 -11.96 1.51
N ARG A 20 -5.52 -10.89 2.27
CA ARG A 20 -6.86 -10.53 2.72
C ARG A 20 -7.64 -9.81 1.63
N CYS A 21 -6.93 -8.99 0.86
CA CYS A 21 -7.57 -8.22 -0.21
C CYS A 21 -7.22 -8.79 -1.59
N ALA A 22 -6.68 -10.00 -1.60
CA ALA A 22 -6.31 -10.65 -2.86
C ALA A 22 -7.53 -11.00 -3.70
N PRO A 23 -8.46 -11.81 -3.14
CA PRO A 23 -9.67 -12.22 -3.84
C PRO A 23 -10.82 -11.22 -3.70
N VAL A 24 -10.51 -9.92 -3.80
CA VAL A 24 -11.53 -8.89 -3.67
C VAL A 24 -11.57 -7.98 -4.91
N SER A 25 -10.81 -8.34 -5.93
CA SER A 25 -10.76 -7.56 -7.16
C SER A 25 -12.14 -7.45 -7.79
N GLN A 26 -12.96 -8.48 -7.61
CA GLN A 26 -14.30 -8.49 -8.17
C GLN A 26 -15.24 -7.57 -7.38
N PHE A 27 -14.94 -7.38 -6.10
CA PHE A 27 -15.75 -6.52 -5.25
C PHE A 27 -14.92 -5.37 -4.67
N ALA A 28 -13.86 -5.00 -5.38
CA ALA A 28 -12.98 -3.92 -4.93
C ALA A 28 -13.60 -2.55 -5.24
N THR A 29 -13.68 -1.72 -4.21
CA THR A 29 -14.24 -0.38 -4.37
C THR A 29 -13.57 0.61 -3.41
N LEU A 30 -13.05 1.69 -3.97
CA LEU A 30 -12.38 2.71 -3.17
C LEU A 30 -13.25 3.95 -3.01
N SER A 31 -13.10 4.64 -1.89
CA SER A 31 -13.89 5.84 -1.61
C SER A 31 -13.63 6.90 -2.67
N ALA A 32 -14.57 7.84 -2.80
CA ALA A 32 -14.44 8.90 -3.79
C ALA A 32 -13.55 10.03 -3.28
N ARG A 33 -13.06 9.90 -2.04
CA ARG A 33 -12.20 10.91 -1.45
C ARG A 33 -10.73 10.54 -1.60
N PHE A 34 -10.44 9.68 -2.58
CA PHE A 34 -9.07 9.24 -2.84
C PHE A 34 -8.19 10.42 -3.25
N ASP A 35 -6.94 10.39 -2.80
CA ASP A 35 -5.99 11.45 -3.13
C ASP A 35 -4.79 10.90 -3.88
N ARG A 36 -4.46 11.51 -5.01
CA ARG A 36 -3.33 11.06 -5.82
C ARG A 36 -2.01 11.23 -5.06
N HIS A 37 -2.02 12.05 -4.01
CA HIS A 37 -0.82 12.28 -3.21
C HIS A 37 -0.44 11.04 -2.41
N LEU A 38 -1.45 10.28 -2.01
CA LEU A 38 -1.22 9.06 -1.23
C LEU A 38 -1.52 7.82 -2.04
N PHE A 39 -2.36 7.97 -3.08
CA PHE A 39 -2.73 6.85 -3.93
C PHE A 39 -2.17 7.04 -5.33
N GLN A 40 -2.17 5.95 -6.12
CA GLN A 40 -1.67 5.99 -7.48
C GLN A 40 -2.70 6.61 -8.42
N THR A 41 -2.22 7.21 -9.50
CA THR A 41 -3.10 7.85 -10.48
C THR A 41 -4.11 6.85 -11.03
N ARG A 42 -3.72 5.58 -11.10
CA ARG A 42 -4.59 4.53 -11.61
C ARG A 42 -5.19 3.71 -10.48
N ALA A 43 -5.22 4.29 -9.27
CA ALA A 43 -5.77 3.60 -8.11
C ALA A 43 -7.21 4.03 -7.86
N THR A 44 -8.15 3.23 -8.36
CA THR A 44 -9.57 3.52 -8.18
C THR A 44 -10.28 2.41 -7.41
N THR A 45 -9.57 1.31 -7.16
CA THR A 45 -10.15 0.18 -6.42
C THR A 45 -9.11 -0.44 -5.49
N LEU A 46 -9.59 -1.32 -4.61
CA LEU A 46 -8.72 -1.99 -3.65
C LEU A 46 -7.64 -2.80 -4.38
N GLN A 47 -8.07 -3.61 -5.35
CA GLN A 47 -7.14 -4.44 -6.10
C GLN A 47 -6.21 -3.58 -6.95
N ALA A 48 -6.74 -2.48 -7.47
CA ALA A 48 -5.95 -1.57 -8.30
C ALA A 48 -4.81 -0.95 -7.49
N CYS A 49 -5.16 -0.34 -6.37
CA CYS A 49 -4.17 0.30 -5.50
C CYS A 49 -3.25 -0.76 -4.88
N LEU A 50 -3.82 -1.91 -4.55
CA LEU A 50 -3.06 -2.99 -3.95
C LEU A 50 -1.98 -3.48 -4.91
N ASP A 51 -2.37 -3.71 -6.16
CA ASP A 51 -1.44 -4.17 -7.18
C ASP A 51 -0.31 -3.17 -7.37
N GLU A 52 -0.66 -1.90 -7.50
CA GLU A 52 0.32 -0.85 -7.68
C GLU A 52 1.22 -0.72 -6.46
N ALA A 53 0.63 -0.91 -5.28
CA ALA A 53 1.37 -0.83 -4.03
C ALA A 53 2.51 -1.84 -4.01
N GLY A 54 2.19 -3.08 -4.36
CA GLY A 54 3.20 -4.13 -4.38
C GLY A 54 4.21 -3.93 -5.48
N ASP A 55 3.78 -3.30 -6.57
CA ASP A 55 4.67 -3.04 -7.70
C ASP A 55 5.85 -2.17 -7.28
N ASN A 56 5.55 -0.98 -6.75
CA ASN A 56 6.58 -0.07 -6.31
C ASN A 56 7.35 -0.65 -5.12
N LEU A 57 6.66 -1.43 -4.30
CA LEU A 57 7.29 -2.05 -3.13
C LEU A 57 8.42 -2.98 -3.56
N ALA A 58 8.11 -3.87 -4.50
CA ALA A 58 9.11 -4.81 -5.00
C ALA A 58 10.29 -4.08 -5.62
N ALA A 59 9.99 -3.12 -6.49
CA ALA A 59 11.03 -2.33 -7.15
C ALA A 59 11.81 -1.50 -6.14
N LEU A 60 11.15 -1.11 -5.06
CA LEU A 60 11.78 -0.32 -4.01
C LEU A 60 12.87 -1.12 -3.31
N ARG A 61 12.51 -2.30 -2.82
CA ARG A 61 13.46 -3.17 -2.13
C ARG A 61 14.62 -3.53 -3.04
N HIS A 62 14.33 -3.72 -4.32
CA HIS A 62 15.34 -4.07 -5.31
C HIS A 62 16.17 -2.85 -5.70
N ALA A 63 15.56 -1.67 -5.58
CA ALA A 63 16.24 -0.42 -5.92
C ALA A 63 17.55 -0.27 -5.16
N VAL A 64 17.63 -0.91 -3.99
CA VAL A 64 18.82 -0.84 -3.16
C VAL A 64 20.07 -1.25 -3.96
N GLU A 65 19.87 -2.13 -4.94
CA GLU A 65 20.98 -2.60 -5.77
C GLU A 65 21.39 -1.53 -6.77
N GLN A 66 20.43 -0.71 -7.18
CA GLN A 66 20.70 0.36 -8.15
C GLN A 66 21.00 1.69 -7.43
N GLN A 67 21.34 1.60 -6.14
CA GLN A 67 21.64 2.80 -5.37
C GLN A 67 20.51 3.82 -5.45
N GLN A 68 19.31 3.40 -5.08
CA GLN A 68 18.15 4.28 -5.11
C GLN A 68 17.69 4.64 -3.70
N LEU A 69 18.65 4.80 -2.80
CA LEU A 69 18.35 5.15 -1.41
C LEU A 69 17.56 6.46 -1.32
N PRO A 70 17.95 7.50 -2.09
CA PRO A 70 17.27 8.79 -2.08
C PRO A 70 15.80 8.68 -2.51
N GLN A 71 15.52 7.68 -3.36
CA GLN A 71 14.17 7.47 -3.86
C GLN A 71 13.31 6.76 -2.80
N VAL A 72 13.96 6.00 -1.93
CA VAL A 72 13.25 5.27 -0.89
C VAL A 72 12.42 6.21 -0.02
N ALA A 73 12.89 7.45 0.12
CA ALA A 73 12.18 8.44 0.91
C ALA A 73 10.82 8.76 0.32
N TRP A 74 10.80 9.11 -0.96
CA TRP A 74 9.56 9.44 -1.64
C TRP A 74 8.65 8.22 -1.73
N LEU A 75 9.21 7.09 -2.15
CA LEU A 75 8.44 5.86 -2.26
C LEU A 75 7.94 5.40 -0.90
N ALA A 76 8.71 5.69 0.14
CA ALA A 76 8.34 5.30 1.49
C ALA A 76 7.06 6.01 1.93
N GLU A 77 7.04 7.33 1.82
CA GLU A 77 5.87 8.11 2.19
C GLU A 77 4.65 7.68 1.38
N HIS A 78 4.86 7.42 0.10
CA HIS A 78 3.76 7.00 -0.77
C HIS A 78 3.25 5.62 -0.38
N LEU A 79 4.17 4.67 -0.25
CA LEU A 79 3.82 3.30 0.13
C LEU A 79 3.10 3.28 1.48
N ALA A 80 3.67 3.99 2.45
CA ALA A 80 3.09 4.05 3.78
C ALA A 80 1.66 4.60 3.74
N ALA A 81 1.44 5.59 2.88
CA ALA A 81 0.12 6.20 2.74
C ALA A 81 -0.87 5.22 2.14
N GLN A 82 -0.40 4.39 1.21
CA GLN A 82 -1.25 3.41 0.55
C GLN A 82 -1.79 2.40 1.57
N LEU A 83 -0.88 1.74 2.27
CA LEU A 83 -1.25 0.76 3.27
C LEU A 83 -2.18 1.36 4.32
N GLU A 84 -1.89 2.59 4.71
CA GLU A 84 -2.69 3.29 5.70
C GLU A 84 -4.11 3.48 5.22
N ALA A 85 -4.26 3.82 3.94
CA ALA A 85 -5.57 4.03 3.34
C ALA A 85 -6.41 2.75 3.39
N ILE A 86 -5.80 1.63 3.01
CA ILE A 86 -6.50 0.35 3.02
C ILE A 86 -6.89 -0.06 4.44
N ALA A 87 -5.92 0.02 5.35
CA ALA A 87 -6.17 -0.34 6.74
C ALA A 87 -7.26 0.53 7.36
N ARG A 88 -7.24 1.82 7.02
CA ARG A 88 -8.23 2.75 7.54
C ARG A 88 -9.64 2.35 7.09
N GLU A 89 -9.77 1.95 5.83
CA GLU A 89 -11.06 1.54 5.29
C GLU A 89 -11.57 0.29 6.01
N ALA A 90 -10.71 -0.70 6.16
CA ALA A 90 -11.08 -1.94 6.83
C ALA A 90 -11.53 -1.68 8.26
N SER A 91 -10.73 -0.90 8.98
CA SER A 91 -11.05 -0.56 10.36
C SER A 91 -12.27 0.35 10.45
N ALA A 92 -12.46 1.15 9.41
CA ALA A 92 -13.60 2.07 9.36
C ALA A 92 -14.92 1.32 9.38
N TRP A 93 -15.00 0.26 8.57
CA TRP A 93 -16.21 -0.55 8.49
C TRP A 93 -16.55 -1.15 9.86
N SER A 94 -15.52 -1.48 10.63
CA SER A 94 -15.70 -2.07 11.95
C SER A 94 -16.50 -1.13 12.85
N LEU A 95 -17.48 -1.69 13.55
CA LEU A 95 -18.32 -0.90 14.45
C LEU A 95 -19.06 0.19 13.68
N ARG A 96 -19.56 -0.16 12.50
CA ARG A 96 -20.30 0.78 11.67
C ARG A 96 -21.21 0.05 10.69
N GLU A 97 -21.65 -1.14 11.07
CA GLU A 97 -22.51 -1.95 10.22
C GLU A 97 -21.85 -2.25 8.88
N TRP A 98 -21.50 -3.52 8.67
CA TRP A 98 -20.86 -3.93 7.43
C TRP A 98 -21.90 -4.36 6.40
N MET A 1 14.91 5.26 16.36
CA MET A 1 13.92 5.01 15.28
C MET A 1 14.53 4.17 14.16
N LYS A 2 14.24 2.88 14.18
CA LYS A 2 14.75 1.96 13.17
C LYS A 2 13.74 1.77 12.04
N THR A 3 14.22 1.87 10.80
CA THR A 3 13.36 1.70 9.63
C THR A 3 13.06 0.22 9.37
N ALA A 4 13.96 -0.65 9.82
CA ALA A 4 13.80 -2.09 9.62
C ALA A 4 12.48 -2.58 10.21
N LEU A 5 12.30 -2.34 11.50
CA LEU A 5 11.08 -2.77 12.20
C LEU A 5 9.84 -2.19 11.52
N LEU A 6 9.99 -1.02 10.90
CA LEU A 6 8.88 -0.37 10.22
C LEU A 6 8.63 -1.01 8.86
N LEU A 7 9.70 -1.43 8.21
CA LEU A 7 9.60 -2.06 6.89
C LEU A 7 9.00 -3.47 7.00
N GLU A 8 9.43 -4.21 8.02
CA GLU A 8 8.94 -5.56 8.24
C GLU A 8 7.45 -5.55 8.56
N LYS A 9 6.99 -4.48 9.21
CA LYS A 9 5.58 -4.36 9.58
C LYS A 9 4.72 -4.07 8.36
N LEU A 10 5.07 -3.01 7.63
CA LEU A 10 4.31 -2.62 6.44
C LEU A 10 4.31 -3.74 5.41
N GLU A 11 5.38 -4.52 5.38
CA GLU A 11 5.49 -5.63 4.43
C GLU A 11 4.62 -6.81 4.86
N GLY A 12 4.72 -7.19 6.12
CA GLY A 12 3.94 -8.29 6.63
C GLY A 12 2.45 -8.09 6.46
N GLN A 13 1.98 -6.88 6.76
CA GLN A 13 0.56 -6.56 6.64
C GLN A 13 0.14 -6.49 5.16
N LEU A 14 0.93 -5.78 4.36
CA LEU A 14 0.64 -5.64 2.94
C LEU A 14 0.54 -7.00 2.25
N ALA A 15 1.47 -7.89 2.56
CA ALA A 15 1.48 -9.22 1.98
C ALA A 15 0.24 -10.01 2.36
N THR A 16 -0.03 -10.08 3.66
CA THR A 16 -1.20 -10.80 4.17
C THR A 16 -2.49 -10.21 3.62
N LEU A 17 -2.54 -8.90 3.52
CA LEU A 17 -3.73 -8.21 3.01
C LEU A 17 -3.86 -8.38 1.50
N ARG A 18 -2.74 -8.34 0.80
CA ARG A 18 -2.74 -8.49 -0.65
C ARG A 18 -3.10 -9.91 -1.07
N GLN A 19 -2.65 -10.89 -0.30
CA GLN A 19 -2.92 -12.29 -0.59
C GLN A 19 -4.33 -12.67 -0.13
N ARG A 20 -4.82 -11.99 0.91
CA ARG A 20 -6.15 -12.27 1.44
C ARG A 20 -7.23 -11.59 0.60
N CYS A 21 -7.00 -10.32 0.27
CA CYS A 21 -7.96 -9.56 -0.53
C CYS A 21 -7.63 -9.64 -2.02
N ALA A 22 -6.76 -10.59 -2.38
CA ALA A 22 -6.38 -10.77 -3.77
C ALA A 22 -7.59 -11.01 -4.67
N PRO A 23 -8.46 -11.96 -4.30
CA PRO A 23 -9.66 -12.29 -5.07
C PRO A 23 -10.85 -11.38 -4.75
N VAL A 24 -10.57 -10.16 -4.30
CA VAL A 24 -11.62 -9.21 -3.96
C VAL A 24 -11.70 -8.08 -4.99
N SER A 25 -11.20 -8.35 -6.19
CA SER A 25 -11.21 -7.35 -7.26
C SER A 25 -12.61 -7.16 -7.82
N GLN A 26 -13.41 -8.23 -7.78
CA GLN A 26 -14.77 -8.18 -8.27
C GLN A 26 -15.59 -7.12 -7.53
N PHE A 27 -15.31 -6.98 -6.24
CA PHE A 27 -16.01 -6.00 -5.41
C PHE A 27 -15.08 -4.88 -4.97
N ALA A 28 -14.03 -4.64 -5.76
CA ALA A 28 -13.07 -3.59 -5.45
C ALA A 28 -13.64 -2.20 -5.76
N THR A 29 -13.66 -1.34 -4.74
CA THR A 29 -14.18 0.01 -4.89
C THR A 29 -13.47 0.98 -3.95
N LEU A 30 -12.93 2.06 -4.52
CA LEU A 30 -12.24 3.05 -3.72
C LEU A 30 -13.11 4.28 -3.49
N SER A 31 -13.00 4.87 -2.30
CA SER A 31 -13.78 6.05 -1.95
C SER A 31 -13.44 7.22 -2.86
N ALA A 32 -14.20 8.30 -2.74
CA ALA A 32 -13.98 9.49 -3.55
C ALA A 32 -12.99 10.45 -2.89
N ARG A 33 -12.47 10.06 -1.73
CA ARG A 33 -11.51 10.89 -1.01
C ARG A 33 -10.07 10.49 -1.33
N PHE A 34 -9.89 9.82 -2.46
CA PHE A 34 -8.56 9.38 -2.87
C PHE A 34 -7.63 10.57 -3.10
N ASP A 35 -6.41 10.46 -2.60
CA ASP A 35 -5.42 11.53 -2.74
C ASP A 35 -4.28 11.09 -3.66
N ARG A 36 -3.96 11.93 -4.64
CA ARG A 36 -2.90 11.62 -5.59
C ARG A 36 -1.55 11.55 -4.89
N HIS A 37 -1.45 12.20 -3.72
CA HIS A 37 -0.20 12.20 -2.96
C HIS A 37 -0.06 10.91 -2.15
N LEU A 38 -1.18 10.40 -1.65
CA LEU A 38 -1.18 9.18 -0.85
C LEU A 38 -1.26 7.94 -1.74
N PHE A 39 -1.92 8.09 -2.88
CA PHE A 39 -2.08 6.99 -3.82
C PHE A 39 -1.52 7.35 -5.20
N GLN A 40 -1.31 6.34 -6.04
CA GLN A 40 -0.78 6.55 -7.37
C GLN A 40 -1.91 6.75 -8.38
N THR A 41 -1.55 7.10 -9.61
CA THR A 41 -2.53 7.32 -10.66
C THR A 41 -3.21 6.02 -11.06
N ARG A 42 -2.56 4.89 -10.77
CA ARG A 42 -3.12 3.58 -11.11
C ARG A 42 -3.85 2.98 -9.91
N ALA A 43 -4.27 3.84 -8.98
CA ALA A 43 -4.98 3.38 -7.80
C ALA A 43 -6.40 3.94 -7.77
N THR A 44 -7.34 3.19 -8.35
CA THR A 44 -8.74 3.62 -8.39
C THR A 44 -9.67 2.50 -7.89
N THR A 45 -9.09 1.49 -7.24
CA THR A 45 -9.88 0.38 -6.73
C THR A 45 -9.13 -0.35 -5.62
N LEU A 46 -9.85 -1.17 -4.86
CA LEU A 46 -9.24 -1.93 -3.77
C LEU A 46 -8.13 -2.84 -4.28
N GLN A 47 -8.46 -3.66 -5.27
CA GLN A 47 -7.49 -4.58 -5.85
C GLN A 47 -6.33 -3.81 -6.50
N ALA A 48 -6.64 -2.62 -7.00
CA ALA A 48 -5.64 -1.79 -7.65
C ALA A 48 -4.68 -1.20 -6.62
N CYS A 49 -5.20 -0.92 -5.42
CA CYS A 49 -4.40 -0.36 -4.35
C CYS A 49 -3.37 -1.37 -3.85
N LEU A 50 -3.86 -2.55 -3.47
CA LEU A 50 -2.99 -3.61 -2.98
C LEU A 50 -1.98 -4.01 -4.05
N ASP A 51 -2.45 -4.15 -5.28
CA ASP A 51 -1.60 -4.52 -6.40
C ASP A 51 -0.53 -3.47 -6.64
N GLU A 52 -0.95 -2.21 -6.63
CA GLU A 52 -0.02 -1.10 -6.84
C GLU A 52 1.07 -1.10 -5.79
N ALA A 53 0.69 -1.39 -4.55
CA ALA A 53 1.63 -1.43 -3.44
C ALA A 53 2.69 -2.49 -3.68
N GLY A 54 2.26 -3.67 -4.13
CA GLY A 54 3.19 -4.76 -4.39
C GLY A 54 4.20 -4.39 -5.46
N ASP A 55 3.74 -3.68 -6.48
CA ASP A 55 4.61 -3.26 -7.57
C ASP A 55 5.55 -2.14 -7.12
N ASN A 56 5.07 -1.33 -6.19
CA ASN A 56 5.86 -0.23 -5.66
C ASN A 56 7.02 -0.75 -4.82
N LEU A 57 6.71 -1.60 -3.85
CA LEU A 57 7.72 -2.17 -2.98
C LEU A 57 8.71 -3.02 -3.79
N ALA A 58 8.20 -3.69 -4.81
CA ALA A 58 9.03 -4.53 -5.66
C ALA A 58 10.09 -3.69 -6.37
N ALA A 59 9.66 -2.57 -6.95
CA ALA A 59 10.57 -1.68 -7.66
C ALA A 59 11.50 -0.97 -6.69
N LEU A 60 10.99 -0.67 -5.50
CA LEU A 60 11.78 0.00 -4.48
C LEU A 60 12.90 -0.89 -3.97
N ARG A 61 12.59 -2.18 -3.79
CA ARG A 61 13.57 -3.15 -3.32
C ARG A 61 14.65 -3.38 -4.38
N HIS A 62 14.23 -3.45 -5.63
CA HIS A 62 15.16 -3.67 -6.73
C HIS A 62 15.91 -2.38 -7.08
N ALA A 63 15.29 -1.24 -6.79
CA ALA A 63 15.91 0.06 -7.06
C ALA A 63 17.28 0.18 -6.40
N VAL A 64 17.47 -0.52 -5.30
CA VAL A 64 18.74 -0.48 -4.58
C VAL A 64 19.88 -0.94 -5.48
N GLU A 65 19.58 -1.84 -6.41
CA GLU A 65 20.58 -2.36 -7.33
C GLU A 65 20.97 -1.30 -8.36
N GLN A 66 20.04 -0.41 -8.67
CA GLN A 66 20.30 0.64 -9.65
C GLN A 66 20.71 1.95 -8.95
N GLN A 67 21.20 1.83 -7.72
CA GLN A 67 21.63 3.00 -6.95
C GLN A 67 20.52 4.05 -6.87
N GLN A 68 19.29 3.58 -6.73
CA GLN A 68 18.14 4.47 -6.64
C GLN A 68 17.74 4.69 -5.19
N LEU A 69 18.73 4.79 -4.31
CA LEU A 69 18.48 5.00 -2.89
C LEU A 69 17.64 6.26 -2.65
N PRO A 70 17.96 7.38 -3.35
CA PRO A 70 17.21 8.63 -3.20
C PRO A 70 15.74 8.47 -3.54
N GLN A 71 15.44 7.54 -4.44
CA GLN A 71 14.06 7.28 -4.86
C GLN A 71 13.32 6.47 -3.80
N VAL A 72 14.05 5.64 -3.08
CA VAL A 72 13.47 4.80 -2.04
C VAL A 72 12.75 5.65 -0.99
N ALA A 73 13.24 6.87 -0.78
CA ALA A 73 12.64 7.77 0.19
C ALA A 73 11.21 8.10 -0.18
N TRP A 74 10.99 8.42 -1.46
CA TRP A 74 9.65 8.75 -1.95
C TRP A 74 8.74 7.53 -1.94
N LEU A 75 9.23 6.44 -2.54
CA LEU A 75 8.46 5.20 -2.61
C LEU A 75 8.14 4.68 -1.20
N ALA A 76 9.11 4.80 -0.29
CA ALA A 76 8.91 4.35 1.08
C ALA A 76 7.77 5.09 1.74
N GLU A 77 7.83 6.42 1.71
CA GLU A 77 6.79 7.24 2.31
C GLU A 77 5.43 6.97 1.65
N HIS A 78 5.46 6.72 0.35
CA HIS A 78 4.23 6.43 -0.40
C HIS A 78 3.63 5.10 0.04
N LEU A 79 4.49 4.10 0.19
CA LEU A 79 4.04 2.76 0.59
C LEU A 79 3.40 2.80 1.97
N ALA A 80 4.06 3.48 2.91
CA ALA A 80 3.56 3.59 4.27
C ALA A 80 2.19 4.26 4.29
N ALA A 81 2.07 5.36 3.55
CA ALA A 81 0.80 6.09 3.48
C ALA A 81 -0.27 5.27 2.78
N GLN A 82 0.15 4.46 1.82
CA GLN A 82 -0.78 3.62 1.08
C GLN A 82 -1.42 2.57 1.99
N LEU A 83 -0.57 1.85 2.74
CA LEU A 83 -1.05 0.82 3.65
C LEU A 83 -1.89 1.44 4.78
N GLU A 84 -1.36 2.51 5.37
CA GLU A 84 -2.06 3.19 6.46
C GLU A 84 -3.42 3.69 6.00
N ALA A 85 -3.49 4.16 4.76
CA ALA A 85 -4.74 4.66 4.20
C ALA A 85 -5.77 3.55 4.07
N ILE A 86 -5.32 2.39 3.60
CA ILE A 86 -6.20 1.25 3.42
C ILE A 86 -6.65 0.70 4.78
N ALA A 87 -5.69 0.49 5.67
CA ALA A 87 -5.99 -0.03 7.00
C ALA A 87 -6.92 0.90 7.76
N ARG A 88 -6.78 2.20 7.52
CA ARG A 88 -7.60 3.20 8.18
C ARG A 88 -9.05 3.08 7.71
N GLU A 89 -9.25 3.01 6.40
CA GLU A 89 -10.58 2.89 5.83
C GLU A 89 -11.24 1.58 6.24
N ALA A 90 -10.51 0.47 6.07
CA ALA A 90 -11.03 -0.85 6.42
C ALA A 90 -11.38 -0.91 7.90
N SER A 91 -10.46 -0.49 8.75
CA SER A 91 -10.68 -0.51 10.19
C SER A 91 -11.78 0.47 10.58
N ALA A 92 -11.90 1.55 9.82
CA ALA A 92 -12.91 2.57 10.08
C ALA A 92 -14.32 1.98 9.98
N TRP A 93 -14.56 1.22 8.91
CA TRP A 93 -15.87 0.60 8.70
C TRP A 93 -16.23 -0.32 9.86
N SER A 94 -15.21 -0.85 10.54
CA SER A 94 -15.44 -1.74 11.67
C SER A 94 -16.31 -1.08 12.73
N LEU A 95 -16.80 -1.89 13.67
CA LEU A 95 -17.65 -1.38 14.74
C LEU A 95 -18.93 -0.75 14.17
N ARG A 96 -19.42 -1.33 13.07
CA ARG A 96 -20.62 -0.83 12.42
C ARG A 96 -21.01 -1.71 11.24
N GLU A 97 -20.83 -3.02 11.40
CA GLU A 97 -21.16 -3.97 10.35
C GLU A 97 -20.29 -3.75 9.12
N TRP A 98 -19.28 -4.60 8.95
CA TRP A 98 -18.38 -4.49 7.81
C TRP A 98 -17.67 -3.13 7.80
N MET A 1 9.89 2.69 17.66
CA MET A 1 9.72 1.97 16.36
C MET A 1 10.99 2.05 15.53
N LYS A 2 11.75 0.95 15.50
CA LYS A 2 12.98 0.89 14.74
C LYS A 2 12.73 0.43 13.31
N THR A 3 13.79 0.41 12.51
CA THR A 3 13.67 -0.02 11.12
C THR A 3 13.18 -1.46 11.02
N ALA A 4 13.58 -2.28 11.98
CA ALA A 4 13.18 -3.69 12.00
C ALA A 4 11.67 -3.82 12.12
N LEU A 5 11.09 -3.02 13.01
CA LEU A 5 9.63 -3.05 13.22
C LEU A 5 8.90 -2.47 12.02
N LEU A 6 9.53 -1.50 11.36
CA LEU A 6 8.92 -0.86 10.19
C LEU A 6 8.78 -1.85 9.05
N LEU A 7 9.86 -2.54 8.73
CA LEU A 7 9.85 -3.53 7.65
C LEU A 7 8.92 -4.69 7.96
N GLU A 8 8.99 -5.18 9.20
CA GLU A 8 8.15 -6.28 9.64
C GLU A 8 6.68 -5.91 9.60
N LYS A 9 6.37 -4.68 10.04
CA LYS A 9 5.00 -4.20 10.06
C LYS A 9 4.51 -3.91 8.64
N LEU A 10 5.32 -3.20 7.87
CA LEU A 10 4.97 -2.84 6.50
C LEU A 10 4.79 -4.09 5.65
N GLU A 11 5.79 -4.96 5.65
CA GLU A 11 5.74 -6.19 4.87
C GLU A 11 4.74 -7.18 5.47
N GLY A 12 4.60 -7.14 6.79
CA GLY A 12 3.67 -8.04 7.44
C GLY A 12 2.22 -7.71 7.15
N GLN A 13 1.90 -6.42 7.14
CA GLN A 13 0.54 -5.97 6.87
C GLN A 13 0.22 -6.06 5.38
N LEU A 14 1.10 -5.50 4.55
CA LEU A 14 0.91 -5.52 3.11
C LEU A 14 0.80 -6.95 2.58
N ALA A 15 1.52 -7.87 3.21
CA ALA A 15 1.51 -9.26 2.81
C ALA A 15 0.21 -9.95 3.21
N THR A 16 -0.16 -9.84 4.48
CA THR A 16 -1.38 -10.46 5.00
C THR A 16 -2.61 -9.85 4.34
N LEU A 17 -2.66 -8.52 4.30
CA LEU A 17 -3.79 -7.81 3.71
C LEU A 17 -3.95 -8.16 2.24
N ARG A 18 -2.85 -8.14 1.50
CA ARG A 18 -2.86 -8.44 0.07
C ARG A 18 -3.23 -9.90 -0.17
N GLN A 19 -2.95 -10.76 0.80
CA GLN A 19 -3.25 -12.18 0.68
C GLN A 19 -4.75 -12.44 0.72
N ARG A 20 -5.38 -12.04 1.81
CA ARG A 20 -6.82 -12.23 1.98
C ARG A 20 -7.62 -11.24 1.12
N CYS A 21 -7.07 -10.04 0.95
CA CYS A 21 -7.73 -9.01 0.16
C CYS A 21 -7.27 -9.04 -1.30
N ALA A 22 -6.61 -10.13 -1.69
CA ALA A 22 -6.13 -10.27 -3.06
C ALA A 22 -7.30 -10.38 -4.05
N PRO A 23 -8.13 -11.43 -3.91
CA PRO A 23 -9.28 -11.63 -4.79
C PRO A 23 -10.46 -10.74 -4.43
N VAL A 24 -10.25 -9.43 -4.48
CA VAL A 24 -11.30 -8.47 -4.16
C VAL A 24 -11.56 -7.52 -5.32
N SER A 25 -11.12 -7.90 -6.52
CA SER A 25 -11.30 -7.08 -7.70
C SER A 25 -12.78 -6.92 -8.04
N GLN A 26 -13.59 -7.89 -7.63
CA GLN A 26 -15.02 -7.86 -7.90
C GLN A 26 -15.73 -6.92 -6.93
N PHE A 27 -15.26 -6.87 -5.69
CA PHE A 27 -15.86 -6.02 -4.67
C PHE A 27 -14.88 -4.94 -4.21
N ALA A 28 -13.93 -4.59 -5.08
CA ALA A 28 -12.94 -3.57 -4.75
C ALA A 28 -13.49 -2.17 -4.97
N THR A 29 -13.45 -1.35 -3.93
CA THR A 29 -13.93 0.02 -4.01
C THR A 29 -13.16 0.94 -3.06
N LEU A 30 -12.78 2.12 -3.57
CA LEU A 30 -12.05 3.08 -2.78
C LEU A 30 -12.95 4.22 -2.32
N SER A 31 -12.63 4.79 -1.15
CA SER A 31 -13.41 5.89 -0.60
C SER A 31 -13.36 7.11 -1.52
N ALA A 32 -14.11 8.14 -1.18
CA ALA A 32 -14.15 9.37 -1.96
C ALA A 32 -13.01 10.31 -1.57
N ARG A 33 -12.22 9.92 -0.58
CA ARG A 33 -11.10 10.74 -0.12
C ARG A 33 -9.80 10.31 -0.78
N PHE A 34 -9.90 9.64 -1.92
CA PHE A 34 -8.73 9.16 -2.64
C PHE A 34 -7.87 10.33 -3.10
N ASP A 35 -6.58 10.28 -2.75
CA ASP A 35 -5.66 11.34 -3.13
C ASP A 35 -4.74 10.88 -4.26
N ARG A 36 -4.64 11.70 -5.29
CA ARG A 36 -3.80 11.38 -6.45
C ARG A 36 -2.33 11.38 -6.07
N HIS A 37 -1.98 12.14 -5.02
CA HIS A 37 -0.61 12.23 -4.56
C HIS A 37 -0.23 11.01 -3.73
N LEU A 38 -1.17 10.53 -2.93
CA LEU A 38 -0.94 9.38 -2.07
C LEU A 38 -1.17 8.07 -2.84
N PHE A 39 -2.09 8.11 -3.79
CA PHE A 39 -2.41 6.93 -4.60
C PHE A 39 -2.02 7.15 -6.05
N GLN A 40 -1.67 6.05 -6.74
CA GLN A 40 -1.28 6.12 -8.13
C GLN A 40 -2.49 6.36 -9.03
N THR A 41 -2.24 6.67 -10.30
CA THR A 41 -3.31 6.91 -11.26
C THR A 41 -4.21 5.70 -11.40
N ARG A 42 -3.60 4.51 -11.38
CA ARG A 42 -4.35 3.27 -11.51
C ARG A 42 -5.08 2.93 -10.21
N ALA A 43 -4.62 3.51 -9.11
CA ALA A 43 -5.23 3.26 -7.81
C ALA A 43 -6.64 3.85 -7.74
N THR A 44 -7.60 3.09 -8.25
CA THR A 44 -9.00 3.52 -8.27
C THR A 44 -9.85 2.67 -7.31
N THR A 45 -9.41 1.44 -7.08
CA THR A 45 -10.13 0.54 -6.19
C THR A 45 -9.17 -0.16 -5.23
N LEU A 46 -9.72 -1.02 -4.38
CA LEU A 46 -8.91 -1.75 -3.40
C LEU A 46 -7.87 -2.60 -4.10
N GLN A 47 -8.29 -3.39 -5.09
CA GLN A 47 -7.38 -4.25 -5.83
C GLN A 47 -6.26 -3.44 -6.47
N ALA A 48 -6.56 -2.20 -6.83
CA ALA A 48 -5.57 -1.32 -7.45
C ALA A 48 -4.59 -0.80 -6.41
N CYS A 49 -5.10 -0.46 -5.23
CA CYS A 49 -4.28 0.05 -4.15
C CYS A 49 -3.26 -1.00 -3.71
N LEU A 50 -3.72 -2.23 -3.52
CA LEU A 50 -2.86 -3.32 -3.10
C LEU A 50 -1.80 -3.62 -4.17
N ASP A 51 -2.25 -3.75 -5.41
CA ASP A 51 -1.34 -4.03 -6.51
C ASP A 51 -0.29 -2.94 -6.64
N GLU A 52 -0.70 -1.70 -6.44
CA GLU A 52 0.22 -0.56 -6.52
C GLU A 52 1.31 -0.68 -5.46
N ALA A 53 0.92 -1.06 -4.25
CA ALA A 53 1.87 -1.21 -3.16
C ALA A 53 2.93 -2.25 -3.50
N GLY A 54 2.50 -3.37 -4.07
CA GLY A 54 3.43 -4.42 -4.44
C GLY A 54 4.45 -3.96 -5.46
N ASP A 55 3.99 -3.20 -6.45
CA ASP A 55 4.87 -2.69 -7.49
C ASP A 55 5.81 -1.63 -6.93
N ASN A 56 5.35 -0.89 -5.92
CA ASN A 56 6.16 0.15 -5.30
C ASN A 56 7.27 -0.46 -4.45
N LEU A 57 6.90 -1.40 -3.58
CA LEU A 57 7.87 -2.07 -2.71
C LEU A 57 8.83 -2.92 -3.54
N ALA A 58 8.28 -3.67 -4.48
CA ALA A 58 9.09 -4.54 -5.34
C ALA A 58 10.07 -3.72 -6.16
N ALA A 59 9.55 -2.70 -6.85
CA ALA A 59 10.40 -1.84 -7.68
C ALA A 59 11.43 -1.12 -6.83
N LEU A 60 11.10 -0.88 -5.56
CA LEU A 60 12.00 -0.20 -4.65
C LEU A 60 13.20 -1.07 -4.32
N ARG A 61 12.94 -2.35 -4.05
CA ARG A 61 13.99 -3.29 -3.72
C ARG A 61 14.96 -3.47 -4.88
N HIS A 62 14.42 -3.62 -6.08
CA HIS A 62 15.23 -3.78 -7.28
C HIS A 62 15.83 -2.46 -7.73
N ALA A 63 15.15 -1.36 -7.40
CA ALA A 63 15.61 -0.03 -7.77
C ALA A 63 17.03 0.23 -7.27
N VAL A 64 17.37 -0.37 -6.13
CA VAL A 64 18.70 -0.19 -5.55
C VAL A 64 19.80 -0.59 -6.53
N GLU A 65 19.49 -1.54 -7.40
CA GLU A 65 20.45 -2.01 -8.39
C GLU A 65 20.71 -0.95 -9.44
N GLN A 66 19.75 -0.05 -9.64
CA GLN A 66 19.90 1.01 -10.63
C GLN A 66 20.28 2.33 -9.95
N GLN A 67 20.84 2.24 -8.76
CA GLN A 67 21.26 3.43 -8.01
C GLN A 67 20.10 4.41 -7.86
N GLN A 68 18.97 3.92 -7.37
CA GLN A 68 17.79 4.76 -7.17
C GLN A 68 17.69 5.23 -5.73
N LEU A 69 18.85 5.54 -5.14
CA LEU A 69 18.91 6.00 -3.76
C LEU A 69 17.97 7.19 -3.53
N PRO A 70 18.08 8.25 -4.36
CA PRO A 70 17.23 9.44 -4.22
C PRO A 70 15.75 9.12 -4.48
N GLN A 71 15.50 8.07 -5.23
CA GLN A 71 14.13 7.67 -5.55
C GLN A 71 13.49 6.95 -4.37
N VAL A 72 14.31 6.31 -3.54
CA VAL A 72 13.82 5.58 -2.39
C VAL A 72 12.98 6.48 -1.48
N ALA A 73 13.31 7.76 -1.45
CA ALA A 73 12.59 8.72 -0.64
C ALA A 73 11.12 8.78 -1.03
N TRP A 74 10.86 8.95 -2.32
CA TRP A 74 9.50 9.02 -2.82
C TRP A 74 8.79 7.68 -2.69
N LEU A 75 9.44 6.62 -3.15
CA LEU A 75 8.87 5.28 -3.08
C LEU A 75 8.58 4.88 -1.63
N ALA A 76 9.39 5.40 -0.71
CA ALA A 76 9.23 5.09 0.71
C ALA A 76 7.96 5.73 1.25
N GLU A 77 7.81 7.04 1.05
CA GLU A 77 6.65 7.77 1.52
C GLU A 77 5.37 7.23 0.88
N HIS A 78 5.47 6.83 -0.38
CA HIS A 78 4.34 6.30 -1.12
C HIS A 78 3.85 5.00 -0.51
N LEU A 79 4.81 4.14 -0.14
CA LEU A 79 4.48 2.85 0.45
C LEU A 79 3.86 3.02 1.83
N ALA A 80 4.48 3.86 2.65
CA ALA A 80 3.99 4.12 4.00
C ALA A 80 2.57 4.69 3.98
N ALA A 81 2.35 5.65 3.08
CA ALA A 81 1.04 6.28 2.96
C ALA A 81 -0.02 5.28 2.53
N GLN A 82 0.34 4.40 1.59
CA GLN A 82 -0.58 3.39 1.10
C GLN A 82 -1.05 2.48 2.23
N LEU A 83 -0.10 1.87 2.92
CA LEU A 83 -0.42 0.97 4.03
C LEU A 83 -1.33 1.64 5.05
N GLU A 84 -0.96 2.85 5.45
CA GLU A 84 -1.75 3.61 6.43
C GLU A 84 -3.15 3.89 5.90
N ALA A 85 -3.22 4.38 4.66
CA ALA A 85 -4.50 4.70 4.05
C ALA A 85 -5.41 3.48 4.00
N ILE A 86 -4.84 2.34 3.64
CA ILE A 86 -5.61 1.10 3.54
C ILE A 86 -6.00 0.59 4.94
N ALA A 87 -5.03 0.55 5.84
CA ALA A 87 -5.26 0.08 7.20
C ALA A 87 -6.33 0.92 7.89
N ARG A 88 -6.42 2.20 7.51
CA ARG A 88 -7.40 3.11 8.09
C ARG A 88 -8.80 2.80 7.58
N GLU A 89 -8.94 2.75 6.25
CA GLU A 89 -10.23 2.46 5.64
C GLU A 89 -10.72 1.07 6.01
N ALA A 90 -9.83 0.09 5.90
CA ALA A 90 -10.18 -1.30 6.23
C ALA A 90 -10.65 -1.42 7.67
N SER A 91 -9.87 -0.85 8.59
CA SER A 91 -10.22 -0.90 10.02
C SER A 91 -11.46 -0.07 10.31
N ALA A 92 -11.67 0.97 9.51
CA ALA A 92 -12.82 1.85 9.69
C ALA A 92 -14.13 1.09 9.49
N TRP A 93 -14.27 0.46 8.33
CA TRP A 93 -15.48 -0.30 8.02
C TRP A 93 -15.69 -1.42 9.02
N SER A 94 -14.58 -1.95 9.55
CA SER A 94 -14.65 -3.03 10.53
C SER A 94 -15.32 -2.57 11.82
N LEU A 95 -15.35 -1.26 12.03
CA LEU A 95 -15.97 -0.70 13.22
C LEU A 95 -17.40 -0.23 12.94
N ARG A 96 -18.05 -0.88 11.99
CA ARG A 96 -19.43 -0.53 11.63
C ARG A 96 -19.97 -1.47 10.56
N GLU A 97 -19.61 -2.76 10.68
CA GLU A 97 -20.06 -3.76 9.73
C GLU A 97 -19.58 -3.42 8.31
N TRP A 98 -19.65 -4.41 7.43
CA TRP A 98 -19.22 -4.22 6.04
C TRP A 98 -19.70 -5.36 5.16
N MET A 1 7.22 5.84 19.48
CA MET A 1 6.97 5.19 18.16
C MET A 1 8.29 4.87 17.46
N LYS A 2 8.39 3.65 16.93
CA LYS A 2 9.59 3.22 16.22
C LYS A 2 9.28 2.92 14.75
N THR A 3 10.23 3.23 13.88
CA THR A 3 10.06 2.99 12.45
C THR A 3 9.89 1.50 12.17
N ALA A 4 10.67 0.68 12.85
CA ALA A 4 10.61 -0.77 12.66
C ALA A 4 9.23 -1.30 13.04
N LEU A 5 8.68 -0.77 14.13
CA LEU A 5 7.36 -1.20 14.60
C LEU A 5 6.29 -0.96 13.54
N LEU A 6 6.31 0.23 12.94
CA LEU A 6 5.35 0.58 11.90
C LEU A 6 5.64 -0.16 10.61
N LEU A 7 6.93 -0.32 10.30
CA LEU A 7 7.33 -1.00 9.08
C LEU A 7 7.01 -2.49 9.16
N GLU A 8 7.01 -3.03 10.38
CA GLU A 8 6.71 -4.45 10.59
C GLU A 8 5.23 -4.73 10.38
N LYS A 9 4.39 -4.02 11.13
CA LYS A 9 2.95 -4.19 11.03
C LYS A 9 2.45 -3.92 9.60
N LEU A 10 2.98 -2.87 8.99
CA LEU A 10 2.59 -2.52 7.62
C LEU A 10 2.90 -3.65 6.66
N GLU A 11 4.14 -4.11 6.67
CA GLU A 11 4.57 -5.19 5.79
C GLU A 11 3.78 -6.47 6.06
N GLY A 12 3.54 -6.75 7.33
CA GLY A 12 2.79 -7.94 7.70
C GLY A 12 1.34 -7.87 7.28
N GLN A 13 0.70 -6.73 7.52
CA GLN A 13 -0.70 -6.53 7.18
C GLN A 13 -0.88 -6.51 5.66
N LEU A 14 0.02 -5.83 4.97
CA LEU A 14 -0.04 -5.72 3.51
C LEU A 14 0.07 -7.09 2.86
N ALA A 15 0.98 -7.91 3.37
CA ALA A 15 1.18 -9.25 2.82
C ALA A 15 -0.06 -10.11 3.00
N THR A 16 -0.57 -10.18 4.22
CA THR A 16 -1.77 -10.97 4.52
C THR A 16 -2.98 -10.41 3.79
N LEU A 17 -3.12 -9.09 3.81
CA LEU A 17 -4.24 -8.43 3.16
C LEU A 17 -4.19 -8.60 1.65
N ARG A 18 -3.00 -8.44 1.08
CA ARG A 18 -2.81 -8.58 -0.36
C ARG A 18 -3.01 -10.02 -0.81
N GLN A 19 -2.78 -10.97 0.10
CA GLN A 19 -2.93 -12.38 -0.21
C GLN A 19 -4.39 -12.81 -0.16
N ARG A 20 -5.04 -12.60 0.98
CA ARG A 20 -6.43 -12.98 1.15
C ARG A 20 -7.37 -12.03 0.41
N CYS A 21 -7.07 -10.74 0.46
CA CYS A 21 -7.88 -9.73 -0.21
C CYS A 21 -7.42 -9.49 -1.64
N ALA A 22 -6.58 -10.38 -2.16
CA ALA A 22 -6.07 -10.26 -3.52
C ALA A 22 -7.20 -10.30 -4.54
N PRO A 23 -7.95 -11.41 -4.59
CA PRO A 23 -9.07 -11.58 -5.53
C PRO A 23 -10.29 -10.76 -5.13
N VAL A 24 -10.13 -9.44 -5.12
CA VAL A 24 -11.22 -8.54 -4.76
C VAL A 24 -11.53 -7.55 -5.88
N SER A 25 -11.03 -7.83 -7.08
CA SER A 25 -11.26 -6.95 -8.23
C SER A 25 -12.74 -6.88 -8.57
N GLN A 26 -13.42 -8.02 -8.51
CA GLN A 26 -14.85 -8.07 -8.81
C GLN A 26 -15.64 -7.16 -7.86
N PHE A 27 -15.17 -7.03 -6.63
CA PHE A 27 -15.83 -6.20 -5.64
C PHE A 27 -14.91 -5.07 -5.17
N ALA A 28 -13.98 -4.69 -6.03
CA ALA A 28 -13.03 -3.62 -5.70
C ALA A 28 -13.69 -2.25 -5.81
N THR A 29 -13.61 -1.48 -4.73
CA THR A 29 -14.19 -0.14 -4.71
C THR A 29 -13.39 0.78 -3.78
N LEU A 30 -13.10 1.98 -4.26
CA LEU A 30 -12.34 2.96 -3.47
C LEU A 30 -13.24 4.09 -3.01
N SER A 31 -12.92 4.66 -1.85
CA SER A 31 -13.70 5.76 -1.30
C SER A 31 -13.56 7.02 -2.15
N ALA A 32 -14.38 8.02 -1.86
CA ALA A 32 -14.34 9.27 -2.59
C ALA A 32 -13.38 10.27 -1.97
N ARG A 33 -12.83 9.91 -0.81
CA ARG A 33 -11.88 10.79 -0.11
C ARG A 33 -10.44 10.43 -0.45
N PHE A 34 -10.25 9.75 -1.58
CA PHE A 34 -8.92 9.35 -2.01
C PHE A 34 -8.01 10.57 -2.21
N ASP A 35 -6.74 10.41 -1.85
CA ASP A 35 -5.77 11.49 -1.98
C ASP A 35 -4.66 11.10 -2.95
N ARG A 36 -4.38 11.97 -3.92
CA ARG A 36 -3.34 11.71 -4.90
C ARG A 36 -1.95 11.74 -4.26
N HIS A 37 -1.84 12.43 -3.14
CA HIS A 37 -0.55 12.53 -2.43
C HIS A 37 -0.21 11.24 -1.72
N LEU A 38 -1.23 10.54 -1.22
CA LEU A 38 -1.03 9.28 -0.51
C LEU A 38 -1.24 8.08 -1.44
N PHE A 39 -2.11 8.25 -2.43
CA PHE A 39 -2.39 7.19 -3.39
C PHE A 39 -1.90 7.55 -4.77
N GLN A 40 -1.82 6.55 -5.65
CA GLN A 40 -1.36 6.76 -7.02
C GLN A 40 -2.53 7.16 -7.92
N THR A 41 -2.20 7.67 -9.11
CA THR A 41 -3.21 8.09 -10.07
C THR A 41 -4.05 6.91 -10.53
N ARG A 42 -3.44 5.73 -10.55
CA ARG A 42 -4.13 4.52 -10.97
C ARG A 42 -5.08 4.02 -9.88
N ALA A 43 -4.85 4.45 -8.64
CA ALA A 43 -5.68 4.05 -7.52
C ALA A 43 -7.15 4.38 -7.78
N THR A 44 -7.86 3.44 -8.38
CA THR A 44 -9.28 3.63 -8.68
C THR A 44 -10.15 2.68 -7.87
N THR A 45 -9.61 1.51 -7.54
CA THR A 45 -10.34 0.51 -6.77
C THR A 45 -9.39 -0.24 -5.83
N LEU A 46 -9.95 -1.19 -5.07
CA LEU A 46 -9.17 -1.97 -4.12
C LEU A 46 -8.05 -2.76 -4.82
N GLN A 47 -8.43 -3.57 -5.80
CA GLN A 47 -7.46 -4.36 -6.53
C GLN A 47 -6.39 -3.49 -7.17
N ALA A 48 -6.81 -2.39 -7.78
CA ALA A 48 -5.89 -1.46 -8.42
C ALA A 48 -4.91 -0.89 -7.41
N CYS A 49 -5.37 -0.69 -6.18
CA CYS A 49 -4.53 -0.15 -5.12
C CYS A 49 -3.46 -1.16 -4.72
N LEU A 50 -3.83 -2.43 -4.67
CA LEU A 50 -2.92 -3.49 -4.30
C LEU A 50 -1.91 -3.75 -5.43
N ASP A 51 -2.38 -3.60 -6.67
CA ASP A 51 -1.54 -3.80 -7.84
C ASP A 51 -0.51 -2.69 -7.97
N GLU A 52 -0.98 -1.45 -7.89
CA GLU A 52 -0.09 -0.29 -7.99
C GLU A 52 0.94 -0.30 -6.88
N ALA A 53 0.47 -0.54 -5.65
CA ALA A 53 1.35 -0.58 -4.49
C ALA A 53 2.40 -1.67 -4.64
N GLY A 54 1.97 -2.84 -5.10
CA GLY A 54 2.88 -3.95 -5.28
C GLY A 54 3.92 -3.65 -6.34
N ASP A 55 3.57 -2.83 -7.31
CA ASP A 55 4.49 -2.47 -8.39
C ASP A 55 5.55 -1.49 -7.88
N ASN A 56 5.15 -0.63 -6.95
CA ASN A 56 6.06 0.36 -6.38
C ASN A 56 7.15 -0.33 -5.56
N LEU A 57 6.73 -1.24 -4.68
CA LEU A 57 7.66 -1.97 -3.83
C LEU A 57 8.55 -2.88 -4.68
N ALA A 58 7.96 -3.45 -5.73
CA ALA A 58 8.70 -4.35 -6.62
C ALA A 58 9.81 -3.60 -7.34
N ALA A 59 9.50 -2.41 -7.85
CA ALA A 59 10.49 -1.60 -8.55
C ALA A 59 11.53 -1.06 -7.58
N LEU A 60 11.12 -0.85 -6.33
CA LEU A 60 12.02 -0.32 -5.31
C LEU A 60 13.10 -1.35 -4.97
N ARG A 61 12.71 -2.62 -4.94
CA ARG A 61 13.64 -3.70 -4.63
C ARG A 61 14.59 -3.96 -5.78
N HIS A 62 14.05 -3.92 -7.00
CA HIS A 62 14.85 -4.15 -8.20
C HIS A 62 15.68 -2.92 -8.55
N ALA A 63 15.20 -1.75 -8.15
CA ALA A 63 15.89 -0.49 -8.41
C ALA A 63 17.33 -0.54 -7.93
N VAL A 64 17.57 -1.32 -6.87
CA VAL A 64 18.91 -1.45 -6.31
C VAL A 64 19.91 -1.94 -7.35
N GLU A 65 19.43 -2.74 -8.30
CA GLU A 65 20.28 -3.26 -9.36
C GLU A 65 20.60 -2.19 -10.40
N GLN A 66 19.69 -1.23 -10.55
CA GLN A 66 19.88 -0.15 -11.51
C GLN A 66 20.48 1.09 -10.84
N GLN A 67 21.12 0.88 -9.69
CA GLN A 67 21.73 1.98 -8.96
C GLN A 67 20.73 3.10 -8.69
N GLN A 68 19.65 2.76 -7.98
CA GLN A 68 18.61 3.73 -7.66
C GLN A 68 18.36 3.77 -6.16
N LEU A 69 19.41 3.55 -5.38
CA LEU A 69 19.30 3.56 -3.92
C LEU A 69 18.72 4.87 -3.42
N PRO A 70 19.27 6.02 -3.87
CA PRO A 70 18.79 7.34 -3.46
C PRO A 70 17.29 7.51 -3.68
N GLN A 71 16.78 6.83 -4.70
CA GLN A 71 15.35 6.89 -5.03
C GLN A 71 14.53 6.04 -4.07
N VAL A 72 15.17 5.04 -3.47
CA VAL A 72 14.50 4.14 -2.54
C VAL A 72 13.88 4.92 -1.38
N ALA A 73 14.52 6.03 -1.00
CA ALA A 73 14.04 6.86 0.09
C ALA A 73 12.67 7.45 -0.23
N TRP A 74 12.56 8.06 -1.41
CA TRP A 74 11.30 8.66 -1.84
C TRP A 74 10.23 7.60 -2.05
N LEU A 75 10.56 6.58 -2.83
CA LEU A 75 9.63 5.49 -3.11
C LEU A 75 9.21 4.79 -1.82
N ALA A 76 10.14 4.66 -0.89
CA ALA A 76 9.87 4.02 0.38
C ALA A 76 8.78 4.76 1.16
N GLU A 77 8.94 6.08 1.25
CA GLU A 77 7.97 6.91 1.96
C GLU A 77 6.58 6.79 1.34
N HIS A 78 6.54 6.79 0.01
CA HIS A 78 5.27 6.68 -0.71
C HIS A 78 4.59 5.34 -0.40
N LEU A 79 5.38 4.29 -0.28
CA LEU A 79 4.86 2.96 0.02
C LEU A 79 4.19 2.94 1.39
N ALA A 80 4.85 3.54 2.38
CA ALA A 80 4.32 3.60 3.73
C ALA A 80 2.96 4.29 3.76
N ALA A 81 2.87 5.43 3.08
CA ALA A 81 1.64 6.20 3.03
C ALA A 81 0.51 5.39 2.37
N GLN A 82 0.88 4.64 1.33
CA GLN A 82 -0.09 3.82 0.60
C GLN A 82 -0.70 2.76 1.52
N LEU A 83 0.15 2.09 2.29
CA LEU A 83 -0.30 1.07 3.21
C LEU A 83 -1.18 1.66 4.30
N GLU A 84 -0.76 2.80 4.84
CA GLU A 84 -1.50 3.47 5.90
C GLU A 84 -2.92 3.81 5.43
N ALA A 85 -3.02 4.30 4.20
CA ALA A 85 -4.33 4.67 3.64
C ALA A 85 -5.23 3.45 3.49
N ILE A 86 -4.66 2.34 3.02
CA ILE A 86 -5.42 1.11 2.84
C ILE A 86 -5.88 0.55 4.17
N ALA A 87 -4.94 0.44 5.12
CA ALA A 87 -5.25 -0.09 6.44
C ALA A 87 -6.28 0.78 7.15
N ARG A 88 -6.22 2.08 6.90
CA ARG A 88 -7.15 3.02 7.52
C ARG A 88 -8.57 2.78 7.04
N GLU A 89 -8.74 2.68 5.72
CA GLU A 89 -10.06 2.44 5.13
C GLU A 89 -10.59 1.06 5.52
N ALA A 90 -9.71 0.07 5.48
CA ALA A 90 -10.09 -1.30 5.83
C ALA A 90 -10.72 -1.37 7.21
N SER A 91 -9.99 -0.87 8.21
CA SER A 91 -10.48 -0.88 9.58
C SER A 91 -11.71 0.02 9.74
N ALA A 92 -11.78 1.06 8.91
CA ALA A 92 -12.90 1.99 8.95
C ALA A 92 -14.22 1.28 8.63
N TRP A 93 -14.21 0.45 7.59
CA TRP A 93 -15.39 -0.27 7.18
C TRP A 93 -15.92 -1.14 8.31
N SER A 94 -15.02 -1.63 9.15
CA SER A 94 -15.39 -2.47 10.28
C SER A 94 -15.55 -1.65 11.56
N LEU A 95 -16.38 -2.13 12.47
CA LEU A 95 -16.61 -1.45 13.73
C LEU A 95 -15.96 -2.20 14.89
N ARG A 96 -14.88 -2.91 14.60
CA ARG A 96 -14.17 -3.68 15.61
C ARG A 96 -12.81 -4.13 15.09
N GLU A 97 -12.21 -3.32 14.23
CA GLU A 97 -10.91 -3.64 13.66
C GLU A 97 -10.96 -4.92 12.83
N TRP A 98 -10.70 -4.80 11.54
CA TRP A 98 -10.73 -5.96 10.65
C TRP A 98 -9.35 -6.23 10.07
N MET A 1 10.99 6.26 14.73
CA MET A 1 12.38 5.97 14.29
C MET A 1 12.51 4.53 13.78
N LYS A 2 13.74 4.13 13.45
CA LYS A 2 13.99 2.80 12.94
C LYS A 2 13.21 2.54 11.65
N THR A 3 13.88 2.70 10.52
CA THR A 3 13.24 2.49 9.22
C THR A 3 13.04 1.00 8.95
N ALA A 4 13.91 0.17 9.52
CA ALA A 4 13.82 -1.27 9.35
C ALA A 4 12.47 -1.80 9.82
N LEU A 5 11.90 -1.14 10.82
CA LEU A 5 10.61 -1.55 11.35
C LEU A 5 9.49 -1.31 10.34
N LEU A 6 9.54 -0.16 9.68
CA LEU A 6 8.53 0.20 8.68
C LEU A 6 8.50 -0.82 7.55
N LEU A 7 9.69 -1.23 7.11
CA LEU A 7 9.80 -2.21 6.02
C LEU A 7 9.30 -3.57 6.47
N GLU A 8 9.80 -4.03 7.61
CA GLU A 8 9.40 -5.33 8.15
C GLU A 8 7.90 -5.38 8.40
N LYS A 9 7.34 -4.28 8.87
CA LYS A 9 5.91 -4.20 9.15
C LYS A 9 5.11 -4.03 7.86
N LEU A 10 5.68 -3.27 6.93
CA LEU A 10 5.01 -3.01 5.65
C LEU A 10 4.82 -4.31 4.88
N GLU A 11 5.91 -5.05 4.69
CA GLU A 11 5.85 -6.32 3.96
C GLU A 11 4.89 -7.29 4.64
N GLY A 12 4.97 -7.37 5.96
CA GLY A 12 4.10 -8.27 6.70
C GLY A 12 2.63 -7.90 6.58
N GLN A 13 2.33 -6.62 6.79
CA GLN A 13 0.96 -6.14 6.71
C GLN A 13 0.40 -6.32 5.30
N LEU A 14 1.25 -6.08 4.30
CA LEU A 14 0.84 -6.22 2.91
C LEU A 14 0.51 -7.66 2.57
N ALA A 15 1.32 -8.59 3.11
CA ALA A 15 1.11 -10.01 2.87
C ALA A 15 -0.26 -10.46 3.38
N THR A 16 -0.54 -10.15 4.64
CA THR A 16 -1.81 -10.52 5.26
C THR A 16 -2.96 -9.71 4.68
N LEU A 17 -2.71 -8.41 4.46
CA LEU A 17 -3.72 -7.53 3.91
C LEU A 17 -4.11 -7.97 2.50
N ARG A 18 -3.14 -7.98 1.60
CA ARG A 18 -3.38 -8.38 0.22
C ARG A 18 -3.92 -9.81 0.14
N GLN A 19 -3.53 -10.64 1.10
CA GLN A 19 -3.96 -12.03 1.14
C GLN A 19 -5.48 -12.11 1.30
N ARG A 20 -5.99 -11.48 2.36
CA ARG A 20 -7.42 -11.49 2.64
C ARG A 20 -8.16 -10.54 1.70
N CYS A 21 -7.48 -9.48 1.27
CA CYS A 21 -8.09 -8.50 0.37
C CYS A 21 -7.77 -8.83 -1.09
N ALA A 22 -7.28 -10.04 -1.34
CA ALA A 22 -6.94 -10.46 -2.69
C ALA A 22 -8.19 -10.59 -3.56
N PRO A 23 -9.16 -11.41 -3.11
CA PRO A 23 -10.41 -11.63 -3.85
C PRO A 23 -11.45 -10.56 -3.55
N VAL A 24 -11.03 -9.30 -3.63
CA VAL A 24 -11.95 -8.18 -3.37
C VAL A 24 -12.01 -7.23 -4.56
N SER A 25 -11.37 -7.59 -5.66
CA SER A 25 -11.36 -6.76 -6.86
C SER A 25 -12.78 -6.60 -7.41
N GLN A 26 -13.58 -7.66 -7.28
CA GLN A 26 -14.95 -7.62 -7.76
C GLN A 26 -15.79 -6.62 -6.98
N PHE A 27 -15.49 -6.49 -5.68
CA PHE A 27 -16.21 -5.56 -4.83
C PHE A 27 -15.28 -4.46 -4.31
N ALA A 28 -14.23 -4.18 -5.07
CA ALA A 28 -13.27 -3.14 -4.70
C ALA A 28 -13.74 -1.77 -5.16
N THR A 29 -13.79 -0.82 -4.23
CA THR A 29 -14.22 0.54 -4.54
C THR A 29 -13.51 1.55 -3.65
N LEU A 30 -13.04 2.64 -4.26
CA LEU A 30 -12.35 3.68 -3.51
C LEU A 30 -13.30 4.82 -3.14
N SER A 31 -13.07 5.43 -1.98
CA SER A 31 -13.90 6.51 -1.51
C SER A 31 -13.61 7.80 -2.28
N ALA A 32 -14.38 8.85 -1.98
CA ALA A 32 -14.20 10.14 -2.65
C ALA A 32 -13.07 10.94 -2.02
N ARG A 33 -12.46 10.39 -0.97
CA ARG A 33 -11.36 11.08 -0.29
C ARG A 33 -10.01 10.58 -0.80
N PHE A 34 -10.00 10.01 -2.00
CA PHE A 34 -8.77 9.50 -2.60
C PHE A 34 -7.76 10.61 -2.81
N ASP A 35 -6.50 10.33 -2.50
CA ASP A 35 -5.43 11.31 -2.65
C ASP A 35 -4.43 10.85 -3.70
N ARG A 36 -4.11 11.75 -4.63
CA ARG A 36 -3.16 11.43 -5.70
C ARG A 36 -1.75 11.31 -5.14
N HIS A 37 -1.49 11.99 -4.03
CA HIS A 37 -0.17 11.95 -3.40
C HIS A 37 0.03 10.66 -2.62
N LEU A 38 -1.06 10.12 -2.09
CA LEU A 38 -1.01 8.89 -1.32
C LEU A 38 -1.23 7.67 -2.22
N PHE A 39 -2.05 7.85 -3.26
CA PHE A 39 -2.34 6.77 -4.19
C PHE A 39 -1.80 7.09 -5.58
N GLN A 40 -1.49 6.04 -6.34
CA GLN A 40 -0.96 6.22 -7.69
C GLN A 40 -2.08 6.52 -8.68
N THR A 41 -1.70 7.02 -9.86
CA THR A 41 -2.67 7.35 -10.89
C THR A 41 -3.43 6.11 -11.37
N ARG A 42 -2.82 4.95 -11.19
CA ARG A 42 -3.43 3.69 -11.59
C ARG A 42 -4.17 3.03 -10.43
N ALA A 43 -4.53 3.83 -9.43
CA ALA A 43 -5.24 3.33 -8.26
C ALA A 43 -6.62 3.96 -8.13
N THR A 44 -7.65 3.21 -8.49
CA THR A 44 -9.03 3.70 -8.42
C THR A 44 -9.93 2.72 -7.68
N THR A 45 -9.32 1.77 -6.99
CA THR A 45 -10.08 0.77 -6.23
C THR A 45 -9.19 0.06 -5.22
N LEU A 46 -9.81 -0.75 -4.36
CA LEU A 46 -9.07 -1.50 -3.35
C LEU A 46 -8.02 -2.40 -3.98
N GLN A 47 -8.45 -3.18 -4.97
CA GLN A 47 -7.54 -4.10 -5.66
C GLN A 47 -6.42 -3.33 -6.36
N ALA A 48 -6.76 -2.14 -6.86
CA ALA A 48 -5.78 -1.31 -7.54
C ALA A 48 -4.68 -0.84 -6.58
N CYS A 49 -5.06 -0.56 -5.35
CA CYS A 49 -4.11 -0.12 -4.34
C CYS A 49 -3.18 -1.25 -3.93
N LEU A 50 -3.75 -2.44 -3.73
CA LEU A 50 -2.97 -3.60 -3.33
C LEU A 50 -1.92 -3.95 -4.40
N ASP A 51 -2.36 -4.00 -5.65
CA ASP A 51 -1.47 -4.31 -6.76
C ASP A 51 -0.36 -3.27 -6.88
N GLU A 52 -0.73 -2.00 -6.74
CA GLU A 52 0.23 -0.90 -6.84
C GLU A 52 1.25 -0.99 -5.71
N ALA A 53 0.78 -1.31 -4.51
CA ALA A 53 1.66 -1.42 -3.35
C ALA A 53 2.72 -2.50 -3.57
N GLY A 54 2.29 -3.65 -4.08
CA GLY A 54 3.21 -4.74 -4.33
C GLY A 54 4.24 -4.39 -5.39
N ASP A 55 3.83 -3.65 -6.40
CA ASP A 55 4.72 -3.24 -7.48
C ASP A 55 5.67 -2.16 -7.01
N ASN A 56 5.21 -1.32 -6.09
CA ASN A 56 6.02 -0.23 -5.56
C ASN A 56 7.20 -0.78 -4.77
N LEU A 57 6.93 -1.66 -3.81
CA LEU A 57 7.96 -2.25 -2.99
C LEU A 57 8.88 -3.14 -3.83
N ALA A 58 8.29 -3.86 -4.77
CA ALA A 58 9.04 -4.75 -5.64
C ALA A 58 10.03 -3.97 -6.51
N ALA A 59 9.53 -2.94 -7.17
CA ALA A 59 10.36 -2.10 -8.03
C ALA A 59 11.43 -1.39 -7.23
N LEU A 60 11.10 -1.03 -5.99
CA LEU A 60 12.03 -0.34 -5.12
C LEU A 60 13.10 -1.28 -4.61
N ARG A 61 12.69 -2.50 -4.26
CA ARG A 61 13.63 -3.51 -3.75
C ARG A 61 14.72 -3.80 -4.77
N HIS A 62 14.31 -3.95 -6.03
CA HIS A 62 15.25 -4.23 -7.11
C HIS A 62 16.02 -2.98 -7.51
N ALA A 63 15.39 -1.81 -7.32
CA ALA A 63 16.01 -0.55 -7.66
C ALA A 63 17.33 -0.35 -6.93
N VAL A 64 17.46 -0.98 -5.76
CA VAL A 64 18.68 -0.86 -4.96
C VAL A 64 19.91 -1.26 -5.77
N GLU A 65 19.72 -2.18 -6.71
CA GLU A 65 20.81 -2.67 -7.56
C GLU A 65 21.42 -1.52 -8.35
N GLN A 66 20.60 -0.53 -8.69
CA GLN A 66 21.06 0.62 -9.46
C GLN A 66 21.35 1.81 -8.55
N GLN A 67 21.58 1.53 -7.27
CA GLN A 67 21.88 2.58 -6.29
C GLN A 67 20.76 3.62 -6.25
N GLN A 68 19.54 3.15 -5.98
CA GLN A 68 18.38 4.04 -5.91
C GLN A 68 17.97 4.29 -4.46
N LEU A 69 18.97 4.39 -3.58
CA LEU A 69 18.71 4.63 -2.16
C LEU A 69 17.96 5.94 -1.95
N PRO A 70 18.39 7.03 -2.62
CA PRO A 70 17.74 8.34 -2.49
C PRO A 70 16.26 8.30 -2.86
N GLN A 71 15.92 7.38 -3.75
CA GLN A 71 14.53 7.24 -4.21
C GLN A 71 13.69 6.50 -3.17
N VAL A 72 14.35 5.69 -2.35
CA VAL A 72 13.66 4.92 -1.32
C VAL A 72 12.87 5.83 -0.38
N ALA A 73 13.34 7.07 -0.22
CA ALA A 73 12.67 8.03 0.64
C ALA A 73 11.26 8.31 0.16
N TRP A 74 11.12 8.59 -1.13
CA TRP A 74 9.82 8.89 -1.72
C TRP A 74 8.95 7.64 -1.78
N LEU A 75 9.50 6.57 -2.34
CA LEU A 75 8.77 5.30 -2.46
C LEU A 75 8.33 4.80 -1.09
N ALA A 76 9.21 4.91 -0.11
CA ALA A 76 8.91 4.46 1.25
C ALA A 76 7.74 5.23 1.83
N GLU A 77 7.80 6.56 1.73
CA GLU A 77 6.75 7.41 2.25
C GLU A 77 5.41 7.12 1.57
N HIS A 78 5.46 6.86 0.26
CA HIS A 78 4.26 6.56 -0.51
C HIS A 78 3.69 5.21 -0.11
N LEU A 79 4.57 4.21 0.01
CA LEU A 79 4.15 2.87 0.38
C LEU A 79 3.50 2.86 1.77
N ALA A 80 4.07 3.64 2.69
CA ALA A 80 3.55 3.72 4.05
C ALA A 80 2.16 4.34 4.07
N ALA A 81 2.03 5.51 3.44
CA ALA A 81 0.75 6.21 3.39
C ALA A 81 -0.32 5.34 2.75
N GLN A 82 0.07 4.53 1.77
CA GLN A 82 -0.86 3.66 1.07
C GLN A 82 -1.42 2.59 2.01
N LEU A 83 -0.53 1.84 2.65
CA LEU A 83 -0.93 0.80 3.58
C LEU A 83 -1.67 1.38 4.77
N GLU A 84 -1.32 2.61 5.14
CA GLU A 84 -1.95 3.28 6.27
C GLU A 84 -3.41 3.58 5.97
N ALA A 85 -3.68 4.03 4.75
CA ALA A 85 -5.04 4.35 4.33
C ALA A 85 -5.89 3.10 4.22
N ILE A 86 -5.29 2.01 3.75
CA ILE A 86 -6.00 0.75 3.60
C ILE A 86 -6.34 0.14 4.96
N ALA A 87 -5.39 0.21 5.89
CA ALA A 87 -5.59 -0.33 7.22
C ALA A 87 -6.65 0.46 7.99
N ARG A 88 -6.62 1.78 7.81
CA ARG A 88 -7.58 2.65 8.50
C ARG A 88 -8.98 2.46 7.93
N GLU A 89 -9.10 2.52 6.61
CA GLU A 89 -10.39 2.34 5.94
C GLU A 89 -10.98 0.98 6.25
N ALA A 90 -10.19 -0.07 6.03
CA ALA A 90 -10.64 -1.43 6.27
C ALA A 90 -10.98 -1.64 7.74
N SER A 91 -10.10 -1.17 8.62
CA SER A 91 -10.30 -1.31 10.06
C SER A 91 -11.58 -0.62 10.49
N ALA A 92 -11.93 0.46 9.81
CA ALA A 92 -13.13 1.22 10.13
C ALA A 92 -14.39 0.45 9.72
N TRP A 93 -14.50 0.14 8.43
CA TRP A 93 -15.65 -0.60 7.92
C TRP A 93 -15.75 -1.97 8.56
N SER A 94 -14.59 -2.52 8.95
CA SER A 94 -14.55 -3.83 9.58
C SER A 94 -15.19 -3.81 10.96
N LEU A 95 -15.55 -4.98 11.46
CA LEU A 95 -16.17 -5.10 12.79
C LEU A 95 -17.50 -4.35 12.84
N ARG A 96 -18.07 -4.07 11.67
CA ARG A 96 -19.35 -3.37 11.59
C ARG A 96 -19.79 -3.19 10.14
N GLU A 97 -19.48 -4.16 9.30
CA GLU A 97 -19.84 -4.12 7.89
C GLU A 97 -19.24 -2.88 7.21
N TRP A 98 -19.91 -1.74 7.35
CA TRP A 98 -19.44 -0.49 6.75
C TRP A 98 -19.77 0.70 7.64
N MET A 1 11.58 1.60 18.25
CA MET A 1 13.06 1.49 18.10
C MET A 1 13.46 1.37 16.64
N LYS A 2 13.90 2.48 16.06
CA LYS A 2 14.32 2.49 14.66
C LYS A 2 13.16 2.12 13.74
N THR A 3 13.35 2.33 12.44
CA THR A 3 12.32 2.01 11.46
C THR A 3 12.20 0.51 11.24
N ALA A 4 13.19 -0.25 11.72
CA ALA A 4 13.18 -1.69 11.57
C ALA A 4 11.94 -2.30 12.20
N LEU A 5 11.37 -1.62 13.19
CA LEU A 5 10.18 -2.10 13.87
C LEU A 5 8.93 -1.81 13.06
N LEU A 6 8.75 -0.54 12.68
CA LEU A 6 7.59 -0.14 11.90
C LEU A 6 7.59 -0.79 10.52
N LEU A 7 8.79 -1.16 10.05
CA LEU A 7 8.93 -1.79 8.74
C LEU A 7 8.35 -3.21 8.75
N GLU A 8 8.77 -4.00 9.73
CA GLU A 8 8.31 -5.38 9.86
C GLU A 8 6.79 -5.43 10.01
N LYS A 9 6.21 -4.38 10.58
CA LYS A 9 4.77 -4.32 10.76
C LYS A 9 4.07 -3.96 9.45
N LEU A 10 4.58 -2.94 8.77
CA LEU A 10 4.00 -2.52 7.50
C LEU A 10 4.03 -3.64 6.47
N GLU A 11 5.19 -4.28 6.33
CA GLU A 11 5.35 -5.37 5.39
C GLU A 11 4.51 -6.57 5.80
N GLY A 12 4.52 -6.89 7.09
CA GLY A 12 3.76 -8.02 7.58
C GLY A 12 2.27 -7.85 7.37
N GLN A 13 1.77 -6.65 7.66
CA GLN A 13 0.35 -6.36 7.50
C GLN A 13 -0.04 -6.33 6.01
N LEU A 14 0.74 -5.61 5.22
CA LEU A 14 0.47 -5.50 3.79
C LEU A 14 0.45 -6.87 3.13
N ALA A 15 1.37 -7.73 3.54
CA ALA A 15 1.45 -9.08 2.99
C ALA A 15 0.20 -9.88 3.31
N THR A 16 -0.17 -9.92 4.58
CA THR A 16 -1.35 -10.67 5.01
C THR A 16 -2.62 -10.06 4.43
N LEU A 17 -2.62 -8.74 4.28
CA LEU A 17 -3.78 -8.03 3.74
C LEU A 17 -3.90 -8.26 2.24
N ARG A 18 -2.77 -8.19 1.53
CA ARG A 18 -2.76 -8.38 0.09
C ARG A 18 -3.16 -9.81 -0.27
N GLN A 19 -2.86 -10.75 0.62
CA GLN A 19 -3.18 -12.16 0.38
C GLN A 19 -4.65 -12.43 0.69
N ARG A 20 -5.18 -11.78 1.72
CA ARG A 20 -6.56 -11.97 2.11
C ARG A 20 -7.51 -11.14 1.24
N CYS A 21 -7.03 -9.98 0.79
CA CYS A 21 -7.83 -9.09 -0.04
C CYS A 21 -7.44 -9.23 -1.52
N ALA A 22 -6.69 -10.26 -1.85
CA ALA A 22 -6.27 -10.48 -3.24
C ALA A 22 -7.46 -10.53 -4.17
N PRO A 23 -8.38 -11.49 -3.97
CA PRO A 23 -9.57 -11.63 -4.80
C PRO A 23 -10.69 -10.66 -4.41
N VAL A 24 -10.42 -9.36 -4.56
CA VAL A 24 -11.40 -8.34 -4.23
C VAL A 24 -11.73 -7.47 -5.43
N SER A 25 -11.45 -7.97 -6.63
CA SER A 25 -11.71 -7.23 -7.86
C SER A 25 -13.22 -7.00 -8.03
N GLN A 26 -14.02 -7.89 -7.47
CA GLN A 26 -15.47 -7.79 -7.56
C GLN A 26 -16.02 -6.77 -6.58
N PHE A 27 -15.59 -6.87 -5.33
CA PHE A 27 -16.04 -5.95 -4.29
C PHE A 27 -15.02 -4.83 -4.07
N ALA A 28 -14.25 -4.52 -5.10
CA ALA A 28 -13.24 -3.47 -5.01
C ALA A 28 -13.86 -2.10 -5.23
N THR A 29 -13.69 -1.22 -4.26
CA THR A 29 -14.23 0.14 -4.35
C THR A 29 -13.36 1.12 -3.59
N LEU A 30 -12.93 2.18 -4.27
CA LEU A 30 -12.08 3.20 -3.65
C LEU A 30 -12.87 4.48 -3.40
N SER A 31 -12.58 5.15 -2.30
CA SER A 31 -13.26 6.39 -1.95
C SER A 31 -12.83 7.52 -2.87
N ALA A 32 -13.67 8.55 -2.98
CA ALA A 32 -13.38 9.69 -3.83
C ALA A 32 -12.50 10.71 -3.11
N ARG A 33 -12.19 10.44 -1.85
CA ARG A 33 -11.35 11.35 -1.05
C ARG A 33 -9.89 10.90 -1.08
N PHE A 34 -9.53 10.10 -2.07
CA PHE A 34 -8.17 9.60 -2.20
C PHE A 34 -7.19 10.75 -2.45
N ASP A 35 -5.93 10.54 -2.09
CA ASP A 35 -4.90 11.54 -2.28
C ASP A 35 -4.00 11.19 -3.47
N ARG A 36 -3.81 12.16 -4.36
CA ARG A 36 -2.98 11.96 -5.54
C ARG A 36 -1.51 11.80 -5.16
N HIS A 37 -1.12 12.34 -4.01
CA HIS A 37 0.25 12.27 -3.54
C HIS A 37 0.48 11.00 -2.71
N LEU A 38 -0.57 10.51 -2.08
CA LEU A 38 -0.47 9.31 -1.25
C LEU A 38 -0.81 8.06 -2.06
N PHE A 39 -1.63 8.22 -3.09
CA PHE A 39 -2.03 7.10 -3.93
C PHE A 39 -1.46 7.23 -5.34
N GLN A 40 -1.48 6.14 -6.09
CA GLN A 40 -0.98 6.14 -7.46
C GLN A 40 -2.03 6.63 -8.44
N THR A 41 -1.63 6.78 -9.70
CA THR A 41 -2.55 7.25 -10.74
C THR A 41 -3.46 6.13 -11.20
N ARG A 42 -3.04 4.88 -10.99
CA ARG A 42 -3.83 3.72 -11.40
C ARG A 42 -4.68 3.21 -10.25
N ALA A 43 -4.95 4.06 -9.27
CA ALA A 43 -5.76 3.69 -8.12
C ALA A 43 -7.23 4.06 -8.34
N THR A 44 -8.00 3.12 -8.85
CA THR A 44 -9.42 3.35 -9.11
C THR A 44 -10.29 2.56 -8.13
N THR A 45 -9.79 1.41 -7.69
CA THR A 45 -10.53 0.57 -6.75
C THR A 45 -9.57 -0.15 -5.80
N LEU A 46 -10.14 -0.93 -4.89
CA LEU A 46 -9.33 -1.67 -3.92
C LEU A 46 -8.35 -2.59 -4.64
N GLN A 47 -8.81 -3.24 -5.70
CA GLN A 47 -7.96 -4.15 -6.46
C GLN A 47 -6.81 -3.40 -7.11
N ALA A 48 -7.05 -2.13 -7.46
CA ALA A 48 -6.03 -1.30 -8.08
C ALA A 48 -5.02 -0.81 -7.05
N CYS A 49 -5.52 -0.43 -5.87
CA CYS A 49 -4.67 0.06 -4.80
C CYS A 49 -3.77 -1.06 -4.28
N LEU A 50 -4.35 -2.25 -4.10
CA LEU A 50 -3.61 -3.40 -3.61
C LEU A 50 -2.55 -3.83 -4.62
N ASP A 51 -2.96 -3.94 -5.88
CA ASP A 51 -2.05 -4.33 -6.94
C ASP A 51 -0.93 -3.32 -7.10
N GLU A 52 -1.27 -2.04 -6.98
CA GLU A 52 -0.30 -0.97 -7.11
C GLU A 52 0.74 -1.05 -5.99
N ALA A 53 0.26 -1.31 -4.78
CA ALA A 53 1.15 -1.42 -3.61
C ALA A 53 2.17 -2.53 -3.82
N GLY A 54 1.71 -3.67 -4.32
CA GLY A 54 2.60 -4.79 -4.55
C GLY A 54 3.68 -4.47 -5.58
N ASP A 55 3.28 -3.78 -6.64
CA ASP A 55 4.21 -3.41 -7.69
C ASP A 55 5.15 -2.30 -7.23
N ASN A 56 4.64 -1.43 -6.36
CA ASN A 56 5.43 -0.33 -5.83
C ASN A 56 6.59 -0.84 -4.99
N LEU A 57 6.29 -1.69 -4.02
CA LEU A 57 7.30 -2.27 -3.15
C LEU A 57 8.25 -3.16 -3.94
N ALA A 58 7.69 -3.87 -4.92
CA ALA A 58 8.49 -4.77 -5.75
C ALA A 58 9.49 -3.98 -6.59
N ALA A 59 9.02 -2.91 -7.23
CA ALA A 59 9.87 -2.07 -8.06
C ALA A 59 10.97 -1.42 -7.22
N LEU A 60 10.63 -1.07 -5.99
CA LEU A 60 11.59 -0.43 -5.09
C LEU A 60 12.74 -1.38 -4.77
N ARG A 61 12.41 -2.63 -4.48
CA ARG A 61 13.42 -3.63 -4.16
C ARG A 61 14.35 -3.87 -5.35
N HIS A 62 13.78 -3.89 -6.54
CA HIS A 62 14.54 -4.11 -7.76
C HIS A 62 15.29 -2.84 -8.16
N ALA A 63 14.76 -1.69 -7.77
CA ALA A 63 15.36 -0.41 -8.10
C ALA A 63 16.82 -0.35 -7.64
N VAL A 64 17.14 -1.09 -6.58
CA VAL A 64 18.49 -1.13 -6.05
C VAL A 64 19.50 -1.51 -7.12
N GLU A 65 19.04 -2.25 -8.12
CA GLU A 65 19.90 -2.68 -9.22
C GLU A 65 20.44 -1.48 -10.00
N GLN A 66 19.67 -0.39 -10.02
CA GLN A 66 20.08 0.81 -10.73
C GLN A 66 20.54 1.90 -9.76
N GLN A 67 20.78 1.52 -8.51
CA GLN A 67 21.24 2.48 -7.50
C GLN A 67 20.23 3.62 -7.32
N GLN A 68 19.00 3.27 -6.96
CA GLN A 68 17.95 4.26 -6.75
C GLN A 68 17.85 4.66 -5.28
N LEU A 69 19.00 4.75 -4.62
CA LEU A 69 19.05 5.12 -3.21
C LEU A 69 18.23 6.37 -2.92
N PRO A 70 18.46 7.47 -3.67
CA PRO A 70 17.72 8.73 -3.47
C PRO A 70 16.24 8.58 -3.76
N GLN A 71 15.92 7.87 -4.85
CA GLN A 71 14.52 7.66 -5.23
C GLN A 71 13.75 6.93 -4.13
N VAL A 72 14.46 6.15 -3.33
CA VAL A 72 13.83 5.41 -2.25
C VAL A 72 13.10 6.33 -1.29
N ALA A 73 13.57 7.57 -1.18
CA ALA A 73 12.95 8.56 -0.31
C ALA A 73 11.50 8.81 -0.72
N TRP A 74 11.30 9.14 -1.98
CA TRP A 74 9.96 9.41 -2.50
C TRP A 74 9.11 8.15 -2.49
N LEU A 75 9.68 7.06 -2.99
CA LEU A 75 8.97 5.78 -3.04
C LEU A 75 8.56 5.33 -1.64
N ALA A 76 9.44 5.55 -0.68
CA ALA A 76 9.17 5.17 0.71
C ALA A 76 7.96 5.91 1.25
N GLU A 77 7.97 7.24 1.11
CA GLU A 77 6.86 8.06 1.59
C GLU A 77 5.56 7.68 0.89
N HIS A 78 5.65 7.37 -0.40
CA HIS A 78 4.48 6.98 -1.18
C HIS A 78 3.96 5.62 -0.73
N LEU A 79 4.86 4.67 -0.54
CA LEU A 79 4.48 3.33 -0.10
C LEU A 79 3.95 3.35 1.33
N ALA A 80 4.56 4.18 2.17
CA ALA A 80 4.15 4.29 3.56
C ALA A 80 2.76 4.92 3.67
N ALA A 81 2.57 6.03 2.96
CA ALA A 81 1.28 6.72 2.98
C ALA A 81 0.16 5.81 2.48
N GLN A 82 0.44 5.07 1.41
CA GLN A 82 -0.54 4.16 0.83
C GLN A 82 -0.87 3.03 1.80
N LEU A 83 0.16 2.41 2.34
CA LEU A 83 -0.02 1.31 3.28
C LEU A 83 -0.80 1.77 4.51
N GLU A 84 -0.58 3.02 4.93
CA GLU A 84 -1.27 3.57 6.08
C GLU A 84 -2.74 3.80 5.79
N ALA A 85 -3.03 4.39 4.62
CA ALA A 85 -4.40 4.65 4.23
C ALA A 85 -5.21 3.37 4.14
N ILE A 86 -4.62 2.34 3.53
CA ILE A 86 -5.27 1.05 3.39
C ILE A 86 -5.55 0.41 4.74
N ALA A 87 -4.54 0.43 5.62
CA ALA A 87 -4.68 -0.15 6.94
C ALA A 87 -5.78 0.57 7.74
N ARG A 88 -5.85 1.88 7.59
CA ARG A 88 -6.84 2.67 8.30
C ARG A 88 -8.25 2.40 7.75
N GLU A 89 -8.36 2.39 6.43
CA GLU A 89 -9.65 2.14 5.78
C GLU A 89 -10.16 0.74 6.12
N ALA A 90 -9.27 -0.24 6.02
CA ALA A 90 -9.63 -1.63 6.31
C ALA A 90 -10.13 -1.78 7.75
N SER A 91 -9.43 -1.14 8.68
CA SER A 91 -9.80 -1.20 10.09
C SER A 91 -11.06 -0.37 10.35
N ALA A 92 -11.24 0.69 9.58
CA ALA A 92 -12.40 1.56 9.74
C ALA A 92 -13.70 0.81 9.43
N TRP A 93 -13.80 0.31 8.20
CA TRP A 93 -14.98 -0.43 7.78
C TRP A 93 -15.20 -1.66 8.66
N SER A 94 -14.11 -2.22 9.17
CA SER A 94 -14.17 -3.39 10.03
C SER A 94 -14.82 -3.05 11.37
N LEU A 95 -15.31 -4.08 12.06
CA LEU A 95 -15.94 -3.89 13.36
C LEU A 95 -17.16 -2.98 13.24
N ARG A 96 -17.89 -3.13 12.14
CA ARG A 96 -19.09 -2.33 11.91
C ARG A 96 -20.00 -2.99 10.88
N GLU A 97 -19.96 -4.32 10.82
CA GLU A 97 -20.78 -5.08 9.88
C GLU A 97 -20.48 -4.66 8.45
N TRP A 98 -19.19 -4.52 8.13
CA TRP A 98 -18.77 -4.13 6.79
C TRP A 98 -17.54 -4.92 6.35
N MET A 1 15.85 3.33 16.60
CA MET A 1 15.93 2.20 17.56
C MET A 1 14.83 1.18 17.29
N LYS A 2 14.43 1.06 16.02
CA LYS A 2 13.38 0.13 15.64
C LYS A 2 13.18 0.13 14.13
N THR A 3 14.27 0.26 13.39
CA THR A 3 14.22 0.27 11.93
C THR A 3 13.76 -1.07 11.38
N ALA A 4 14.03 -2.13 12.13
CA ALA A 4 13.65 -3.48 11.71
C ALA A 4 12.17 -3.75 12.00
N LEU A 5 11.61 -2.99 12.94
CA LEU A 5 10.21 -3.16 13.31
C LEU A 5 9.29 -2.48 12.30
N LEU A 6 9.62 -1.26 11.91
CA LEU A 6 8.81 -0.51 10.96
C LEU A 6 8.70 -1.26 9.63
N LEU A 7 9.79 -1.88 9.21
CA LEU A 7 9.81 -2.64 7.96
C LEU A 7 9.11 -3.98 8.12
N GLU A 8 9.27 -4.59 9.29
CA GLU A 8 8.66 -5.88 9.57
C GLU A 8 7.14 -5.78 9.55
N LYS A 9 6.61 -4.73 10.17
CA LYS A 9 5.16 -4.52 10.22
C LYS A 9 4.64 -4.05 8.87
N LEU A 10 5.41 -3.23 8.18
CA LEU A 10 5.02 -2.70 6.87
C LEU A 10 4.78 -3.84 5.89
N GLU A 11 5.78 -4.71 5.76
CA GLU A 11 5.69 -5.85 4.84
C GLU A 11 4.69 -6.89 5.36
N GLY A 12 4.70 -7.09 6.67
CA GLY A 12 3.79 -8.06 7.27
C GLY A 12 2.33 -7.70 7.05
N GLN A 13 1.98 -6.45 7.33
CA GLN A 13 0.62 -5.98 7.17
C GLN A 13 0.21 -5.99 5.69
N LEU A 14 1.13 -5.59 4.83
CA LEU A 14 0.88 -5.55 3.40
C LEU A 14 0.64 -6.95 2.85
N ALA A 15 1.49 -7.88 3.22
CA ALA A 15 1.37 -9.27 2.78
C ALA A 15 0.10 -9.91 3.30
N THR A 16 -0.25 -9.60 4.55
CA THR A 16 -1.44 -10.15 5.17
C THR A 16 -2.71 -9.55 4.55
N LEU A 17 -2.74 -8.22 4.48
CA LEU A 17 -3.89 -7.52 3.92
C LEU A 17 -4.04 -7.83 2.43
N ARG A 18 -2.91 -7.99 1.74
CA ARG A 18 -2.92 -8.29 0.32
C ARG A 18 -3.50 -9.67 0.06
N GLN A 19 -3.08 -10.65 0.85
CA GLN A 19 -3.56 -12.02 0.70
C GLN A 19 -5.02 -12.14 1.11
N ARG A 20 -5.41 -11.40 2.15
CA ARG A 20 -6.78 -11.42 2.64
C ARG A 20 -7.70 -10.64 1.70
N CYS A 21 -7.20 -9.52 1.19
CA CYS A 21 -7.98 -8.69 0.28
C CYS A 21 -7.63 -8.96 -1.18
N ALA A 22 -6.92 -10.07 -1.42
CA ALA A 22 -6.52 -10.43 -2.77
C ALA A 22 -7.74 -10.71 -3.65
N PRO A 23 -8.62 -11.63 -3.22
CA PRO A 23 -9.82 -11.99 -3.97
C PRO A 23 -10.98 -11.05 -3.69
N VAL A 24 -10.71 -9.75 -3.68
CA VAL A 24 -11.75 -8.75 -3.43
C VAL A 24 -11.85 -7.76 -4.59
N SER A 25 -11.38 -8.17 -5.76
CA SER A 25 -11.43 -7.30 -6.94
C SER A 25 -12.86 -7.14 -7.45
N GLN A 26 -13.67 -8.17 -7.25
CA GLN A 26 -15.06 -8.14 -7.68
C GLN A 26 -15.88 -7.19 -6.82
N PHE A 27 -15.49 -7.06 -5.56
CA PHE A 27 -16.19 -6.18 -4.62
C PHE A 27 -15.26 -5.10 -4.09
N ALA A 28 -14.24 -4.77 -4.87
CA ALA A 28 -13.28 -3.74 -4.48
C ALA A 28 -13.80 -2.34 -4.80
N THR A 29 -13.86 -1.49 -3.78
CA THR A 29 -14.33 -0.12 -3.96
C THR A 29 -13.65 0.84 -2.99
N LEU A 30 -13.15 1.95 -3.51
CA LEU A 30 -12.47 2.94 -2.69
C LEU A 30 -13.33 4.19 -2.52
N SER A 31 -13.18 4.86 -1.39
CA SER A 31 -13.95 6.07 -1.11
C SER A 31 -13.68 7.14 -2.16
N ALA A 32 -14.57 8.13 -2.24
CA ALA A 32 -14.43 9.21 -3.21
C ALA A 32 -13.52 10.31 -2.68
N ARG A 33 -12.96 10.12 -1.50
CA ARG A 33 -12.06 11.10 -0.89
C ARG A 33 -10.60 10.71 -1.11
N PHE A 34 -10.35 9.88 -2.10
CA PHE A 34 -9.01 9.43 -2.41
C PHE A 34 -8.10 10.62 -2.76
N ASP A 35 -6.83 10.52 -2.38
CA ASP A 35 -5.87 11.58 -2.65
C ASP A 35 -4.77 11.09 -3.58
N ARG A 36 -4.53 11.85 -4.65
CA ARG A 36 -3.50 11.48 -5.62
C ARG A 36 -2.11 11.47 -4.98
N HIS A 37 -1.97 12.16 -3.86
CA HIS A 37 -0.70 12.23 -3.15
C HIS A 37 -0.43 10.94 -2.38
N LEU A 38 -1.50 10.35 -1.83
CA LEU A 38 -1.37 9.11 -1.07
C LEU A 38 -1.57 7.89 -1.95
N PHE A 39 -2.37 8.04 -3.00
CA PHE A 39 -2.64 6.95 -3.93
C PHE A 39 -2.15 7.30 -5.34
N GLN A 40 -2.06 6.28 -6.19
CA GLN A 40 -1.59 6.47 -7.56
C GLN A 40 -2.78 6.66 -8.50
N THR A 41 -2.48 6.96 -9.76
CA THR A 41 -3.51 7.16 -10.78
C THR A 41 -4.28 5.87 -11.03
N ARG A 42 -3.63 4.73 -10.82
CA ARG A 42 -4.25 3.44 -11.03
C ARG A 42 -4.97 2.95 -9.78
N ALA A 43 -5.09 3.82 -8.77
CA ALA A 43 -5.75 3.46 -7.52
C ALA A 43 -7.21 3.90 -7.54
N THR A 44 -8.08 3.03 -8.04
CA THR A 44 -9.50 3.32 -8.11
C THR A 44 -10.29 2.47 -7.13
N THR A 45 -9.80 1.26 -6.88
CA THR A 45 -10.45 0.34 -5.97
C THR A 45 -9.43 -0.36 -5.07
N LEU A 46 -9.91 -1.24 -4.18
CA LEU A 46 -9.04 -1.97 -3.28
C LEU A 46 -8.02 -2.80 -4.04
N GLN A 47 -8.50 -3.62 -4.96
CA GLN A 47 -7.62 -4.47 -5.77
C GLN A 47 -6.64 -3.63 -6.58
N ALA A 48 -7.07 -2.41 -6.95
CA ALA A 48 -6.22 -1.52 -7.72
C ALA A 48 -5.07 -0.98 -6.87
N CYS A 49 -5.42 -0.40 -5.72
CA CYS A 49 -4.41 0.15 -4.82
C CYS A 49 -3.51 -0.96 -4.27
N LEU A 50 -4.10 -2.12 -4.02
CA LEU A 50 -3.36 -3.26 -3.49
C LEU A 50 -2.32 -3.73 -4.50
N ASP A 51 -2.74 -3.87 -5.75
CA ASP A 51 -1.84 -4.31 -6.81
C ASP A 51 -0.76 -3.26 -7.08
N GLU A 52 -1.17 -1.99 -7.06
CA GLU A 52 -0.24 -0.89 -7.30
C GLU A 52 0.84 -0.85 -6.22
N ALA A 53 0.43 -1.04 -4.98
CA ALA A 53 1.36 -1.03 -3.86
C ALA A 53 2.38 -2.15 -3.99
N GLY A 54 1.90 -3.33 -4.35
CA GLY A 54 2.79 -4.47 -4.51
C GLY A 54 3.80 -4.27 -5.62
N ASP A 55 3.34 -3.68 -6.72
CA ASP A 55 4.21 -3.42 -7.87
C ASP A 55 5.31 -2.43 -7.51
N ASN A 56 4.94 -1.40 -6.75
CA ASN A 56 5.89 -0.38 -6.33
C ASN A 56 6.93 -0.97 -5.37
N LEU A 57 6.49 -1.92 -4.56
CA LEU A 57 7.38 -2.56 -3.60
C LEU A 57 8.48 -3.34 -4.32
N ALA A 58 8.09 -4.17 -5.28
CA ALA A 58 9.04 -4.96 -6.04
C ALA A 58 10.03 -4.06 -6.78
N ALA A 59 9.51 -2.96 -7.33
CA ALA A 59 10.34 -2.03 -8.07
C ALA A 59 11.38 -1.38 -7.16
N LEU A 60 11.01 -1.16 -5.90
CA LEU A 60 11.91 -0.56 -4.93
C LEU A 60 13.05 -1.50 -4.58
N ARG A 61 12.72 -2.79 -4.45
CA ARG A 61 13.72 -3.80 -4.12
C ARG A 61 14.78 -3.90 -5.21
N HIS A 62 14.34 -3.97 -6.46
CA HIS A 62 15.24 -4.05 -7.60
C HIS A 62 15.85 -2.70 -7.91
N ALA A 63 15.14 -1.63 -7.56
CA ALA A 63 15.62 -0.27 -7.80
C ALA A 63 17.00 -0.05 -7.19
N VAL A 64 17.31 -0.80 -6.14
CA VAL A 64 18.60 -0.68 -5.46
C VAL A 64 19.75 -0.83 -6.46
N GLU A 65 19.54 -1.60 -7.51
CA GLU A 65 20.55 -1.82 -8.53
C GLU A 65 20.71 -0.58 -9.42
N GLN A 66 19.62 0.17 -9.58
CA GLN A 66 19.64 1.37 -10.40
C GLN A 66 20.33 2.53 -9.68
N GLN A 67 20.68 2.33 -8.42
CA GLN A 67 21.35 3.35 -7.63
C GLN A 67 20.47 4.59 -7.49
N GLN A 68 19.17 4.35 -7.32
CA GLN A 68 18.20 5.43 -7.18
C GLN A 68 17.83 5.63 -5.72
N LEU A 69 18.80 5.47 -4.83
CA LEU A 69 18.59 5.63 -3.39
C LEU A 69 17.75 6.87 -3.09
N PRO A 70 18.14 8.04 -3.64
CA PRO A 70 17.41 9.29 -3.41
C PRO A 70 15.91 9.15 -3.72
N GLN A 71 15.60 8.34 -4.73
CA GLN A 71 14.22 8.12 -5.13
C GLN A 71 13.52 7.15 -4.18
N VAL A 72 14.30 6.27 -3.55
CA VAL A 72 13.76 5.29 -2.62
C VAL A 72 12.96 5.98 -1.51
N ALA A 73 13.38 7.18 -1.15
CA ALA A 73 12.70 7.93 -0.10
C ALA A 73 11.26 8.24 -0.50
N TRP A 74 11.08 8.60 -1.78
CA TRP A 74 9.75 8.92 -2.30
C TRP A 74 8.86 7.68 -2.34
N LEU A 75 9.42 6.58 -2.84
CA LEU A 75 8.69 5.32 -2.93
C LEU A 75 8.27 4.84 -1.56
N ALA A 76 9.18 4.97 -0.59
CA ALA A 76 8.90 4.55 0.78
C ALA A 76 7.73 5.33 1.36
N GLU A 77 7.73 6.64 1.14
CA GLU A 77 6.66 7.50 1.64
C GLU A 77 5.32 7.09 1.05
N HIS A 78 5.31 6.78 -0.24
CA HIS A 78 4.09 6.37 -0.92
C HIS A 78 3.62 5.02 -0.41
N LEU A 79 4.56 4.10 -0.20
CA LEU A 79 4.24 2.77 0.30
C LEU A 79 3.69 2.84 1.73
N ALA A 80 4.35 3.63 2.56
CA ALA A 80 3.94 3.80 3.95
C ALA A 80 2.55 4.42 4.04
N ALA A 81 2.29 5.40 3.19
CA ALA A 81 1.00 6.07 3.17
C ALA A 81 -0.10 5.12 2.71
N GLN A 82 0.24 4.25 1.75
CA GLN A 82 -0.72 3.28 1.23
C GLN A 82 -1.18 2.32 2.32
N LEU A 83 -0.22 1.77 3.05
CA LEU A 83 -0.52 0.84 4.14
C LEU A 83 -1.37 1.51 5.20
N GLU A 84 -1.02 2.74 5.55
CA GLU A 84 -1.75 3.49 6.56
C GLU A 84 -3.14 3.86 6.05
N ALA A 85 -3.22 4.19 4.77
CA ALA A 85 -4.49 4.58 4.15
C ALA A 85 -5.49 3.42 4.21
N ILE A 86 -5.01 2.22 3.90
CA ILE A 86 -5.86 1.03 3.91
C ILE A 86 -6.34 0.73 5.33
N ALA A 87 -5.43 0.83 6.29
CA ALA A 87 -5.76 0.57 7.69
C ALA A 87 -6.74 1.61 8.22
N ARG A 88 -6.53 2.87 7.83
CA ARG A 88 -7.41 3.95 8.27
C ARG A 88 -8.79 3.83 7.63
N GLU A 89 -8.81 3.45 6.36
CA GLU A 89 -10.07 3.30 5.63
C GLU A 89 -10.88 2.13 6.18
N ALA A 90 -10.22 0.99 6.36
CA ALA A 90 -10.88 -0.20 6.88
C ALA A 90 -11.48 0.07 8.26
N SER A 91 -10.74 0.79 9.09
CA SER A 91 -11.21 1.11 10.43
C SER A 91 -12.24 2.23 10.40
N ALA A 92 -12.12 3.11 9.40
CA ALA A 92 -13.04 4.22 9.25
C ALA A 92 -14.47 3.72 9.00
N TRP A 93 -14.60 2.70 8.16
CA TRP A 93 -15.90 2.14 7.84
C TRP A 93 -16.59 1.62 9.09
N SER A 94 -15.80 1.12 10.03
CA SER A 94 -16.34 0.60 11.28
C SER A 94 -17.28 -0.59 11.02
N LEU A 95 -16.80 -1.79 11.30
CA LEU A 95 -17.59 -3.00 11.10
C LEU A 95 -17.91 -3.18 9.61
N ARG A 96 -16.85 -3.27 8.80
CA ARG A 96 -17.01 -3.44 7.36
C ARG A 96 -15.73 -4.00 6.74
N GLU A 97 -15.24 -5.09 7.30
CA GLU A 97 -14.03 -5.73 6.81
C GLU A 97 -14.18 -6.18 5.36
N TRP A 98 -15.43 -6.31 4.91
CA TRP A 98 -15.71 -6.74 3.54
C TRP A 98 -15.31 -8.20 3.34
N MET A 1 14.80 0.22 17.68
CA MET A 1 16.14 -0.41 17.50
C MET A 1 16.19 -1.25 16.23
N LYS A 2 17.22 -1.02 15.42
CA LYS A 2 17.39 -1.75 14.17
C LYS A 2 16.22 -1.48 13.22
N THR A 3 16.54 -0.90 12.07
CA THR A 3 15.52 -0.58 11.07
C THR A 3 14.79 -1.84 10.61
N ALA A 4 15.46 -2.98 10.71
CA ALA A 4 14.87 -4.26 10.31
C ALA A 4 13.55 -4.51 11.03
N LEU A 5 13.46 -4.01 12.26
CA LEU A 5 12.25 -4.19 13.07
C LEU A 5 11.05 -3.52 12.40
N LEU A 6 11.27 -2.33 11.85
CA LEU A 6 10.21 -1.59 11.19
C LEU A 6 9.95 -2.14 9.79
N LEU A 7 11.01 -2.66 9.16
CA LEU A 7 10.89 -3.22 7.81
C LEU A 7 9.97 -4.43 7.81
N GLU A 8 10.24 -5.39 8.70
CA GLU A 8 9.44 -6.60 8.79
C GLU A 8 7.98 -6.26 9.13
N LYS A 9 7.79 -5.18 9.87
CA LYS A 9 6.45 -4.75 10.26
C LYS A 9 5.66 -4.27 9.05
N LEU A 10 6.27 -3.39 8.25
CA LEU A 10 5.62 -2.85 7.07
C LEU A 10 5.27 -3.97 6.09
N GLU A 11 6.24 -4.81 5.77
CA GLU A 11 6.03 -5.92 4.85
C GLU A 11 5.05 -6.93 5.43
N GLY A 12 5.15 -7.16 6.74
CA GLY A 12 4.26 -8.11 7.39
C GLY A 12 2.81 -7.68 7.32
N GLN A 13 2.55 -6.40 7.54
CA GLN A 13 1.19 -5.87 7.50
C GLN A 13 0.65 -5.88 6.08
N LEU A 14 1.43 -5.34 5.15
CA LEU A 14 1.03 -5.28 3.75
C LEU A 14 0.80 -6.68 3.18
N ALA A 15 1.62 -7.64 3.64
CA ALA A 15 1.51 -9.02 3.18
C ALA A 15 0.21 -9.65 3.66
N THR A 16 -0.13 -9.43 4.92
CA THR A 16 -1.36 -9.99 5.49
C THR A 16 -2.59 -9.25 4.96
N LEU A 17 -2.44 -7.95 4.75
CA LEU A 17 -3.55 -7.14 4.25
C LEU A 17 -3.85 -7.46 2.79
N ARG A 18 -2.79 -7.74 2.02
CA ARG A 18 -2.94 -8.07 0.61
C ARG A 18 -3.45 -9.50 0.43
N GLN A 19 -3.08 -10.37 1.36
CA GLN A 19 -3.50 -11.77 1.31
C GLN A 19 -4.98 -11.91 1.67
N ARG A 20 -5.39 -11.22 2.73
CA ARG A 20 -6.78 -11.28 3.18
C ARG A 20 -7.69 -10.47 2.25
N CYS A 21 -7.16 -9.37 1.73
CA CYS A 21 -7.91 -8.51 0.83
C CYS A 21 -7.68 -8.89 -0.63
N ALA A 22 -7.08 -10.07 -0.85
CA ALA A 22 -6.80 -10.54 -2.20
C ALA A 22 -8.09 -10.70 -3.00
N PRO A 23 -9.04 -11.51 -2.51
CA PRO A 23 -10.31 -11.75 -3.19
C PRO A 23 -11.35 -10.67 -2.91
N VAL A 24 -10.93 -9.41 -3.03
CA VAL A 24 -11.84 -8.29 -2.79
C VAL A 24 -11.94 -7.37 -4.00
N SER A 25 -11.39 -7.83 -5.14
CA SER A 25 -11.42 -7.04 -6.36
C SER A 25 -12.86 -6.77 -6.81
N GLN A 26 -13.68 -7.81 -6.78
CA GLN A 26 -15.09 -7.69 -7.18
C GLN A 26 -15.81 -6.64 -6.33
N PHE A 27 -15.55 -6.67 -5.03
CA PHE A 27 -16.17 -5.73 -4.10
C PHE A 27 -15.21 -4.59 -3.75
N ALA A 28 -14.28 -4.31 -4.67
CA ALA A 28 -13.31 -3.25 -4.45
C ALA A 28 -13.82 -1.92 -4.99
N THR A 29 -13.85 -0.91 -4.12
CA THR A 29 -14.32 0.42 -4.50
C THR A 29 -13.61 1.51 -3.70
N LEU A 30 -13.20 2.56 -4.39
CA LEU A 30 -12.50 3.67 -3.74
C LEU A 30 -13.39 4.91 -3.70
N SER A 31 -13.20 5.72 -2.66
CA SER A 31 -13.98 6.94 -2.48
C SER A 31 -13.63 7.97 -3.56
N ALA A 32 -14.50 8.97 -3.71
CA ALA A 32 -14.28 10.02 -4.71
C ALA A 32 -13.33 11.10 -4.19
N ARG A 33 -12.96 11.00 -2.91
CA ARG A 33 -12.07 11.97 -2.30
C ARG A 33 -10.61 11.49 -2.34
N PHE A 34 -10.32 10.57 -3.25
CA PHE A 34 -8.98 10.03 -3.39
C PHE A 34 -7.99 11.13 -3.79
N ASP A 35 -6.72 10.92 -3.45
CA ASP A 35 -5.68 11.89 -3.76
C ASP A 35 -4.58 11.24 -4.61
N ARG A 36 -4.27 11.87 -5.74
CA ARG A 36 -3.24 11.37 -6.64
C ARG A 36 -1.86 11.45 -6.00
N HIS A 37 -1.71 12.35 -5.03
CA HIS A 37 -0.44 12.53 -4.34
C HIS A 37 -0.13 11.34 -3.43
N LEU A 38 -1.17 10.72 -2.91
CA LEU A 38 -1.01 9.57 -2.01
C LEU A 38 -1.30 8.26 -2.75
N PHE A 39 -2.16 8.34 -3.75
CA PHE A 39 -2.53 7.16 -4.54
C PHE A 39 -2.04 7.29 -5.98
N GLN A 40 -1.99 6.16 -6.67
CA GLN A 40 -1.54 6.15 -8.06
C GLN A 40 -2.71 6.42 -9.01
N THR A 41 -2.38 6.63 -10.29
CA THR A 41 -3.41 6.91 -11.29
C THR A 41 -4.28 5.68 -11.53
N ARG A 42 -3.69 4.50 -11.37
CA ARG A 42 -4.42 3.25 -11.56
C ARG A 42 -5.29 2.91 -10.35
N ALA A 43 -4.95 3.50 -9.20
CA ALA A 43 -5.70 3.25 -7.98
C ALA A 43 -7.16 3.68 -8.13
N THR A 44 -7.99 2.75 -8.60
CA THR A 44 -9.40 3.03 -8.79
C THR A 44 -10.26 2.26 -7.79
N THR A 45 -9.73 1.13 -7.31
CA THR A 45 -10.46 0.30 -6.35
C THR A 45 -9.52 -0.21 -5.27
N LEU A 46 -10.09 -0.87 -4.26
CA LEU A 46 -9.30 -1.40 -3.15
C LEU A 46 -8.20 -2.33 -3.65
N GLN A 47 -8.60 -3.34 -4.44
CA GLN A 47 -7.65 -4.29 -4.98
C GLN A 47 -6.63 -3.58 -5.87
N ALA A 48 -7.09 -2.56 -6.59
CA ALA A 48 -6.21 -1.80 -7.47
C ALA A 48 -5.08 -1.15 -6.68
N CYS A 49 -5.42 -0.57 -5.53
CA CYS A 49 -4.44 0.08 -4.68
C CYS A 49 -3.44 -0.93 -4.12
N LEU A 50 -3.94 -2.11 -3.78
CA LEU A 50 -3.10 -3.17 -3.24
C LEU A 50 -2.01 -3.56 -4.24
N ASP A 51 -2.42 -3.76 -5.49
CA ASP A 51 -1.49 -4.15 -6.54
C ASP A 51 -0.42 -3.06 -6.73
N GLU A 52 -0.86 -1.80 -6.75
CA GLU A 52 0.05 -0.68 -6.93
C GLU A 52 1.06 -0.62 -5.78
N ALA A 53 0.56 -0.86 -4.57
CA ALA A 53 1.41 -0.83 -3.38
C ALA A 53 2.48 -1.93 -3.45
N GLY A 54 2.06 -3.13 -3.85
CA GLY A 54 2.98 -4.23 -3.96
C GLY A 54 4.11 -3.95 -4.93
N ASP A 55 3.79 -3.32 -6.05
CA ASP A 55 4.78 -2.98 -7.06
C ASP A 55 5.73 -1.90 -6.55
N ASN A 56 5.19 -0.96 -5.79
CA ASN A 56 5.99 0.11 -5.23
C ASN A 56 7.03 -0.43 -4.24
N LEU A 57 6.66 -1.50 -3.54
CA LEU A 57 7.56 -2.11 -2.57
C LEU A 57 8.64 -2.92 -3.29
N ALA A 58 8.24 -3.67 -4.30
CA ALA A 58 9.18 -4.48 -5.07
C ALA A 58 10.12 -3.60 -5.89
N ALA A 59 9.62 -2.45 -6.31
CA ALA A 59 10.41 -1.51 -7.10
C ALA A 59 11.36 -0.71 -6.20
N LEU A 60 10.93 -0.47 -4.97
CA LEU A 60 11.74 0.28 -4.02
C LEU A 60 12.94 -0.55 -3.57
N ARG A 61 12.72 -1.85 -3.39
CA ARG A 61 13.79 -2.75 -2.96
C ARG A 61 14.75 -3.05 -4.12
N HIS A 62 14.18 -3.25 -5.30
CA HIS A 62 14.98 -3.54 -6.48
C HIS A 62 15.64 -2.28 -7.02
N ALA A 63 15.03 -1.13 -6.76
CA ALA A 63 15.55 0.15 -7.23
C ALA A 63 17.00 0.34 -6.77
N VAL A 64 17.35 -0.24 -5.63
CA VAL A 64 18.70 -0.12 -5.10
C VAL A 64 19.73 -0.61 -6.10
N GLU A 65 19.34 -1.56 -6.95
CA GLU A 65 20.24 -2.11 -7.95
C GLU A 65 20.55 -1.08 -9.03
N GLN A 66 19.61 -0.18 -9.29
CA GLN A 66 19.78 0.85 -10.29
C GLN A 66 20.19 2.18 -9.66
N GLN A 67 20.73 2.10 -8.44
CA GLN A 67 21.17 3.31 -7.73
C GLN A 67 20.02 4.30 -7.58
N GLN A 68 18.84 3.79 -7.30
CA GLN A 68 17.66 4.63 -7.14
C GLN A 68 17.40 4.91 -5.66
N LEU A 69 18.46 5.09 -4.89
CA LEU A 69 18.35 5.36 -3.47
C LEU A 69 17.47 6.59 -3.20
N PRO A 70 17.66 7.68 -3.97
CA PRO A 70 16.88 8.91 -3.80
C PRO A 70 15.38 8.67 -4.00
N GLN A 71 15.06 7.71 -4.88
CA GLN A 71 13.66 7.39 -5.16
C GLN A 71 13.03 6.65 -3.99
N VAL A 72 13.85 5.96 -3.20
CA VAL A 72 13.35 5.22 -2.05
C VAL A 72 12.61 6.14 -1.08
N ALA A 73 13.05 7.39 -1.02
CA ALA A 73 12.43 8.37 -0.14
C ALA A 73 10.98 8.63 -0.54
N TRP A 74 10.78 8.93 -1.81
CA TRP A 74 9.43 9.21 -2.33
C TRP A 74 8.58 7.94 -2.28
N LEU A 75 9.15 6.83 -2.73
CA LEU A 75 8.44 5.55 -2.74
C LEU A 75 8.08 5.12 -1.33
N ALA A 76 8.99 5.36 -0.39
CA ALA A 76 8.76 5.00 1.01
C ALA A 76 7.54 5.73 1.57
N GLU A 77 7.52 7.04 1.40
CA GLU A 77 6.41 7.86 1.89
C GLU A 77 5.10 7.45 1.21
N HIS A 78 5.18 7.12 -0.08
CA HIS A 78 4.02 6.71 -0.84
C HIS A 78 3.44 5.41 -0.29
N LEU A 79 4.31 4.44 -0.04
CA LEU A 79 3.89 3.14 0.48
C LEU A 79 3.22 3.31 1.84
N ALA A 80 3.88 4.04 2.74
CA ALA A 80 3.36 4.27 4.08
C ALA A 80 2.00 4.97 4.01
N ALA A 81 1.93 6.03 3.20
CA ALA A 81 0.69 6.79 3.05
C ALA A 81 -0.42 5.92 2.49
N GLN A 82 -0.08 5.10 1.50
CA GLN A 82 -1.06 4.21 0.87
C GLN A 82 -1.55 3.15 1.86
N LEU A 83 -0.60 2.48 2.51
CA LEU A 83 -0.94 1.44 3.49
C LEU A 83 -1.85 1.99 4.58
N GLU A 84 -1.58 3.21 5.01
CA GLU A 84 -2.38 3.86 6.05
C GLU A 84 -3.74 4.26 5.51
N ALA A 85 -3.79 4.60 4.22
CA ALA A 85 -5.03 5.00 3.59
C ALA A 85 -6.01 3.83 3.49
N ILE A 86 -5.51 2.69 3.07
CA ILE A 86 -6.34 1.49 2.94
C ILE A 86 -6.82 1.01 4.30
N ALA A 87 -5.91 0.96 5.26
CA ALA A 87 -6.25 0.51 6.62
C ALA A 87 -7.23 1.48 7.28
N ARG A 88 -7.06 2.77 6.99
CA ARG A 88 -7.93 3.78 7.57
C ARG A 88 -9.34 3.68 6.99
N GLU A 89 -9.45 3.69 5.66
CA GLU A 89 -10.74 3.59 5.00
C GLU A 89 -11.41 2.26 5.33
N ALA A 90 -10.68 1.17 5.14
CA ALA A 90 -11.21 -0.16 5.42
C ALA A 90 -11.67 -0.29 6.87
N SER A 91 -10.91 0.34 7.77
CA SER A 91 -11.23 0.30 9.18
C SER A 91 -12.48 1.12 9.48
N ALA A 92 -12.68 2.19 8.70
CA ALA A 92 -13.85 3.05 8.87
C ALA A 92 -15.13 2.29 8.58
N TRP A 93 -15.27 1.79 7.35
CA TRP A 93 -16.46 1.04 6.96
C TRP A 93 -16.62 -0.21 7.81
N SER A 94 -15.51 -0.70 8.36
CA SER A 94 -15.54 -1.91 9.19
C SER A 94 -16.51 -1.73 10.36
N LEU A 95 -17.74 -2.19 10.17
CA LEU A 95 -18.76 -2.09 11.20
C LEU A 95 -19.80 -3.19 11.04
N ARG A 96 -19.38 -4.33 10.50
CA ARG A 96 -20.28 -5.46 10.30
C ARG A 96 -19.52 -6.66 9.72
N GLU A 97 -18.29 -6.85 10.19
CA GLU A 97 -17.47 -7.96 9.71
C GLU A 97 -17.17 -7.81 8.23
N TRP A 98 -16.11 -7.07 7.90
CA TRP A 98 -15.71 -6.84 6.52
C TRP A 98 -14.29 -7.35 6.28
#